data_7VT0
#
_entry.id   7VT0
#
_entity_poly.entity_id   1
_entity_poly.type   'polypeptide(L)'
_entity_poly.pdbx_seq_one_letter_code
;PIKVYGQVSLNDSHNQMVVHWAGEKSNVIVALARDSLALARPKSSDVYVSYDYGKSFKKISDKLNFGLGNRSEAVIAQFY
HSPADNKRYIFADAYAQYLWITFDFCNTLQGFSIPFRAADLLLHSKASNLLLGFDRSHPNKQLWKSDDFGQTWIMIQEHV
KSFSWGIDPYDKPNTIYIERHEPSGYSTVFRSTDFFQSRENQEVILEEVRDFQLRDKYMFATKVVHLLGSEQQSSVQLWV
SFGRKPMRAAQFVTRHPINEYYIADASEDQVFVCVSHSNNRTNLYISEAEGLKFSLSLENVLYYSPGGAGSDTLVRYFAN
EPFADFHRVEGLQGVYIATLINGSMNEENMRSVITFDKGGTWEFLQAPAFTGYGEKINCELSQGCSLHLAQRLSQLLNLQ
LRRMPILSKESAPGLIIATGSVGKNLASKTNVYISSSAGARWREALPGPHYYTWGDHGGIITAIAQGMETNELKYSTNEG
ETWKTFIFSEKPVFVYGLLTEPGEKSTVFTIFGSNKENVHSWLILQVNATDALGVPCTENDYKLWSPSDERGNECLLGHK
TVFKRRTPHATCFNGEDFDRPVVVSNCSCTREDYECDFGFKMSEDLSLEVCVPDPEFSGKSYSPPVPCPVGSTYRRTRGY
RKISGDTCSGGDVEARLEGELVPC
;
_entity_poly.pdbx_strand_id   A,B
#
# COMPACT_ATOMS: atom_id res chain seq x y z
N PRO A 1 -7.08 -16.87 -2.04
CA PRO A 1 -7.52 -16.59 -3.41
C PRO A 1 -9.01 -16.24 -3.48
N ILE A 2 -9.75 -16.98 -4.31
CA ILE A 2 -11.18 -16.75 -4.50
C ILE A 2 -11.92 -18.04 -4.14
N LYS A 3 -13.23 -17.94 -3.89
CA LYS A 3 -14.00 -19.13 -3.49
C LYS A 3 -15.43 -18.97 -4.02
N VAL A 4 -15.86 -19.93 -4.83
CA VAL A 4 -17.24 -19.99 -5.30
C VAL A 4 -18.08 -20.74 -4.27
N TYR A 5 -19.24 -20.18 -3.91
CA TYR A 5 -20.10 -20.82 -2.92
C TYR A 5 -21.55 -20.89 -3.39
N GLY A 6 -21.75 -21.01 -4.69
CA GLY A 6 -23.10 -21.14 -5.22
C GLY A 6 -23.06 -21.54 -6.67
N GLN A 7 -23.90 -22.53 -6.99
CA GLN A 7 -24.02 -23.00 -8.36
C GLN A 7 -25.49 -23.28 -8.65
N VAL A 8 -26.35 -22.31 -8.33
CA VAL A 8 -27.79 -22.53 -8.45
C VAL A 8 -28.17 -22.73 -9.92
N SER A 9 -28.98 -23.74 -10.17
CA SER A 9 -29.52 -24.02 -11.48
C SER A 9 -31.01 -23.73 -11.51
N LEU A 10 -31.44 -23.04 -12.55
CA LEU A 10 -32.85 -22.66 -12.71
C LEU A 10 -33.36 -23.30 -14.00
N ASN A 11 -34.31 -24.22 -13.87
CA ASN A 11 -34.84 -24.94 -15.03
C ASN A 11 -35.88 -24.12 -15.75
N ASP A 12 -35.52 -22.90 -16.15
CA ASP A 12 -36.41 -22.04 -16.92
C ASP A 12 -35.90 -21.93 -18.36
N SER A 13 -36.63 -21.22 -19.21
CA SER A 13 -36.23 -21.03 -20.59
C SER A 13 -36.46 -19.58 -21.01
N HIS A 14 -36.81 -18.75 -20.03
CA HIS A 14 -37.12 -17.35 -20.31
C HIS A 14 -35.86 -16.60 -20.72
N ASN A 15 -36.05 -15.49 -21.42
CA ASN A 15 -34.94 -14.79 -22.06
C ASN A 15 -34.53 -13.53 -21.30
N GLN A 16 -35.20 -13.23 -20.19
CA GLN A 16 -34.82 -12.07 -19.39
C GLN A 16 -35.02 -12.33 -17.90
N MET A 17 -34.16 -11.74 -17.08
CA MET A 17 -34.25 -11.85 -15.64
C MET A 17 -33.99 -10.48 -15.02
N VAL A 18 -34.93 -10.03 -14.19
CA VAL A 18 -34.83 -8.74 -13.51
C VAL A 18 -34.64 -9.00 -12.03
N VAL A 19 -33.40 -8.90 -11.57
CA VAL A 19 -33.03 -9.24 -10.20
C VAL A 19 -33.15 -8.02 -9.33
N HIS A 20 -33.62 -8.22 -8.09
CA HIS A 20 -33.71 -7.15 -7.12
C HIS A 20 -32.99 -7.56 -5.85
N TRP A 21 -32.08 -6.71 -5.38
CA TRP A 21 -31.34 -6.93 -4.14
C TRP A 21 -32.01 -6.12 -3.04
N ALA A 22 -32.47 -6.80 -2.00
CA ALA A 22 -33.33 -6.20 -0.98
C ALA A 22 -32.51 -5.81 0.23
N GLY A 23 -32.70 -4.59 0.71
CA GLY A 23 -32.23 -4.18 2.02
C GLY A 23 -30.71 -4.10 2.10
N GLU A 24 -30.24 -3.83 3.31
CA GLU A 24 -28.80 -3.74 3.59
C GLU A 24 -28.32 -4.88 4.49
N LYS A 25 -28.95 -5.05 5.65
CA LYS A 25 -28.63 -6.13 6.56
C LYS A 25 -29.41 -7.41 6.24
N SER A 26 -30.32 -7.36 5.28
CA SER A 26 -31.08 -8.54 4.87
C SER A 26 -30.42 -9.17 3.65
N ASN A 27 -30.49 -10.50 3.61
CA ASN A 27 -29.87 -11.28 2.54
C ASN A 27 -30.89 -11.78 1.53
N VAL A 28 -31.89 -10.97 1.24
CA VAL A 28 -33.00 -11.36 0.37
C VAL A 28 -32.71 -10.90 -1.05
N ILE A 29 -32.91 -11.80 -2.01
CA ILE A 29 -32.79 -11.49 -3.43
C ILE A 29 -34.03 -12.02 -4.12
N VAL A 30 -34.65 -11.19 -4.95
CA VAL A 30 -35.90 -11.57 -5.60
C VAL A 30 -35.76 -11.48 -7.12
N ALA A 31 -35.81 -12.62 -7.80
CA ALA A 31 -35.72 -12.65 -9.25
C ALA A 31 -37.10 -12.75 -9.88
N LEU A 32 -37.25 -12.22 -11.09
CA LEU A 32 -38.53 -12.28 -11.81
C LEU A 32 -38.30 -12.66 -13.27
N ALA A 33 -37.60 -13.77 -13.51
CA ALA A 33 -37.35 -14.22 -14.88
C ALA A 33 -38.62 -14.19 -15.71
N ARG A 34 -38.65 -13.32 -16.72
CA ARG A 34 -39.85 -13.11 -17.52
C ARG A 34 -39.56 -13.34 -18.99
N ASP A 35 -40.53 -13.07 -19.85
CA ASP A 35 -40.41 -13.43 -21.26
C ASP A 35 -40.34 -12.16 -22.10
N SER A 36 -39.60 -12.25 -23.21
CA SER A 36 -39.60 -11.23 -24.26
C SER A 36 -39.21 -9.83 -23.77
N LEU A 37 -40.22 -9.02 -23.44
CA LEU A 37 -40.13 -7.58 -23.25
C LEU A 37 -40.05 -6.88 -24.60
N ALA A 38 -40.69 -5.71 -24.72
CA ALA A 38 -40.87 -4.99 -25.97
C ALA A 38 -41.82 -5.77 -26.88
N LEU A 39 -42.71 -6.55 -26.28
CA LEU A 39 -43.77 -7.26 -27.00
C LEU A 39 -45.17 -6.99 -26.47
N ALA A 40 -45.32 -6.58 -25.20
CA ALA A 40 -46.59 -6.21 -24.59
C ALA A 40 -47.56 -7.38 -24.49
N ARG A 41 -47.11 -8.59 -24.84
CA ARG A 41 -47.90 -9.81 -24.68
C ARG A 41 -47.04 -10.90 -24.03
N PRO A 42 -46.86 -10.83 -22.71
CA PRO A 42 -46.15 -11.92 -22.02
C PRO A 42 -46.92 -13.24 -22.13
N LYS A 43 -46.20 -14.36 -22.09
CA LYS A 43 -46.82 -15.67 -22.10
C LYS A 43 -46.66 -16.44 -20.80
N SER A 44 -45.51 -16.35 -20.14
CA SER A 44 -45.29 -17.01 -18.86
C SER A 44 -44.30 -16.20 -18.06
N SER A 45 -44.34 -16.40 -16.74
CA SER A 45 -43.42 -15.71 -15.84
C SER A 45 -43.23 -16.57 -14.61
N ASP A 46 -42.10 -16.36 -13.94
CA ASP A 46 -41.76 -17.11 -12.74
C ASP A 46 -41.19 -16.12 -11.72
N VAL A 47 -41.22 -16.52 -10.45
CA VAL A 47 -40.66 -15.70 -9.38
C VAL A 47 -39.71 -16.57 -8.57
N TYR A 48 -38.73 -15.94 -7.92
CA TYR A 48 -37.79 -16.66 -7.07
C TYR A 48 -37.49 -15.83 -5.84
N VAL A 49 -36.81 -16.42 -4.86
CA VAL A 49 -36.44 -15.69 -3.65
C VAL A 49 -35.33 -16.47 -2.95
N SER A 50 -34.49 -15.76 -2.20
CA SER A 50 -33.37 -16.39 -1.51
C SER A 50 -33.03 -15.57 -0.29
N TYR A 51 -33.19 -16.15 0.89
CA TYR A 51 -32.95 -15.47 2.15
C TYR A 51 -31.54 -15.69 2.68
N ASP A 52 -30.66 -16.31 1.90
CA ASP A 52 -29.29 -16.58 2.30
C ASP A 52 -28.29 -15.94 1.33
N TYR A 53 -28.65 -14.80 0.75
CA TYR A 53 -27.83 -13.99 -0.15
C TYR A 53 -27.55 -14.67 -1.49
N GLY A 54 -28.06 -15.87 -1.72
CA GLY A 54 -27.89 -16.50 -3.03
C GLY A 54 -27.27 -17.87 -3.01
N LYS A 55 -27.25 -18.53 -1.84
CA LYS A 55 -26.79 -19.91 -1.78
C LYS A 55 -27.71 -20.82 -2.59
N SER A 56 -29.02 -20.64 -2.44
CA SER A 56 -30.00 -21.42 -3.18
C SER A 56 -31.24 -20.56 -3.43
N PHE A 57 -31.96 -20.88 -4.50
CA PHE A 57 -33.15 -20.14 -4.89
C PHE A 57 -34.35 -21.07 -4.87
N LYS A 58 -35.41 -20.66 -4.19
CA LYS A 58 -36.64 -21.43 -4.15
C LYS A 58 -37.71 -20.78 -5.01
N LYS A 59 -38.29 -21.55 -5.90
CA LYS A 59 -39.38 -21.06 -6.73
C LYS A 59 -40.62 -20.81 -5.88
N ILE A 60 -41.25 -19.66 -6.09
CA ILE A 60 -42.31 -19.21 -5.18
C ILE A 60 -43.55 -18.83 -5.98
N SER A 61 -43.56 -19.16 -7.27
CA SER A 61 -44.71 -18.81 -8.10
C SER A 61 -45.95 -19.61 -7.74
N ASP A 62 -45.80 -20.72 -7.01
CA ASP A 62 -46.96 -21.53 -6.66
C ASP A 62 -47.88 -20.79 -5.69
N LYS A 63 -47.31 -19.95 -4.83
CA LYS A 63 -48.10 -19.18 -3.87
C LYS A 63 -48.83 -18.01 -4.51
N LEU A 64 -48.54 -17.70 -5.78
CA LEU A 64 -49.23 -16.65 -6.52
C LEU A 64 -50.37 -17.33 -7.29
N ASN A 65 -51.53 -17.44 -6.65
CA ASN A 65 -52.68 -18.10 -7.23
C ASN A 65 -53.90 -17.21 -7.09
N PHE A 66 -54.87 -17.42 -7.98
CA PHE A 66 -56.10 -16.64 -7.99
C PHE A 66 -57.10 -17.11 -6.95
N GLY A 67 -56.68 -17.93 -5.98
CA GLY A 67 -57.58 -18.44 -4.98
C GLY A 67 -58.25 -19.72 -5.39
N LEU A 68 -59.06 -20.24 -4.46
CA LEU A 68 -59.79 -21.48 -4.70
C LEU A 68 -60.86 -21.27 -5.76
N GLY A 69 -61.12 -22.31 -6.54
CA GLY A 69 -62.12 -22.26 -7.59
C GLY A 69 -61.66 -21.69 -8.91
N ASN A 70 -60.39 -21.32 -9.03
CA ASN A 70 -59.84 -20.81 -10.29
C ASN A 70 -58.51 -21.48 -10.55
N ARG A 71 -58.42 -22.21 -11.66
CA ARG A 71 -57.21 -22.92 -12.05
C ARG A 71 -56.33 -22.09 -13.00
N SER A 72 -56.69 -20.84 -13.27
CA SER A 72 -55.91 -20.03 -14.18
C SER A 72 -54.52 -19.78 -13.61
N GLU A 73 -53.52 -19.80 -14.50
CA GLU A 73 -52.13 -19.61 -14.12
C GLU A 73 -51.75 -18.15 -14.34
N ALA A 74 -51.38 -17.47 -13.25
CA ALA A 74 -51.06 -16.05 -13.32
C ALA A 74 -49.70 -15.83 -13.97
N VAL A 75 -49.59 -14.74 -14.73
CA VAL A 75 -48.34 -14.31 -15.34
C VAL A 75 -48.02 -12.93 -14.79
N ILE A 76 -46.83 -12.78 -14.24
CA ILE A 76 -46.43 -11.54 -13.59
C ILE A 76 -45.61 -10.70 -14.56
N ALA A 77 -46.03 -9.45 -14.77
CA ALA A 77 -45.34 -8.55 -15.68
C ALA A 77 -44.25 -7.73 -15.03
N GLN A 78 -44.45 -7.30 -13.78
CA GLN A 78 -43.49 -6.48 -13.08
C GLN A 78 -43.72 -6.67 -11.58
N PHE A 79 -42.73 -6.29 -10.79
CA PHE A 79 -42.90 -6.21 -9.35
C PHE A 79 -42.26 -4.93 -8.84
N TYR A 80 -42.85 -4.37 -7.80
CA TYR A 80 -42.46 -3.08 -7.26
C TYR A 80 -42.01 -3.24 -5.83
N HIS A 81 -41.04 -2.40 -5.45
CA HIS A 81 -40.42 -2.44 -4.13
C HIS A 81 -40.47 -1.03 -3.55
N SER A 82 -41.19 -0.86 -2.45
CA SER A 82 -41.40 0.46 -1.85
C SER A 82 -40.10 1.06 -1.35
N PRO A 83 -39.74 2.27 -1.79
CA PRO A 83 -38.48 2.87 -1.32
C PRO A 83 -38.62 3.59 0.01
N ALA A 84 -39.38 3.00 0.94
CA ALA A 84 -39.41 3.48 2.31
C ALA A 84 -39.50 2.31 3.26
N ASP A 85 -39.53 1.09 2.72
CA ASP A 85 -39.62 -0.12 3.51
C ASP A 85 -39.21 -1.27 2.60
N ASN A 86 -38.12 -1.95 2.94
CA ASN A 86 -37.60 -3.02 2.10
C ASN A 86 -38.34 -4.34 2.30
N LYS A 87 -39.27 -4.41 3.26
CA LYS A 87 -40.01 -5.63 3.54
C LYS A 87 -41.30 -5.76 2.76
N ARG A 88 -41.71 -4.72 2.03
CA ARG A 88 -43.00 -4.70 1.35
C ARG A 88 -42.77 -4.74 -0.16
N TYR A 89 -43.52 -5.61 -0.83
CA TYR A 89 -43.40 -5.81 -2.27
C TYR A 89 -44.79 -5.80 -2.87
N ILE A 90 -44.85 -5.61 -4.19
CA ILE A 90 -46.13 -5.71 -4.91
C ILE A 90 -45.89 -6.43 -6.23
N PHE A 91 -46.74 -7.38 -6.56
CA PHE A 91 -46.72 -8.02 -7.86
C PHE A 91 -47.92 -7.53 -8.67
N ALA A 92 -48.05 -8.02 -9.90
CA ALA A 92 -49.16 -7.59 -10.74
C ALA A 92 -49.46 -8.61 -11.84
N ASP A 93 -50.53 -8.39 -12.58
CA ASP A 93 -50.91 -9.29 -13.67
C ASP A 93 -51.17 -8.46 -14.91
N ALA A 94 -50.86 -9.06 -16.07
CA ALA A 94 -50.94 -8.37 -17.36
C ALA A 94 -52.19 -8.76 -18.15
N TYR A 95 -53.06 -9.58 -17.56
CA TYR A 95 -54.25 -10.02 -18.28
C TYR A 95 -55.52 -9.82 -17.47
N ALA A 96 -55.41 -9.84 -16.14
CA ALA A 96 -56.55 -9.72 -15.25
C ALA A 96 -56.26 -8.70 -14.16
N GLN A 97 -57.30 -8.02 -13.69
CA GLN A 97 -57.16 -7.03 -12.65
C GLN A 97 -56.89 -7.71 -11.31
N TYR A 98 -55.63 -7.76 -10.88
CA TYR A 98 -55.29 -8.50 -9.68
C TYR A 98 -53.89 -8.12 -9.23
N LEU A 99 -53.71 -7.96 -7.93
CA LEU A 99 -52.42 -7.62 -7.34
C LEU A 99 -52.08 -8.60 -6.23
N TRP A 100 -50.78 -8.77 -6.00
CA TRP A 100 -50.27 -9.57 -4.89
C TRP A 100 -49.38 -8.69 -4.04
N ILE A 101 -49.57 -8.76 -2.73
CA ILE A 101 -48.78 -7.96 -1.81
C ILE A 101 -48.11 -8.86 -0.79
N THR A 102 -47.26 -8.27 0.05
CA THR A 102 -46.59 -8.98 1.13
C THR A 102 -46.05 -7.93 2.10
N PHE A 103 -45.62 -8.39 3.26
CA PHE A 103 -45.10 -7.49 4.27
C PHE A 103 -43.83 -7.98 4.95
N ASP A 104 -43.32 -9.16 4.59
CA ASP A 104 -42.07 -9.65 5.19
C ASP A 104 -41.34 -10.49 4.14
N PHE A 105 -40.49 -9.83 3.36
CA PHE A 105 -39.60 -10.44 2.38
C PHE A 105 -40.25 -11.58 1.59
N CYS A 106 -41.43 -11.34 1.04
CA CYS A 106 -42.09 -12.28 0.12
C CYS A 106 -42.45 -13.60 0.81
N ASN A 107 -42.43 -13.63 2.14
CA ASN A 107 -42.77 -14.86 2.85
C ASN A 107 -44.26 -15.16 2.82
N THR A 108 -45.12 -14.15 3.02
CA THR A 108 -46.56 -14.33 3.08
C THR A 108 -47.21 -13.44 2.02
N LEU A 109 -47.85 -14.05 1.04
CA LEU A 109 -48.45 -13.34 -0.08
C LEU A 109 -49.97 -13.38 0.01
N GLN A 110 -50.59 -12.21 -0.08
CA GLN A 110 -52.04 -12.10 -0.06
C GLN A 110 -52.58 -12.11 -1.49
N GLY A 111 -53.89 -11.89 -1.64
CA GLY A 111 -54.53 -12.00 -2.94
C GLY A 111 -55.52 -10.88 -3.24
N PHE A 112 -55.21 -9.66 -2.78
CA PHE A 112 -56.13 -8.55 -2.91
C PHE A 112 -56.43 -8.26 -4.38
N SER A 113 -57.68 -7.91 -4.66
CA SER A 113 -58.13 -7.61 -6.01
C SER A 113 -58.36 -6.10 -6.16
N ILE A 114 -58.22 -5.61 -7.39
CA ILE A 114 -58.27 -4.18 -7.65
C ILE A 114 -59.12 -3.89 -8.88
N PRO A 115 -59.64 -2.69 -9.02
CA PRO A 115 -60.13 -2.23 -10.33
C PRO A 115 -58.96 -1.96 -11.27
N PHE A 116 -59.29 -1.66 -12.53
CA PHE A 116 -58.36 -1.25 -13.57
C PHE A 116 -57.27 -2.27 -13.83
N ARG A 117 -56.48 -2.06 -14.89
CA ARG A 117 -55.32 -2.90 -15.15
C ARG A 117 -54.06 -2.26 -14.60
N ALA A 118 -53.28 -3.03 -13.86
CA ALA A 118 -52.09 -2.53 -13.17
C ALA A 118 -50.99 -2.31 -14.20
N ALA A 119 -51.07 -1.21 -14.92
CA ALA A 119 -50.07 -0.86 -15.91
C ALA A 119 -48.87 -0.21 -15.25
N ASP A 120 -49.08 0.95 -14.61
CA ASP A 120 -48.03 1.70 -13.96
C ASP A 120 -48.43 2.03 -12.53
N LEU A 121 -47.48 1.92 -11.62
CA LEU A 121 -47.66 2.31 -10.23
C LEU A 121 -46.52 3.24 -9.83
N LEU A 122 -46.83 4.19 -8.94
CA LEU A 122 -45.84 5.12 -8.40
C LEU A 122 -45.91 5.05 -6.89
N LEU A 123 -45.15 4.12 -6.31
CA LEU A 123 -45.09 4.01 -4.87
C LEU A 123 -44.42 5.26 -4.28
N HIS A 124 -44.89 5.65 -3.10
CA HIS A 124 -44.35 6.84 -2.45
C HIS A 124 -42.91 6.62 -2.01
N SER A 125 -42.24 7.68 -1.55
CA SER A 125 -40.83 7.52 -1.17
C SER A 125 -40.59 7.79 0.31
N LYS A 126 -41.60 8.16 1.09
CA LYS A 126 -41.41 8.39 2.52
C LYS A 126 -42.56 7.82 3.33
N ALA A 127 -43.56 7.26 2.64
CA ALA A 127 -44.76 6.70 3.27
C ALA A 127 -45.16 5.45 2.49
N SER A 128 -44.99 4.29 3.10
CA SER A 128 -45.26 3.01 2.45
C SER A 128 -46.71 2.90 2.01
N ASN A 129 -47.63 3.36 2.85
CA ASN A 129 -49.06 3.22 2.60
C ASN A 129 -49.50 3.89 1.31
N LEU A 130 -49.28 5.19 1.20
CA LEU A 130 -49.78 5.99 0.10
C LEU A 130 -49.18 5.55 -1.24
N LEU A 131 -50.02 5.48 -2.26
CA LEU A 131 -49.65 4.82 -3.52
C LEU A 131 -50.57 5.32 -4.64
N LEU A 132 -50.08 5.30 -5.87
CA LEU A 132 -50.87 5.74 -7.01
C LEU A 132 -51.02 4.62 -8.03
N GLY A 133 -51.84 4.86 -9.05
CA GLY A 133 -52.00 3.89 -10.12
C GLY A 133 -52.38 4.59 -11.41
N PHE A 134 -52.40 3.81 -12.49
CA PHE A 134 -52.66 4.37 -13.81
C PHE A 134 -52.94 3.22 -14.77
N ASP A 135 -53.66 3.52 -15.85
CA ASP A 135 -53.97 2.54 -16.90
C ASP A 135 -54.03 3.29 -18.23
N ARG A 136 -52.91 3.24 -18.96
CA ARG A 136 -52.82 3.96 -20.22
C ARG A 136 -53.74 3.34 -21.28
N SER A 137 -53.93 2.02 -21.22
CA SER A 137 -54.79 1.35 -22.19
C SER A 137 -56.24 1.77 -22.06
N HIS A 138 -56.64 2.30 -20.91
CA HIS A 138 -58.02 2.74 -20.72
C HIS A 138 -58.30 3.95 -21.60
N PRO A 139 -59.41 3.97 -22.35
CA PRO A 139 -59.68 5.11 -23.23
C PRO A 139 -59.81 6.44 -22.50
N ASN A 140 -60.26 6.43 -21.25
CA ASN A 140 -60.54 7.67 -20.52
C ASN A 140 -59.32 8.22 -19.79
N LYS A 141 -58.19 7.52 -19.84
CA LYS A 141 -56.97 7.97 -19.15
C LYS A 141 -57.24 8.24 -17.68
N GLN A 142 -57.62 7.19 -16.95
CA GLN A 142 -58.21 7.31 -15.62
C GLN A 142 -57.13 7.08 -14.57
N LEU A 143 -57.29 7.73 -13.42
CA LEU A 143 -56.25 7.77 -12.39
C LEU A 143 -56.83 7.37 -11.03
N TRP A 144 -56.07 6.56 -10.29
CA TRP A 144 -56.50 6.00 -9.01
C TRP A 144 -55.44 6.23 -7.94
N LYS A 145 -55.88 6.39 -6.69
CA LYS A 145 -55.00 6.58 -5.55
C LYS A 145 -55.38 5.62 -4.43
N SER A 146 -54.42 4.86 -3.93
CA SER A 146 -54.61 3.95 -2.81
C SER A 146 -53.90 4.48 -1.58
N ASP A 147 -54.53 4.27 -0.41
CA ASP A 147 -53.91 4.66 0.84
C ASP A 147 -54.00 3.47 1.79
N ASP A 148 -54.07 2.28 1.20
CA ASP A 148 -53.99 1.05 1.96
C ASP A 148 -53.02 0.06 1.34
N PHE A 149 -52.27 0.46 0.31
CA PHE A 149 -51.21 -0.33 -0.31
C PHE A 149 -51.85 -1.46 -1.10
N GLY A 150 -53.08 -1.25 -1.58
CA GLY A 150 -53.69 -2.18 -2.51
C GLY A 150 -55.21 -2.35 -2.45
N GLN A 151 -55.84 -1.94 -1.35
CA GLN A 151 -57.26 -2.23 -1.16
C GLN A 151 -58.17 -1.20 -1.83
N THR A 152 -58.13 0.05 -1.35
CA THR A 152 -59.05 1.07 -1.82
C THR A 152 -58.39 1.91 -2.90
N TRP A 153 -59.16 2.38 -3.88
CA TRP A 153 -58.55 3.05 -5.01
C TRP A 153 -59.17 4.42 -5.32
N ILE A 154 -60.48 4.58 -5.09
CA ILE A 154 -61.24 5.80 -5.28
C ILE A 154 -60.93 6.49 -6.62
N MET A 155 -61.40 7.73 -6.78
CA MET A 155 -61.19 8.51 -8.01
C MET A 155 -60.69 9.89 -7.62
N ILE A 156 -59.49 10.23 -8.11
CA ILE A 156 -58.98 11.58 -7.93
C ILE A 156 -59.09 12.42 -9.19
N GLN A 157 -58.88 11.84 -10.37
CA GLN A 157 -58.94 12.64 -11.59
C GLN A 157 -59.17 11.77 -12.82
N GLU A 158 -59.53 12.39 -13.94
CA GLU A 158 -59.78 11.69 -15.19
C GLU A 158 -59.09 12.44 -16.33
N HIS A 159 -58.85 11.72 -17.42
CA HIS A 159 -58.15 12.26 -18.59
C HIS A 159 -56.76 12.77 -18.21
N VAL A 160 -55.90 11.88 -17.71
CA VAL A 160 -54.60 12.25 -17.18
C VAL A 160 -53.54 11.79 -18.17
N LYS A 161 -52.86 12.75 -18.79
CA LYS A 161 -51.76 12.40 -19.70
C LYS A 161 -50.50 12.02 -18.93
N SER A 162 -50.20 12.72 -17.84
CA SER A 162 -49.02 12.38 -17.04
C SER A 162 -49.21 12.90 -15.63
N PHE A 163 -48.39 12.38 -14.71
CA PHE A 163 -48.50 12.71 -13.30
C PHE A 163 -47.16 12.50 -12.62
N SER A 164 -47.00 13.09 -11.44
CA SER A 164 -45.74 12.99 -10.69
C SER A 164 -45.99 13.37 -9.25
N TRP A 165 -45.12 12.86 -8.37
CA TRP A 165 -45.15 13.19 -6.95
C TRP A 165 -44.41 14.50 -6.69
N GLY A 166 -44.15 14.79 -5.42
CA GLY A 166 -43.36 15.95 -5.06
C GLY A 166 -42.13 15.59 -4.26
N ILE A 167 -40.99 16.16 -4.63
CA ILE A 167 -39.72 15.90 -3.95
C ILE A 167 -39.81 16.49 -2.55
N ASP A 168 -39.00 16.00 -1.61
CA ASP A 168 -39.13 16.33 -0.19
C ASP A 168 -39.13 17.83 0.09
N PRO A 169 -38.19 18.63 -0.43
CA PRO A 169 -38.24 20.07 -0.14
C PRO A 169 -38.96 20.85 -1.23
N TYR A 170 -39.15 22.16 -0.99
CA TYR A 170 -39.67 23.12 -1.96
C TYR A 170 -41.16 22.90 -2.25
N ASP A 171 -41.75 21.88 -1.63
CA ASP A 171 -43.20 21.69 -1.66
C ASP A 171 -43.58 20.69 -0.58
N LYS A 172 -44.80 20.83 -0.05
CA LYS A 172 -45.29 20.03 1.07
C LYS A 172 -45.42 18.57 0.67
N PRO A 173 -45.63 17.65 1.64
CA PRO A 173 -45.94 16.25 1.28
C PRO A 173 -47.18 16.14 0.40
N ASN A 174 -47.41 14.94 -0.14
CA ASN A 174 -48.56 14.57 -0.97
C ASN A 174 -49.04 15.72 -1.85
N THR A 175 -48.14 16.23 -2.69
CA THR A 175 -48.38 17.43 -3.48
C THR A 175 -48.36 17.07 -4.96
N ILE A 176 -49.13 16.04 -5.33
CA ILE A 176 -49.13 15.53 -6.69
C ILE A 176 -49.33 16.64 -7.71
N TYR A 177 -48.56 16.57 -8.79
CA TYR A 177 -48.72 17.38 -9.98
C TYR A 177 -49.52 16.56 -10.99
N ILE A 178 -50.04 17.22 -12.03
CA ILE A 178 -50.78 16.49 -13.04
C ILE A 178 -50.76 17.26 -14.36
N GLU A 179 -50.86 16.53 -15.47
CA GLU A 179 -50.77 17.07 -16.82
C GLU A 179 -51.87 16.38 -17.62
N ARG A 180 -52.98 17.08 -17.81
CA ARG A 180 -54.19 16.45 -18.36
C ARG A 180 -54.26 16.61 -19.88
N HIS A 181 -55.43 16.29 -20.42
CA HIS A 181 -55.67 16.30 -21.85
C HIS A 181 -56.65 17.44 -22.19
N GLU A 182 -56.67 17.86 -23.45
CA GLU A 182 -57.58 18.88 -23.94
C GLU A 182 -58.23 18.41 -25.22
N PRO A 183 -59.43 18.92 -25.56
CA PRO A 183 -60.02 18.58 -26.86
C PRO A 183 -59.15 18.96 -28.04
N SER A 184 -58.48 20.11 -27.98
CA SER A 184 -57.43 20.48 -28.92
C SER A 184 -56.10 20.21 -28.22
N GLY A 185 -55.31 19.29 -28.76
CA GLY A 185 -54.29 18.66 -27.97
C GLY A 185 -53.25 19.57 -27.33
N TYR A 186 -53.43 19.80 -26.04
CA TYR A 186 -52.45 20.43 -25.16
C TYR A 186 -52.56 19.77 -23.80
N SER A 187 -51.84 20.27 -22.80
CA SER A 187 -51.74 19.48 -21.57
C SER A 187 -52.19 20.18 -20.30
N THR A 188 -51.74 21.40 -20.06
CA THR A 188 -51.93 22.10 -18.79
C THR A 188 -51.33 21.33 -17.63
N VAL A 189 -51.26 21.94 -16.45
CA VAL A 189 -50.69 21.31 -15.26
C VAL A 189 -51.39 21.83 -14.03
N PHE A 190 -51.67 20.94 -13.07
CA PHE A 190 -52.35 21.30 -11.83
C PHE A 190 -51.57 20.70 -10.66
N ARG A 191 -51.44 21.48 -9.59
CA ARG A 191 -50.79 21.01 -8.36
C ARG A 191 -51.82 20.92 -7.25
N SER A 192 -51.81 19.82 -6.49
CA SER A 192 -52.78 19.68 -5.40
C SER A 192 -52.10 19.10 -4.18
N THR A 193 -52.40 19.65 -3.01
CA THR A 193 -51.90 19.10 -1.76
C THR A 193 -52.98 18.29 -1.05
N ASP A 194 -54.13 18.10 -1.69
CA ASP A 194 -55.23 17.39 -1.06
C ASP A 194 -55.90 16.40 -2.00
N PHE A 195 -55.12 15.76 -2.86
CA PHE A 195 -55.59 14.64 -3.68
C PHE A 195 -56.83 14.94 -4.52
N PHE A 196 -56.92 16.14 -5.11
CA PHE A 196 -57.98 16.46 -6.06
C PHE A 196 -59.37 16.31 -5.45
N GLN A 197 -59.50 16.75 -4.21
CA GLN A 197 -60.79 16.64 -3.51
C GLN A 197 -61.49 17.97 -3.32
N SER A 198 -60.75 19.07 -3.22
CA SER A 198 -61.35 20.39 -3.05
C SER A 198 -60.73 21.37 -4.03
N ARG A 199 -61.55 22.27 -4.55
CA ARG A 199 -61.07 23.31 -5.45
C ARG A 199 -60.30 24.41 -4.74
N GLU A 200 -60.39 24.48 -3.41
CA GLU A 200 -59.63 25.48 -2.65
C GLU A 200 -58.18 25.05 -2.43
N ASN A 201 -57.86 23.77 -2.66
CA ASN A 201 -56.49 23.28 -2.50
C ASN A 201 -55.94 22.77 -3.83
N GLN A 202 -56.24 23.48 -4.90
CA GLN A 202 -55.75 23.14 -6.23
C GLN A 202 -55.24 24.40 -6.90
N GLU A 203 -54.04 24.34 -7.48
CA GLU A 203 -53.42 25.52 -8.09
C GLU A 203 -53.07 25.21 -9.53
N VAL A 204 -53.17 26.24 -10.37
CA VAL A 204 -52.82 26.17 -11.78
C VAL A 204 -51.43 26.76 -11.94
N ILE A 205 -50.52 25.98 -12.53
CA ILE A 205 -49.14 26.42 -12.67
C ILE A 205 -48.94 27.08 -14.02
N LEU A 206 -49.39 26.43 -15.09
CA LEU A 206 -49.17 26.96 -16.43
C LEU A 206 -50.13 26.27 -17.39
N GLU A 207 -50.63 27.05 -18.36
CA GLU A 207 -51.65 26.61 -19.30
C GLU A 207 -50.96 26.04 -20.55
N GLU A 208 -51.77 25.54 -21.49
CA GLU A 208 -51.28 24.95 -22.74
C GLU A 208 -50.25 23.87 -22.49
N VAL A 209 -48.98 24.18 -22.75
CA VAL A 209 -47.83 23.31 -22.50
C VAL A 209 -47.87 22.06 -23.39
N ARG A 210 -46.89 21.94 -24.29
CA ARG A 210 -46.71 20.72 -25.06
C ARG A 210 -46.11 19.59 -24.24
N ASP A 211 -45.17 19.90 -23.34
CA ASP A 211 -44.53 18.87 -22.53
C ASP A 211 -44.06 19.50 -21.22
N PHE A 212 -44.15 18.74 -20.14
CA PHE A 212 -43.81 19.21 -18.81
C PHE A 212 -42.84 18.22 -18.15
N GLN A 213 -41.93 18.75 -17.34
CA GLN A 213 -40.95 17.90 -16.67
C GLN A 213 -40.52 18.54 -15.36
N LEU A 214 -40.23 17.70 -14.38
CA LEU A 214 -39.84 18.14 -13.03
C LEU A 214 -38.55 17.44 -12.65
N ARG A 215 -37.56 18.22 -12.21
CA ARG A 215 -36.27 17.67 -11.79
C ARG A 215 -35.79 18.40 -10.54
N ASP A 216 -36.05 17.79 -9.39
CA ASP A 216 -35.57 18.24 -8.08
C ASP A 216 -36.00 19.69 -7.84
N LYS A 217 -35.11 20.65 -8.14
CA LYS A 217 -35.41 22.07 -7.93
C LYS A 217 -36.02 22.73 -9.15
N TYR A 218 -35.62 22.34 -10.35
CA TYR A 218 -36.07 23.02 -11.55
C TYR A 218 -37.45 22.50 -11.98
N MET A 219 -38.01 23.15 -12.99
CA MET A 219 -39.30 22.78 -13.54
C MET A 219 -39.37 23.33 -14.95
N PHE A 220 -39.48 22.44 -15.94
CA PHE A 220 -39.36 22.80 -17.34
C PHE A 220 -40.67 22.56 -18.07
N ALA A 221 -41.02 23.49 -18.97
CA ALA A 221 -42.21 23.33 -19.78
C ALA A 221 -41.94 23.85 -21.19
N THR A 222 -42.31 23.07 -22.19
CA THR A 222 -42.13 23.46 -23.58
C THR A 222 -43.49 23.87 -24.14
N LYS A 223 -43.65 25.16 -24.43
CA LYS A 223 -44.92 25.70 -24.91
C LYS A 223 -44.78 26.08 -26.38
N VAL A 224 -45.72 25.61 -27.20
CA VAL A 224 -45.82 26.10 -28.56
C VAL A 224 -46.53 27.45 -28.55
N VAL A 225 -45.88 28.45 -29.11
CA VAL A 225 -46.43 29.80 -29.16
C VAL A 225 -47.54 29.81 -30.20
N HIS A 226 -48.32 30.90 -30.25
CA HIS A 226 -49.54 31.05 -31.05
C HIS A 226 -49.49 30.33 -32.38
N LEU A 227 -50.52 29.55 -32.67
CA LEU A 227 -50.63 28.82 -33.93
C LEU A 227 -50.57 29.77 -35.11
N LEU A 228 -51.58 30.64 -35.22
CA LEU A 228 -51.58 31.73 -36.19
C LEU A 228 -51.96 33.01 -35.45
N GLY A 229 -50.97 33.62 -34.79
CA GLY A 229 -51.20 34.85 -34.07
C GLY A 229 -50.57 36.06 -34.74
N SER A 230 -49.39 35.88 -35.30
CA SER A 230 -48.66 36.93 -35.98
C SER A 230 -47.93 36.35 -37.18
N GLU A 231 -47.54 37.24 -38.10
CA GLU A 231 -47.03 36.85 -39.41
C GLU A 231 -45.57 36.40 -39.35
N GLN A 232 -45.33 35.34 -38.60
CA GLN A 232 -44.04 34.65 -38.62
C GLN A 232 -44.23 33.23 -38.13
N GLN A 233 -43.22 32.40 -38.39
CA GLN A 233 -43.29 31.00 -38.00
C GLN A 233 -43.29 30.86 -36.48
N SER A 234 -44.14 29.95 -35.99
CA SER A 234 -44.21 29.70 -34.56
C SER A 234 -42.97 28.95 -34.09
N SER A 235 -42.33 29.43 -33.03
CA SER A 235 -41.11 28.86 -32.50
C SER A 235 -41.38 28.31 -31.10
N VAL A 236 -40.95 27.07 -30.86
CA VAL A 236 -41.15 26.44 -29.56
C VAL A 236 -40.31 27.17 -28.51
N GLN A 237 -40.93 27.52 -27.39
CA GLN A 237 -40.26 28.21 -26.30
C GLN A 237 -40.21 27.34 -25.06
N LEU A 238 -39.17 27.56 -24.26
CA LEU A 238 -38.95 26.84 -23.01
C LEU A 238 -39.14 27.78 -21.83
N TRP A 239 -39.96 27.37 -20.88
CA TRP A 239 -40.18 28.12 -19.65
C TRP A 239 -39.62 27.31 -18.49
N VAL A 240 -38.78 27.95 -17.69
CA VAL A 240 -38.05 27.31 -16.61
C VAL A 240 -38.43 27.99 -15.30
N SER A 241 -38.48 27.20 -14.23
CA SER A 241 -38.71 27.75 -12.90
C SER A 241 -37.57 27.38 -11.98
N PHE A 242 -37.63 27.87 -10.74
CA PHE A 242 -36.63 27.57 -9.73
C PHE A 242 -37.17 27.94 -8.36
N GLY A 243 -37.13 27.00 -7.41
CA GLY A 243 -37.81 27.18 -6.14
C GLY A 243 -39.32 27.19 -6.24
N ARG A 244 -39.88 26.70 -7.34
CA ARG A 244 -41.32 26.65 -7.58
C ARG A 244 -41.95 28.04 -7.52
N LYS A 245 -41.23 29.01 -8.09
CA LYS A 245 -41.75 30.35 -8.36
C LYS A 245 -42.48 30.31 -9.69
N PRO A 246 -43.28 31.33 -10.05
CA PRO A 246 -44.03 31.27 -11.31
C PRO A 246 -43.13 31.17 -12.53
N MET A 247 -43.63 30.51 -13.57
CA MET A 247 -42.82 30.15 -14.73
C MET A 247 -42.43 31.36 -15.58
N ARG A 248 -41.16 31.73 -15.54
CA ARG A 248 -40.65 32.78 -16.42
C ARG A 248 -40.33 32.20 -17.80
N ALA A 249 -39.62 32.95 -18.62
CA ALA A 249 -39.27 32.50 -19.97
C ALA A 249 -37.75 32.37 -20.04
N ALA A 250 -37.24 32.08 -21.24
CA ALA A 250 -35.80 31.98 -21.46
C ALA A 250 -35.50 32.40 -22.89
N GLN A 251 -34.32 32.98 -23.09
CA GLN A 251 -33.90 33.50 -24.37
C GLN A 251 -32.65 32.76 -24.85
N PHE A 252 -32.68 32.08 -25.99
CA PHE A 252 -31.51 31.41 -26.58
C PHE A 252 -31.35 32.13 -27.90
N VAL A 253 -31.18 33.45 -27.91
CA VAL A 253 -31.19 34.28 -29.11
C VAL A 253 -30.10 33.82 -30.07
N THR A 254 -30.51 33.32 -31.23
CA THR A 254 -29.63 32.90 -32.31
C THR A 254 -30.36 33.12 -33.63
N ARG A 255 -29.59 33.11 -34.72
CA ARG A 255 -30.18 33.32 -36.04
C ARG A 255 -31.16 32.20 -36.38
N HIS A 256 -30.80 30.97 -36.09
CA HIS A 256 -31.59 29.82 -36.53
C HIS A 256 -32.74 29.56 -35.56
N PRO A 257 -33.98 29.48 -36.04
CA PRO A 257 -35.10 29.19 -35.14
C PRO A 257 -35.00 27.81 -34.55
N ILE A 258 -35.49 27.62 -33.34
CA ILE A 258 -35.36 26.32 -32.71
C ILE A 258 -36.51 25.47 -33.06
N ASN A 259 -36.46 24.23 -32.71
CA ASN A 259 -37.59 23.32 -32.89
C ASN A 259 -37.70 22.28 -31.78
N GLU A 260 -36.70 22.11 -30.90
CA GLU A 260 -36.85 21.20 -29.71
C GLU A 260 -35.93 21.53 -28.54
N TYR A 261 -36.13 21.01 -27.33
CA TYR A 261 -35.25 21.30 -26.26
C TYR A 261 -35.20 20.05 -25.46
N TYR A 262 -34.05 19.52 -25.14
CA TYR A 262 -33.83 18.31 -24.35
C TYR A 262 -32.92 18.64 -23.18
N ILE A 263 -33.47 18.57 -21.96
CA ILE A 263 -32.65 18.69 -20.76
C ILE A 263 -31.73 17.48 -20.66
N ALA A 264 -30.46 17.72 -20.38
CA ALA A 264 -29.50 16.65 -20.18
C ALA A 264 -29.10 16.44 -18.74
N ASP A 265 -28.89 17.52 -17.98
CA ASP A 265 -28.56 17.41 -16.57
C ASP A 265 -28.95 18.69 -15.86
N ALA A 266 -29.63 18.55 -14.72
CA ALA A 266 -30.09 19.72 -13.97
C ALA A 266 -30.01 19.49 -12.46
N SER A 267 -29.10 18.63 -12.00
CA SER A 267 -29.04 18.23 -10.61
C SER A 267 -27.95 18.93 -9.81
N GLU A 268 -27.29 19.93 -10.39
CA GLU A 268 -26.18 20.63 -9.74
C GLU A 268 -26.33 22.13 -9.92
N ASP A 269 -27.55 22.63 -9.65
CA ASP A 269 -28.01 24.01 -9.83
C ASP A 269 -27.48 24.63 -11.11
N GLN A 270 -27.32 23.80 -12.14
CA GLN A 270 -26.90 24.19 -13.48
C GLN A 270 -27.62 23.27 -14.45
N VAL A 271 -27.85 23.73 -15.68
CA VAL A 271 -28.56 22.92 -16.66
C VAL A 271 -27.75 22.90 -17.95
N PHE A 272 -27.70 21.73 -18.58
CA PHE A 272 -27.03 21.52 -19.86
C PHE A 272 -28.13 21.18 -20.86
N VAL A 273 -28.81 22.16 -21.38
CA VAL A 273 -29.85 21.91 -22.29
C VAL A 273 -29.23 21.35 -23.46
N CYS A 274 -29.93 21.03 -24.52
CA CYS A 274 -29.35 20.35 -25.65
C CYS A 274 -30.34 20.76 -26.48
N VAL A 275 -30.16 21.92 -26.98
CA VAL A 275 -31.19 22.51 -27.64
C VAL A 275 -31.28 22.48 -29.01
N SER A 276 -31.29 23.64 -29.51
CA SER A 276 -31.54 23.78 -30.84
C SER A 276 -32.13 22.54 -31.39
N HIS A 277 -31.37 21.65 -31.93
CA HIS A 277 -31.92 20.60 -32.66
C HIS A 277 -32.51 21.70 -33.49
N SER A 278 -31.70 22.68 -33.90
CA SER A 278 -32.13 23.86 -34.59
C SER A 278 -32.12 23.67 -36.03
N ASN A 279 -32.89 22.76 -36.53
CA ASN A 279 -32.80 22.46 -37.94
C ASN A 279 -31.35 22.14 -38.36
N ASN A 280 -30.82 20.94 -38.06
CA ASN A 280 -29.46 20.49 -38.45
C ASN A 280 -28.30 20.52 -37.39
N ARG A 281 -28.56 20.87 -36.15
CA ARG A 281 -27.50 20.81 -35.16
C ARG A 281 -27.80 20.26 -33.78
N THR A 282 -27.38 20.94 -32.75
CA THR A 282 -27.55 20.56 -31.37
C THR A 282 -26.49 21.44 -30.88
N ASN A 283 -26.48 21.83 -29.65
CA ASN A 283 -25.58 22.79 -29.27
C ASN A 283 -25.76 22.91 -27.85
N LEU A 284 -25.10 22.13 -27.09
CA LEU A 284 -25.35 22.14 -25.73
C LEU A 284 -25.27 23.54 -25.35
N TYR A 285 -26.12 24.01 -24.52
CA TYR A 285 -26.12 25.30 -23.92
C TYR A 285 -26.11 25.27 -22.45
N ILE A 286 -25.39 26.08 -21.78
CA ILE A 286 -25.19 26.16 -20.34
C ILE A 286 -25.80 27.45 -19.80
N SER A 287 -26.23 27.42 -18.54
CA SER A 287 -26.75 28.61 -17.88
C SER A 287 -26.19 28.67 -16.46
N GLU A 288 -26.68 29.65 -15.69
CA GLU A 288 -26.22 29.86 -14.33
C GLU A 288 -27.25 29.32 -13.34
N ALA A 289 -27.05 29.58 -12.05
CA ALA A 289 -28.00 29.20 -11.04
C ALA A 289 -29.34 29.91 -11.18
N GLU A 290 -29.37 31.10 -11.77
CA GLU A 290 -30.62 31.81 -11.99
C GLU A 290 -31.41 31.14 -13.10
N GLY A 291 -30.81 31.00 -14.28
CA GLY A 291 -31.42 30.20 -15.34
C GLY A 291 -31.89 30.93 -16.57
N LEU A 292 -31.48 32.18 -16.77
CA LEU A 292 -31.91 32.97 -17.93
C LEU A 292 -30.72 33.67 -18.56
N LYS A 293 -29.55 33.04 -18.54
CA LYS A 293 -28.38 33.61 -19.22
C LYS A 293 -27.69 32.48 -19.99
N PHE A 294 -28.48 31.72 -20.75
CA PHE A 294 -27.95 30.59 -21.52
C PHE A 294 -26.94 31.05 -22.56
N SER A 295 -25.87 30.28 -22.72
CA SER A 295 -24.77 30.66 -23.61
C SER A 295 -24.24 29.37 -24.26
N LEU A 296 -23.84 29.48 -25.53
CA LEU A 296 -23.30 28.35 -26.28
C LEU A 296 -22.11 27.72 -25.58
N SER A 297 -22.03 26.39 -25.59
CA SER A 297 -20.92 25.70 -24.97
C SER A 297 -20.29 24.61 -25.83
N LEU A 298 -20.95 24.02 -26.81
CA LEU A 298 -20.31 23.02 -27.68
C LEU A 298 -21.15 22.80 -28.77
N GLU A 299 -20.63 22.55 -29.92
CA GLU A 299 -21.47 22.46 -31.03
C GLU A 299 -21.78 21.08 -31.39
N ASN A 300 -22.25 20.86 -32.58
CA ASN A 300 -22.78 19.56 -32.93
C ASN A 300 -22.69 18.39 -32.00
N VAL A 301 -23.33 18.40 -30.84
CA VAL A 301 -23.34 17.26 -30.00
C VAL A 301 -24.26 16.33 -30.68
N LEU A 302 -24.33 15.09 -30.27
CA LEU A 302 -25.13 14.10 -30.93
C LEU A 302 -26.36 13.88 -30.15
N TYR A 303 -27.54 14.14 -30.71
CA TYR A 303 -28.83 14.07 -30.04
C TYR A 303 -29.70 13.35 -31.02
N TYR A 304 -30.43 12.38 -30.58
CA TYR A 304 -31.32 11.55 -31.38
C TYR A 304 -32.77 11.89 -31.06
N SER A 305 -33.52 12.23 -32.10
CA SER A 305 -34.93 12.59 -31.98
C SER A 305 -35.77 11.69 -32.86
N PRO A 306 -36.33 10.60 -32.33
CA PRO A 306 -37.19 9.73 -33.15
C PRO A 306 -38.56 10.34 -33.36
N GLY A 307 -38.89 11.39 -32.62
CA GLY A 307 -40.19 12.01 -32.66
C GLY A 307 -41.10 11.51 -31.57
N GLY A 308 -42.34 12.00 -31.61
CA GLY A 308 -43.33 11.62 -30.62
C GLY A 308 -44.64 11.18 -31.24
N ALA A 309 -45.74 11.82 -30.82
CA ALA A 309 -47.06 11.50 -31.35
C ALA A 309 -47.34 12.19 -32.67
N GLY A 310 -46.42 13.00 -33.17
CA GLY A 310 -46.63 13.75 -34.40
C GLY A 310 -46.40 15.23 -34.19
N SER A 311 -46.63 15.69 -32.98
CA SER A 311 -46.38 17.08 -32.62
C SER A 311 -45.65 17.24 -31.30
N ASP A 312 -45.46 16.17 -30.54
CA ASP A 312 -44.79 16.25 -29.24
C ASP A 312 -43.30 16.50 -29.43
N THR A 313 -42.72 17.28 -28.52
CA THR A 313 -41.31 17.62 -28.55
C THR A 313 -40.48 16.83 -27.56
N LEU A 314 -40.96 16.69 -26.33
CA LEU A 314 -40.23 15.98 -25.28
C LEU A 314 -40.96 14.68 -24.95
N VAL A 315 -40.21 13.57 -24.95
CA VAL A 315 -40.76 12.25 -24.67
C VAL A 315 -39.95 11.64 -23.53
N ARG A 316 -40.66 11.15 -22.52
CA ARG A 316 -40.00 10.51 -21.37
C ARG A 316 -39.53 9.11 -21.77
N TYR A 317 -38.30 8.79 -21.39
CA TYR A 317 -37.65 7.55 -21.81
C TYR A 317 -37.17 6.77 -20.60
N PHE A 318 -37.10 5.45 -20.77
CA PHE A 318 -36.60 4.56 -19.73
C PHE A 318 -35.08 4.44 -19.82
N ALA A 319 -34.52 3.51 -19.04
CA ALA A 319 -33.07 3.29 -19.04
C ALA A 319 -32.60 2.48 -20.23
N ASN A 320 -33.50 1.93 -21.04
CA ASN A 320 -33.09 1.06 -22.14
C ASN A 320 -32.34 1.83 -23.21
N GLU A 321 -32.84 3.01 -23.60
CA GLU A 321 -32.24 3.74 -24.71
C GLU A 321 -32.47 5.24 -24.54
N PRO A 322 -31.43 6.01 -24.23
CA PRO A 322 -31.61 7.46 -24.03
C PRO A 322 -31.43 8.26 -25.30
N PHE A 323 -31.81 9.53 -25.21
CA PHE A 323 -31.92 10.42 -26.35
C PHE A 323 -30.61 11.13 -26.71
N ALA A 324 -29.63 11.17 -25.81
CA ALA A 324 -28.42 11.93 -26.08
C ALA A 324 -27.23 11.26 -25.44
N ASP A 325 -26.08 11.41 -26.10
CA ASP A 325 -24.80 10.91 -25.60
C ASP A 325 -24.18 12.00 -24.72
N PHE A 326 -24.35 11.86 -23.41
CA PHE A 326 -23.86 12.84 -22.46
C PHE A 326 -23.79 12.18 -21.08
N HIS A 327 -22.62 12.11 -20.49
CA HIS A 327 -22.40 11.31 -19.29
C HIS A 327 -21.69 12.14 -18.24
N ARG A 328 -22.41 12.49 -17.18
CA ARG A 328 -21.80 13.12 -16.02
C ARG A 328 -21.04 12.07 -15.22
N VAL A 329 -19.79 12.37 -14.89
CA VAL A 329 -19.02 11.49 -14.02
C VAL A 329 -19.63 11.56 -12.63
N GLU A 330 -20.27 10.48 -12.21
CA GLU A 330 -21.05 10.49 -10.98
C GLU A 330 -20.14 10.66 -9.76
N GLY A 331 -20.61 11.45 -8.79
CA GLY A 331 -19.88 11.73 -7.59
C GLY A 331 -18.97 12.94 -7.66
N LEU A 332 -18.79 13.52 -8.84
CA LEU A 332 -17.92 14.68 -9.04
C LEU A 332 -18.70 15.78 -9.73
N GLN A 333 -18.49 17.02 -9.29
CA GLN A 333 -19.20 18.17 -9.82
C GLN A 333 -18.32 18.86 -10.86
N GLY A 334 -18.60 18.61 -12.13
CA GLY A 334 -17.91 19.33 -13.18
C GLY A 334 -17.49 18.51 -14.39
N VAL A 335 -17.24 17.22 -14.22
CA VAL A 335 -16.71 16.41 -15.31
C VAL A 335 -17.88 15.86 -16.14
N TYR A 336 -17.83 16.09 -17.45
CA TYR A 336 -18.89 15.67 -18.35
C TYR A 336 -18.25 15.21 -19.65
N ILE A 337 -18.67 14.04 -20.14
CA ILE A 337 -18.08 13.44 -21.34
C ILE A 337 -19.14 13.50 -22.44
N ALA A 338 -18.94 14.38 -23.41
CA ALA A 338 -19.88 14.53 -24.52
C ALA A 338 -19.42 13.68 -25.71
N THR A 339 -20.02 13.79 -26.87
CA THR A 339 -19.65 13.05 -28.09
C THR A 339 -20.12 13.79 -29.24
N LEU A 340 -19.28 14.37 -30.08
CA LEU A 340 -19.64 15.22 -31.13
C LEU A 340 -19.77 14.46 -32.38
N ILE A 341 -20.48 14.91 -33.42
CA ILE A 341 -20.69 14.17 -34.75
C ILE A 341 -20.75 15.00 -36.06
N ASN A 342 -20.12 14.61 -37.19
CA ASN A 342 -20.19 15.50 -38.34
C ASN A 342 -20.96 14.80 -39.48
N GLY A 343 -22.28 14.83 -39.37
CA GLY A 343 -23.16 14.75 -40.52
C GLY A 343 -24.21 13.66 -40.63
N SER A 344 -23.89 12.38 -40.40
CA SER A 344 -25.03 11.44 -40.44
C SER A 344 -25.20 10.53 -39.23
N MET A 345 -24.34 9.52 -39.09
CA MET A 345 -24.63 8.42 -38.16
C MET A 345 -23.54 7.35 -38.28
N ASN A 346 -23.64 6.27 -37.49
CA ASN A 346 -22.91 5.02 -37.69
C ASN A 346 -21.41 5.09 -37.45
N GLU A 347 -21.00 5.58 -36.28
CA GLU A 347 -19.62 5.51 -35.81
C GLU A 347 -18.61 6.00 -36.85
N GLU A 348 -19.01 6.93 -37.70
CA GLU A 348 -18.10 7.54 -38.66
C GLU A 348 -17.41 8.77 -38.12
N ASN A 349 -18.09 9.52 -37.25
CA ASN A 349 -17.55 10.69 -36.60
C ASN A 349 -17.97 10.67 -35.14
N MET A 350 -17.12 10.08 -34.27
CA MET A 350 -17.46 9.98 -32.86
C MET A 350 -16.39 10.58 -31.96
N ARG A 351 -15.81 11.72 -32.32
CA ARG A 351 -14.77 12.32 -31.49
C ARG A 351 -15.33 12.69 -30.12
N SER A 352 -14.91 11.95 -29.09
CA SER A 352 -15.32 12.26 -27.74
C SER A 352 -14.58 13.49 -27.23
N VAL A 353 -15.17 14.18 -26.25
CA VAL A 353 -14.54 15.34 -25.63
C VAL A 353 -14.72 15.21 -24.13
N ILE A 354 -14.24 16.20 -23.38
CA ILE A 354 -14.35 16.15 -21.92
C ILE A 354 -14.21 17.55 -21.33
N THR A 355 -14.88 17.78 -20.21
CA THR A 355 -14.81 19.04 -19.48
C THR A 355 -14.46 18.74 -18.04
N PHE A 356 -13.69 19.64 -17.41
CA PHE A 356 -13.39 19.53 -16.00
C PHE A 356 -13.96 20.68 -15.19
N ASP A 357 -14.68 21.62 -15.82
CA ASP A 357 -15.30 22.72 -15.08
C ASP A 357 -16.61 23.14 -15.78
N LYS A 358 -17.70 22.50 -15.35
CA LYS A 358 -19.07 22.87 -15.70
C LYS A 358 -19.24 23.37 -17.13
N GLY A 359 -18.84 22.57 -18.11
CA GLY A 359 -18.98 22.96 -19.49
C GLY A 359 -18.24 24.23 -19.86
N GLY A 360 -17.00 24.36 -19.40
CA GLY A 360 -16.20 25.52 -19.73
C GLY A 360 -15.17 25.24 -20.81
N THR A 361 -14.51 24.09 -20.71
CA THR A 361 -13.50 23.67 -21.67
C THR A 361 -13.94 22.35 -22.31
N TRP A 362 -13.30 22.02 -23.44
CA TRP A 362 -13.66 20.81 -24.17
C TRP A 362 -12.39 20.26 -24.82
N GLU A 363 -11.76 19.30 -24.15
CA GLU A 363 -10.53 18.68 -24.63
C GLU A 363 -10.84 17.52 -25.56
N PHE A 364 -9.83 16.71 -25.89
CA PHE A 364 -10.10 15.55 -26.76
C PHE A 364 -9.69 14.21 -26.14
N LEU A 365 -9.51 14.10 -24.83
CA LEU A 365 -9.18 12.85 -24.15
C LEU A 365 -7.78 12.38 -24.50
N GLN A 366 -6.91 12.24 -23.49
CA GLN A 366 -5.52 11.87 -23.72
C GLN A 366 -5.37 10.37 -23.89
N ALA A 367 -4.55 9.96 -24.84
CA ALA A 367 -4.30 8.56 -25.13
C ALA A 367 -3.43 7.93 -24.04
N PRO A 368 -3.45 6.61 -23.88
CA PRO A 368 -2.67 5.98 -22.80
C PRO A 368 -1.16 6.13 -22.94
N ALA A 369 -0.65 6.45 -24.13
CA ALA A 369 0.77 6.52 -24.44
C ALA A 369 1.35 5.10 -24.48
N PHE A 370 1.63 4.53 -23.31
CA PHE A 370 2.12 3.16 -23.21
C PHE A 370 0.96 2.21 -23.47
N THR A 371 0.80 1.78 -24.72
CA THR A 371 -0.29 0.89 -25.09
C THR A 371 0.01 -0.53 -24.61
N GLY A 372 -0.18 -0.78 -23.32
CA GLY A 372 0.22 -2.04 -22.73
C GLY A 372 -0.78 -3.17 -22.79
N TYR A 373 -1.23 -3.53 -23.99
CA TYR A 373 -1.98 -4.76 -24.18
C TYR A 373 -1.06 -5.92 -24.56
N GLY A 374 -0.12 -5.69 -25.47
CA GLY A 374 0.93 -6.67 -25.71
C GLY A 374 2.17 -6.36 -24.87
N GLU A 375 2.02 -5.50 -23.86
CA GLU A 375 3.11 -5.02 -23.04
C GLU A 375 4.10 -4.26 -23.92
N LYS A 376 3.59 -3.64 -24.98
CA LYS A 376 4.42 -2.96 -25.96
C LYS A 376 4.84 -1.57 -25.51
N ILE A 377 5.46 -0.81 -26.42
CA ILE A 377 5.90 0.54 -26.16
C ILE A 377 5.32 1.44 -27.24
N ASN A 378 4.39 0.88 -28.03
CA ASN A 378 3.75 1.60 -29.13
C ASN A 378 3.20 2.93 -28.66
N CYS A 379 3.74 4.03 -29.19
CA CYS A 379 3.39 5.35 -28.70
C CYS A 379 2.24 5.95 -29.49
N GLU A 380 1.16 5.16 -29.65
CA GLU A 380 -0.13 5.59 -30.20
C GLU A 380 -0.05 6.68 -31.27
N LEU A 381 -0.98 7.62 -31.28
CA LEU A 381 -1.05 8.65 -32.31
C LEU A 381 -0.18 9.85 -31.95
N SER A 382 0.14 10.66 -32.95
CA SER A 382 0.93 11.86 -32.74
C SER A 382 0.21 13.07 -33.33
N GLN A 383 0.89 14.22 -33.34
CA GLN A 383 0.37 15.49 -33.90
C GLN A 383 -1.05 15.78 -33.46
N GLY A 384 -1.43 15.32 -32.27
CA GLY A 384 -2.80 15.43 -31.80
C GLY A 384 -3.46 14.08 -31.71
N CYS A 385 -3.54 13.54 -30.51
CA CYS A 385 -4.08 12.19 -30.30
C CYS A 385 -5.51 12.26 -29.78
N SER A 386 -6.19 11.11 -29.77
CA SER A 386 -7.57 11.07 -29.29
C SER A 386 -7.90 9.65 -28.86
N LEU A 387 -8.54 9.53 -27.71
CA LEU A 387 -9.11 8.28 -27.22
C LEU A 387 -10.62 8.41 -27.26
N HIS A 388 -11.28 7.50 -27.97
CA HIS A 388 -12.71 7.60 -28.20
C HIS A 388 -13.44 6.53 -27.41
N LEU A 389 -14.47 6.94 -26.67
CA LEU A 389 -15.19 6.07 -25.76
C LEU A 389 -16.54 5.67 -26.33
N ALA A 390 -17.00 4.50 -25.93
CA ALA A 390 -18.33 4.04 -26.26
C ALA A 390 -19.36 4.85 -25.49
N GLN A 391 -20.60 4.83 -25.97
CA GLN A 391 -21.65 5.60 -25.33
C GLN A 391 -22.98 4.89 -25.50
N ARG A 392 -24.10 5.60 -25.31
CA ARG A 392 -25.42 4.99 -25.22
C ARG A 392 -25.99 4.59 -26.58
N LEU A 393 -25.30 4.88 -27.68
CA LEU A 393 -25.75 4.37 -28.97
C LEU A 393 -25.35 2.93 -29.18
N SER A 394 -24.04 2.66 -29.25
CA SER A 394 -23.50 1.31 -29.33
C SER A 394 -24.18 0.48 -30.42
N GLN A 395 -24.39 1.09 -31.59
CA GLN A 395 -25.08 0.48 -32.73
C GLN A 395 -26.30 -0.34 -32.28
N LEU A 396 -27.25 0.37 -31.65
CA LEU A 396 -28.46 -0.23 -31.09
C LEU A 396 -28.11 -1.21 -29.98
N LEU A 397 -28.73 -2.39 -30.01
CA LEU A 397 -28.48 -3.42 -29.00
C LEU A 397 -28.29 -4.75 -29.73
N ASN A 398 -28.09 -5.81 -28.95
CA ASN A 398 -27.99 -7.19 -29.44
C ASN A 398 -26.69 -7.41 -30.21
N LEU A 399 -25.89 -6.37 -30.40
CA LEU A 399 -24.58 -6.52 -31.00
C LEU A 399 -23.50 -6.52 -29.91
N GLN A 400 -22.47 -7.33 -30.13
CA GLN A 400 -21.42 -7.54 -29.14
C GLN A 400 -20.11 -6.97 -29.67
N LEU A 401 -19.64 -5.89 -29.04
CA LEU A 401 -18.42 -5.18 -29.42
C LEU A 401 -18.29 -3.93 -28.57
N ARG A 402 -19.40 -3.20 -28.39
CA ARG A 402 -19.45 -2.04 -27.50
C ARG A 402 -20.62 -2.15 -26.54
N ARG A 403 -20.95 -3.37 -26.10
CA ARG A 403 -22.12 -3.60 -25.27
C ARG A 403 -21.80 -3.48 -23.78
N MET A 404 -21.16 -2.37 -23.41
CA MET A 404 -20.88 -2.02 -22.04
C MET A 404 -20.74 -0.51 -21.99
N PRO A 405 -21.41 0.17 -21.07
CA PRO A 405 -21.36 1.64 -21.05
C PRO A 405 -20.24 2.18 -20.17
N ILE A 406 -20.02 3.49 -20.23
CA ILE A 406 -19.05 4.12 -19.34
C ILE A 406 -19.51 3.93 -17.90
N LEU A 407 -18.68 3.26 -17.11
CA LEU A 407 -19.04 2.86 -15.76
C LEU A 407 -18.42 3.84 -14.77
N SER A 408 -19.28 4.54 -14.02
CA SER A 408 -18.84 5.40 -12.93
C SER A 408 -19.90 5.38 -11.84
N LYS A 409 -19.46 5.32 -10.59
CA LYS A 409 -20.37 5.26 -9.45
C LYS A 409 -19.89 6.22 -8.38
N GLU A 410 -20.83 6.62 -7.52
CA GLU A 410 -20.54 7.56 -6.44
C GLU A 410 -19.67 6.94 -5.37
N SER A 411 -19.64 5.61 -5.27
CA SER A 411 -18.93 4.95 -4.17
C SER A 411 -17.43 5.19 -4.25
N ALA A 412 -16.84 4.94 -5.42
CA ALA A 412 -15.40 5.17 -5.62
C ALA A 412 -15.22 6.34 -6.58
N PRO A 413 -14.92 7.53 -6.08
CA PRO A 413 -14.81 8.69 -6.96
C PRO A 413 -13.55 8.66 -7.81
N GLY A 414 -13.66 9.18 -9.02
CA GLY A 414 -12.52 9.30 -9.91
C GLY A 414 -12.14 8.04 -10.63
N LEU A 415 -12.92 6.96 -10.53
CA LEU A 415 -12.64 5.70 -11.19
C LEU A 415 -13.63 5.50 -12.32
N ILE A 416 -13.12 5.43 -13.55
CA ILE A 416 -13.94 5.30 -14.74
C ILE A 416 -13.44 4.10 -15.53
N ILE A 417 -14.35 3.23 -15.95
CA ILE A 417 -13.99 2.09 -16.78
C ILE A 417 -14.80 2.13 -18.06
N ALA A 418 -14.21 2.67 -19.12
CA ALA A 418 -14.94 2.77 -20.39
C ALA A 418 -14.36 1.80 -21.41
N THR A 419 -15.07 1.66 -22.53
CA THR A 419 -14.69 0.74 -23.60
C THR A 419 -14.64 1.53 -24.90
N GLY A 420 -13.54 1.43 -25.63
CA GLY A 420 -13.43 2.08 -26.90
C GLY A 420 -12.05 1.94 -27.47
N SER A 421 -11.77 2.76 -28.50
CA SER A 421 -10.46 3.11 -29.05
C SER A 421 -10.54 3.32 -30.56
N VAL A 422 -11.29 2.47 -31.27
CA VAL A 422 -11.35 2.53 -32.72
C VAL A 422 -11.95 3.87 -33.14
N GLY A 423 -13.03 4.28 -32.49
CA GLY A 423 -13.57 5.62 -32.61
C GLY A 423 -13.76 6.15 -34.02
N LYS A 424 -13.01 7.20 -34.35
CA LYS A 424 -13.25 7.95 -35.59
C LYS A 424 -13.08 7.10 -36.84
N ASN A 425 -11.83 6.73 -37.18
CA ASN A 425 -11.62 5.86 -38.33
C ASN A 425 -10.57 4.79 -38.07
N LEU A 426 -9.60 5.08 -37.20
CA LEU A 426 -8.41 4.24 -37.09
C LEU A 426 -8.73 2.97 -36.29
N ALA A 427 -8.26 1.84 -36.82
CA ALA A 427 -8.66 0.54 -36.31
C ALA A 427 -7.84 0.16 -35.07
N SER A 428 -8.53 0.12 -33.93
CA SER A 428 -7.99 -0.50 -32.72
C SER A 428 -9.01 -1.53 -32.24
N LYS A 429 -10.28 -1.28 -32.55
CA LYS A 429 -11.37 -2.24 -32.41
C LYS A 429 -11.54 -2.71 -30.96
N THR A 430 -11.92 -1.78 -30.08
CA THR A 430 -12.41 -2.07 -28.74
C THR A 430 -11.32 -2.51 -27.78
N ASN A 431 -11.36 -1.98 -26.56
CA ASN A 431 -10.46 -2.32 -25.46
C ASN A 431 -11.15 -1.88 -24.19
N VAL A 432 -10.42 -1.88 -23.07
CA VAL A 432 -10.94 -1.38 -21.80
C VAL A 432 -9.97 -0.38 -21.21
N TYR A 433 -10.41 0.86 -21.00
CA TYR A 433 -9.52 1.96 -20.63
C TYR A 433 -9.88 2.47 -19.24
N ILE A 434 -9.29 1.86 -18.23
CA ILE A 434 -9.51 2.25 -16.84
C ILE A 434 -8.82 3.60 -16.59
N SER A 435 -9.40 4.40 -15.70
CA SER A 435 -8.79 5.64 -15.24
C SER A 435 -9.10 5.80 -13.76
N SER A 436 -8.09 6.22 -12.99
CA SER A 436 -8.25 6.39 -11.55
C SER A 436 -8.03 7.84 -11.11
N SER A 437 -8.10 8.78 -12.04
CA SER A 437 -7.88 10.19 -11.74
C SER A 437 -8.94 11.05 -12.40
N ALA A 438 -10.20 10.61 -12.32
CA ALA A 438 -11.35 11.36 -12.86
C ALA A 438 -11.20 11.63 -14.35
N GLY A 439 -10.66 10.64 -15.08
CA GLY A 439 -10.57 10.71 -16.52
C GLY A 439 -9.46 11.56 -17.08
N ALA A 440 -8.60 12.13 -16.23
CA ALA A 440 -7.48 12.92 -16.72
C ALA A 440 -6.35 12.07 -17.27
N ARG A 441 -6.10 10.91 -16.66
CA ARG A 441 -5.01 10.02 -17.04
C ARG A 441 -5.60 8.64 -17.31
N TRP A 442 -5.44 8.16 -18.55
CA TRP A 442 -6.07 6.91 -18.95
C TRP A 442 -5.08 5.76 -18.83
N ARG A 443 -5.57 4.54 -18.96
CA ARG A 443 -4.77 3.32 -18.93
C ARG A 443 -5.33 2.41 -20.01
N GLU A 444 -4.72 1.24 -20.20
CA GLU A 444 -5.13 0.35 -21.27
C GLU A 444 -5.26 -1.07 -20.73
N ALA A 445 -5.98 -1.22 -19.62
CA ALA A 445 -6.00 -2.42 -18.79
C ALA A 445 -6.09 -3.75 -19.53
N LEU A 446 -7.17 -3.99 -20.26
CA LEU A 446 -7.44 -5.32 -20.80
C LEU A 446 -7.65 -5.27 -22.30
N PRO A 447 -7.12 -6.22 -23.06
CA PRO A 447 -7.38 -6.26 -24.51
C PRO A 447 -8.63 -7.04 -24.87
N GLY A 448 -9.54 -6.41 -25.61
CA GLY A 448 -10.74 -7.07 -26.05
C GLY A 448 -11.94 -6.71 -25.20
N PRO A 449 -13.14 -6.75 -25.80
CA PRO A 449 -14.36 -6.43 -25.05
C PRO A 449 -14.57 -7.36 -23.87
N HIS A 450 -15.03 -6.82 -22.74
CA HIS A 450 -15.11 -7.59 -21.50
C HIS A 450 -16.41 -7.27 -20.77
N TYR A 451 -16.59 -7.88 -19.60
CA TYR A 451 -17.76 -7.69 -18.73
C TYR A 451 -17.23 -7.19 -17.39
N TYR A 452 -17.05 -5.89 -17.26
CA TYR A 452 -16.34 -5.36 -16.10
C TYR A 452 -17.33 -4.92 -15.02
N THR A 453 -16.85 -4.85 -13.78
CA THR A 453 -17.55 -4.25 -12.63
C THR A 453 -16.56 -4.20 -11.48
N TRP A 454 -16.95 -3.62 -10.34
CA TRP A 454 -16.06 -3.56 -9.19
C TRP A 454 -16.84 -3.74 -7.90
N GLY A 455 -16.10 -4.11 -6.86
CA GLY A 455 -16.68 -4.28 -5.54
C GLY A 455 -15.74 -3.72 -4.48
N ASP A 456 -16.32 -3.53 -3.29
CA ASP A 456 -15.60 -2.96 -2.14
C ASP A 456 -15.12 -1.54 -2.43
N HIS A 457 -16.06 -0.64 -2.76
CA HIS A 457 -15.75 0.76 -3.03
C HIS A 457 -14.68 0.91 -4.10
N GLY A 458 -14.80 0.13 -5.17
CA GLY A 458 -13.78 0.15 -6.20
C GLY A 458 -12.50 -0.54 -5.82
N GLY A 459 -12.47 -1.24 -4.68
CA GLY A 459 -11.26 -1.90 -4.25
C GLY A 459 -10.83 -3.03 -5.16
N ILE A 460 -11.77 -3.88 -5.56
CA ILE A 460 -11.45 -5.03 -6.40
C ILE A 460 -12.26 -4.95 -7.69
N ILE A 461 -11.58 -4.74 -8.81
CA ILE A 461 -12.22 -4.75 -10.12
C ILE A 461 -12.30 -6.20 -10.57
N THR A 462 -13.13 -6.49 -11.56
CA THR A 462 -13.22 -7.84 -12.09
C THR A 462 -13.77 -7.76 -13.51
N ALA A 463 -13.54 -8.83 -14.28
CA ALA A 463 -13.93 -8.80 -15.69
C ALA A 463 -13.99 -10.19 -16.30
N ILE A 464 -15.11 -10.50 -16.97
CA ILE A 464 -15.26 -11.72 -17.77
C ILE A 464 -15.16 -11.30 -19.22
N ALA A 465 -14.87 -12.24 -20.12
CA ALA A 465 -14.74 -11.94 -21.54
C ALA A 465 -16.01 -12.35 -22.27
N GLN A 466 -16.57 -11.44 -23.05
CA GLN A 466 -17.78 -11.69 -23.82
C GLN A 466 -17.41 -12.19 -25.20
N GLY A 467 -18.29 -12.98 -25.79
CA GLY A 467 -18.01 -13.64 -27.05
C GLY A 467 -18.10 -15.14 -26.93
N MET A 468 -16.98 -15.83 -27.03
CA MET A 468 -16.91 -17.28 -26.92
C MET A 468 -17.11 -17.68 -25.46
N GLU A 469 -17.40 -18.95 -25.24
CA GLU A 469 -17.57 -19.46 -23.88
C GLU A 469 -16.24 -19.43 -23.14
N THR A 470 -16.27 -18.99 -21.89
CA THR A 470 -15.05 -18.83 -21.11
C THR A 470 -15.36 -19.07 -19.64
N ASN A 471 -14.31 -19.38 -18.89
CA ASN A 471 -14.42 -19.61 -17.45
C ASN A 471 -13.26 -18.95 -16.72
N GLU A 472 -12.85 -17.77 -17.16
CA GLU A 472 -11.72 -17.05 -16.58
C GLU A 472 -12.20 -15.76 -15.94
N LEU A 473 -11.93 -15.61 -14.65
CA LEU A 473 -12.32 -14.44 -13.87
C LEU A 473 -11.05 -13.61 -13.61
N LYS A 474 -10.92 -12.49 -14.33
CA LYS A 474 -9.71 -11.67 -14.25
C LYS A 474 -9.92 -10.56 -13.22
N TYR A 475 -9.72 -10.91 -11.95
CA TYR A 475 -9.84 -9.91 -10.91
C TYR A 475 -8.56 -9.08 -10.82
N SER A 476 -8.59 -8.06 -9.97
CA SER A 476 -7.49 -7.11 -9.82
C SER A 476 -7.72 -6.29 -8.58
N THR A 477 -6.63 -5.75 -8.03
CA THR A 477 -6.71 -4.90 -6.84
C THR A 477 -6.01 -3.56 -6.98
N ASN A 478 -5.03 -3.43 -7.88
CA ASN A 478 -4.30 -2.19 -8.05
C ASN A 478 -4.85 -1.33 -9.20
N GLU A 479 -6.17 -1.40 -9.42
CA GLU A 479 -6.86 -0.58 -10.41
C GLU A 479 -6.37 -0.88 -11.83
N GLY A 480 -6.37 -2.16 -12.19
CA GLY A 480 -6.13 -2.57 -13.55
C GLY A 480 -4.68 -2.56 -14.00
N GLU A 481 -3.73 -2.33 -13.09
CA GLU A 481 -2.33 -2.33 -13.49
C GLU A 481 -1.82 -3.75 -13.71
N THR A 482 -2.27 -4.68 -12.87
CA THR A 482 -1.90 -6.09 -12.99
C THR A 482 -3.12 -6.96 -12.71
N TRP A 483 -3.42 -7.87 -13.64
CA TRP A 483 -4.62 -8.69 -13.58
C TRP A 483 -4.26 -10.14 -13.25
N LYS A 484 -4.95 -10.71 -12.28
CA LYS A 484 -4.85 -12.13 -11.96
C LYS A 484 -5.89 -12.89 -12.78
N THR A 485 -6.12 -14.16 -12.44
CA THR A 485 -7.12 -14.95 -13.16
C THR A 485 -7.58 -16.09 -12.27
N PHE A 486 -8.89 -16.31 -12.24
CA PHE A 486 -9.51 -17.37 -11.46
C PHE A 486 -10.49 -18.14 -12.34
N ILE A 487 -10.58 -19.44 -12.11
CA ILE A 487 -11.47 -20.32 -12.87
C ILE A 487 -12.64 -20.70 -11.97
N PHE A 488 -13.85 -20.27 -12.36
CA PHE A 488 -15.03 -20.45 -11.53
C PHE A 488 -15.84 -21.70 -11.89
N SER A 489 -15.39 -22.49 -12.85
CA SER A 489 -16.12 -23.69 -13.25
C SER A 489 -15.12 -24.74 -13.73
N GLU A 490 -15.63 -25.78 -14.37
CA GLU A 490 -14.81 -26.83 -14.95
C GLU A 490 -14.88 -26.88 -16.47
N LYS A 491 -15.97 -26.43 -17.06
CA LYS A 491 -16.09 -26.30 -18.51
C LYS A 491 -16.52 -24.88 -18.86
N PRO A 492 -16.12 -24.37 -20.02
CA PRO A 492 -16.53 -23.02 -20.43
C PRO A 492 -18.04 -22.92 -20.54
N VAL A 493 -18.58 -21.80 -20.06
CA VAL A 493 -20.00 -21.51 -20.13
C VAL A 493 -20.21 -20.10 -20.63
N PHE A 494 -21.27 -19.89 -21.40
CA PHE A 494 -21.60 -18.57 -21.89
C PHE A 494 -22.18 -17.72 -20.76
N VAL A 495 -21.66 -16.50 -20.62
CA VAL A 495 -22.10 -15.58 -19.58
C VAL A 495 -22.85 -14.43 -20.22
N TYR A 496 -23.95 -14.03 -19.59
CA TYR A 496 -24.77 -12.94 -20.08
C TYR A 496 -24.69 -11.69 -19.23
N GLY A 497 -24.13 -11.77 -18.02
CA GLY A 497 -24.00 -10.59 -17.19
C GLY A 497 -23.21 -10.84 -15.93
N LEU A 498 -22.26 -9.96 -15.64
CA LEU A 498 -21.53 -9.96 -14.38
C LEU A 498 -22.10 -8.85 -13.50
N LEU A 499 -22.74 -9.23 -12.40
CA LEU A 499 -23.52 -8.29 -11.61
C LEU A 499 -23.08 -8.35 -10.17
N THR A 500 -23.38 -7.26 -9.45
CA THR A 500 -23.11 -7.15 -8.02
C THR A 500 -24.27 -6.35 -7.42
N GLU A 501 -24.34 -6.36 -6.10
CA GLU A 501 -25.40 -5.65 -5.40
C GLU A 501 -25.39 -4.17 -5.79
N PRO A 502 -26.55 -3.57 -6.09
CA PRO A 502 -26.57 -2.15 -6.44
C PRO A 502 -25.93 -1.31 -5.34
N GLY A 503 -25.16 -0.31 -5.73
CA GLY A 503 -24.24 0.30 -4.80
C GLY A 503 -22.98 -0.53 -4.75
N GLU A 504 -22.35 -0.64 -3.59
CA GLU A 504 -21.09 -1.34 -3.44
C GLU A 504 -21.03 -1.96 -2.05
N LYS A 505 -19.81 -2.23 -1.58
CA LYS A 505 -19.50 -2.79 -0.27
C LYS A 505 -19.68 -4.30 -0.27
N SER A 506 -20.12 -4.85 -1.39
CA SER A 506 -20.35 -6.29 -1.51
C SER A 506 -19.22 -6.91 -2.29
N THR A 507 -18.37 -7.68 -1.61
CA THR A 507 -17.32 -8.42 -2.30
C THR A 507 -17.88 -9.59 -3.09
N VAL A 508 -19.10 -10.03 -2.78
CA VAL A 508 -19.70 -11.18 -3.44
C VAL A 508 -20.14 -10.77 -4.84
N PHE A 509 -19.67 -11.50 -5.84
CA PHE A 509 -20.01 -11.25 -7.24
C PHE A 509 -20.97 -12.32 -7.72
N THR A 510 -21.83 -11.95 -8.67
CA THR A 510 -22.81 -12.86 -9.22
C THR A 510 -22.60 -12.95 -10.73
N ILE A 511 -22.69 -14.18 -11.25
CA ILE A 511 -22.51 -14.44 -12.67
C ILE A 511 -23.77 -15.16 -13.17
N PHE A 512 -24.22 -14.76 -14.36
CA PHE A 512 -25.45 -15.30 -14.92
C PHE A 512 -25.09 -16.06 -16.20
N GLY A 513 -24.84 -17.36 -16.04
CA GLY A 513 -24.49 -18.20 -17.16
C GLY A 513 -25.66 -19.10 -17.54
N SER A 514 -25.51 -19.74 -18.69
CA SER A 514 -26.57 -20.61 -19.19
C SER A 514 -26.03 -21.91 -19.76
N ASN A 515 -24.97 -22.45 -19.15
CA ASN A 515 -24.29 -23.67 -19.60
C ASN A 515 -24.32 -23.86 -21.11
N LYS A 516 -24.88 -24.98 -21.58
CA LYS A 516 -25.01 -25.21 -23.01
C LYS A 516 -26.07 -24.29 -23.59
N GLU A 517 -25.86 -23.88 -24.85
CA GLU A 517 -26.75 -22.91 -25.48
C GLU A 517 -28.03 -23.54 -26.01
N ASN A 518 -28.33 -24.77 -25.61
CA ASN A 518 -29.65 -25.33 -25.87
C ASN A 518 -30.68 -24.52 -25.10
N VAL A 519 -31.46 -23.72 -25.83
CA VAL A 519 -32.28 -22.62 -25.30
C VAL A 519 -31.57 -21.97 -24.11
N HIS A 520 -32.32 -21.59 -23.10
CA HIS A 520 -31.74 -20.98 -21.89
C HIS A 520 -31.87 -21.95 -20.73
N SER A 521 -30.80 -22.02 -19.94
CA SER A 521 -30.72 -22.88 -18.78
C SER A 521 -30.11 -22.12 -17.61
N TRP A 522 -30.66 -20.94 -17.32
CA TRP A 522 -30.07 -19.93 -16.43
C TRP A 522 -29.31 -20.54 -15.24
N LEU A 523 -28.07 -20.14 -15.07
CA LEU A 523 -27.22 -20.53 -13.96
C LEU A 523 -26.85 -19.29 -13.14
N ILE A 524 -26.70 -19.49 -11.84
CA ILE A 524 -26.35 -18.39 -10.96
C ILE A 524 -25.20 -18.83 -10.05
N LEU A 525 -24.04 -18.22 -10.24
CA LEU A 525 -22.88 -18.50 -9.40
C LEU A 525 -22.74 -17.39 -8.36
N GLN A 526 -22.00 -17.66 -7.29
CA GLN A 526 -21.73 -16.65 -6.27
C GLN A 526 -20.26 -16.71 -5.88
N VAL A 527 -19.47 -15.77 -6.40
CA VAL A 527 -18.03 -15.85 -6.27
C VAL A 527 -17.55 -14.88 -5.18
N ASN A 528 -17.44 -15.39 -3.95
CA ASN A 528 -16.91 -14.59 -2.86
C ASN A 528 -15.44 -14.28 -3.11
N ALA A 529 -15.03 -13.03 -2.88
CA ALA A 529 -13.65 -12.62 -3.12
C ALA A 529 -13.08 -11.88 -1.92
N THR A 530 -13.51 -12.24 -0.72
CA THR A 530 -13.05 -11.54 0.48
C THR A 530 -11.58 -11.82 0.76
N ASP A 531 -11.12 -13.04 0.51
CA ASP A 531 -9.77 -13.44 0.87
C ASP A 531 -8.71 -12.83 -0.03
N ALA A 532 -9.08 -12.31 -1.20
CA ALA A 532 -8.12 -11.72 -2.12
C ALA A 532 -7.65 -10.34 -1.70
N LEU A 533 -8.25 -9.76 -0.66
CA LEU A 533 -7.88 -8.43 -0.19
C LEU A 533 -7.07 -8.45 1.11
N GLY A 534 -6.97 -9.59 1.78
CA GLY A 534 -6.07 -9.73 2.90
C GLY A 534 -6.59 -9.27 4.25
N VAL A 535 -6.20 -8.06 4.61
CA VAL A 535 -6.50 -7.62 5.95
C VAL A 535 -6.97 -6.22 6.15
N PRO A 536 -7.53 -5.91 7.31
CA PRO A 536 -8.10 -4.60 7.56
C PRO A 536 -7.21 -3.50 7.11
N CYS A 537 -7.66 -2.32 6.75
CA CYS A 537 -6.75 -1.34 6.26
C CYS A 537 -6.32 -0.54 7.39
N THR A 538 -5.47 0.44 7.14
CA THR A 538 -4.90 1.17 8.26
C THR A 538 -4.63 2.57 7.88
N GLU A 539 -4.45 3.43 8.84
CA GLU A 539 -4.40 4.85 8.54
C GLU A 539 -3.25 5.22 7.59
N ASN A 540 -2.25 4.35 7.47
CA ASN A 540 -1.14 4.62 6.55
C ASN A 540 -1.59 4.54 5.10
N ASP A 541 -2.55 3.68 4.78
CA ASP A 541 -2.96 3.49 3.43
C ASP A 541 -4.02 4.37 2.95
N TYR A 542 -4.00 5.65 3.16
CA TYR A 542 -4.92 6.54 2.58
C TYR A 542 -4.21 7.76 2.17
N LYS A 543 -4.88 8.70 1.63
CA LYS A 543 -4.36 9.99 1.19
C LYS A 543 -5.52 10.96 1.04
N LEU A 544 -5.25 12.13 0.49
CA LEU A 544 -6.27 13.13 0.22
C LEU A 544 -6.23 13.46 -1.26
N TRP A 545 -7.24 13.00 -2.01
CA TRP A 545 -7.31 13.19 -3.44
C TRP A 545 -8.37 14.22 -3.79
N SER A 546 -8.06 15.09 -4.74
CA SER A 546 -8.96 16.09 -5.28
C SER A 546 -8.99 15.95 -6.79
N PRO A 547 -10.12 16.29 -7.43
CA PRO A 547 -10.22 16.14 -8.89
C PRO A 547 -9.07 16.78 -9.65
N SER A 548 -8.27 15.96 -10.32
CA SER A 548 -7.08 16.43 -11.04
C SER A 548 -7.45 16.70 -12.49
N ASP A 549 -7.36 17.96 -12.89
CA ASP A 549 -7.64 18.33 -14.27
C ASP A 549 -6.41 18.09 -15.14
N GLU A 550 -6.60 18.22 -16.45
CA GLU A 550 -5.53 17.97 -17.42
C GLU A 550 -4.35 18.91 -17.23
N ARG A 551 -4.63 20.21 -17.06
CA ARG A 551 -3.56 21.19 -16.91
C ARG A 551 -2.86 21.05 -15.57
N GLY A 552 -3.58 20.65 -14.53
CA GLY A 552 -3.00 20.39 -13.23
C GLY A 552 -3.31 21.41 -12.16
N ASN A 553 -3.81 22.60 -12.52
CA ASN A 553 -4.20 23.61 -11.53
C ASN A 553 -5.60 23.31 -10.99
N GLU A 554 -5.67 22.24 -10.20
CA GLU A 554 -6.93 21.61 -9.80
C GLU A 554 -7.84 22.51 -8.96
N CYS A 555 -7.40 23.74 -8.68
CA CYS A 555 -8.21 24.70 -7.94
C CYS A 555 -9.14 25.41 -8.92
N LEU A 556 -10.34 24.85 -9.09
CA LEU A 556 -11.33 25.40 -9.99
C LEU A 556 -12.66 25.60 -9.25
N LEU A 557 -13.57 26.31 -9.92
CA LEU A 557 -14.96 26.48 -9.48
C LEU A 557 -15.08 27.22 -8.16
N GLY A 558 -13.98 27.76 -7.64
CA GLY A 558 -14.04 28.58 -6.44
C GLY A 558 -14.21 27.80 -5.15
N HIS A 559 -14.12 26.48 -5.20
CA HIS A 559 -14.17 25.65 -4.00
C HIS A 559 -13.59 24.28 -4.32
N LYS A 560 -13.12 23.61 -3.29
CA LYS A 560 -12.43 22.33 -3.42
C LYS A 560 -13.20 21.24 -2.66
N THR A 561 -12.83 19.99 -2.95
CA THR A 561 -13.36 18.83 -2.26
C THR A 561 -12.29 17.76 -2.25
N VAL A 562 -12.01 17.19 -1.09
CA VAL A 562 -10.95 16.21 -0.92
C VAL A 562 -11.56 14.91 -0.42
N PHE A 563 -11.18 13.80 -1.06
CA PHE A 563 -11.65 12.48 -0.71
C PHE A 563 -10.52 11.67 -0.11
N LYS A 564 -10.82 10.95 0.97
CA LYS A 564 -9.87 10.04 1.61
C LYS A 564 -10.09 8.65 1.04
N ARG A 565 -9.28 8.28 0.06
CA ARG A 565 -9.42 7.01 -0.63
C ARG A 565 -8.10 6.25 -0.64
N ARG A 566 -8.13 4.94 -0.69
CA ARG A 566 -6.96 4.16 -0.58
C ARG A 566 -6.08 4.31 -1.70
N THR A 567 -4.80 4.07 -1.52
CA THR A 567 -3.70 4.13 -2.48
C THR A 567 -3.76 2.94 -3.43
N PRO A 568 -3.30 3.11 -4.67
CA PRO A 568 -3.46 2.04 -5.67
C PRO A 568 -2.77 0.73 -5.31
N HIS A 569 -1.51 0.81 -4.90
CA HIS A 569 -0.71 -0.39 -4.70
C HIS A 569 -1.07 -1.13 -3.41
N ALA A 570 -1.69 -0.44 -2.45
CA ALA A 570 -2.05 -1.06 -1.18
C ALA A 570 -3.00 -2.23 -1.39
N THR A 571 -2.90 -3.26 -0.55
CA THR A 571 -3.75 -4.44 -0.65
C THR A 571 -4.34 -4.71 0.73
N CYS A 572 -5.44 -3.98 1.00
CA CYS A 572 -6.19 -4.10 2.25
C CYS A 572 -7.73 -3.71 2.16
N PHE A 573 -8.71 -4.38 2.82
CA PHE A 573 -10.15 -4.10 2.76
C PHE A 573 -10.41 -2.63 2.86
N ASN A 574 -11.13 -1.98 1.93
CA ASN A 574 -11.27 -0.50 1.81
C ASN A 574 -12.21 -0.08 2.71
N GLY A 575 -12.42 -0.93 3.65
CA GLY A 575 -13.44 -0.60 4.61
C GLY A 575 -14.81 -0.93 4.05
N GLU A 576 -15.87 -0.66 4.81
CA GLU A 576 -17.21 -0.94 4.33
C GLU A 576 -18.18 0.15 4.76
N ASP A 577 -17.69 1.18 5.46
CA ASP A 577 -18.63 2.07 6.12
C ASP A 577 -18.62 3.53 5.67
N PHE A 578 -17.47 4.22 5.79
CA PHE A 578 -17.56 5.67 5.99
C PHE A 578 -16.62 6.50 5.13
N ASP A 579 -16.60 6.28 3.82
CA ASP A 579 -15.91 7.22 2.93
C ASP A 579 -16.67 8.53 2.91
N ARG A 580 -15.96 9.65 3.15
CA ARG A 580 -16.65 10.93 3.17
C ARG A 580 -15.67 12.07 2.98
N PRO A 581 -15.97 13.05 2.12
CA PRO A 581 -15.19 14.29 2.09
C PRO A 581 -15.55 15.20 3.26
N VAL A 582 -14.90 15.00 4.40
CA VAL A 582 -15.31 15.66 5.64
C VAL A 582 -15.26 17.18 5.50
N VAL A 583 -14.37 17.70 4.66
CA VAL A 583 -14.21 19.14 4.49
C VAL A 583 -14.45 19.49 3.02
N VAL A 584 -15.31 20.49 2.80
CA VAL A 584 -15.45 21.11 1.49
C VAL A 584 -14.62 22.38 1.51
N SER A 585 -13.36 22.28 1.09
CA SER A 585 -12.42 23.39 1.23
C SER A 585 -12.77 24.51 0.27
N ASN A 586 -12.86 25.73 0.79
CA ASN A 586 -13.25 26.81 -0.07
C ASN A 586 -11.98 27.42 -0.51
N CYS A 587 -10.89 26.83 -0.04
CA CYS A 587 -9.58 27.33 -0.38
C CYS A 587 -9.46 28.65 0.27
N SER A 588 -9.84 29.70 -0.44
CA SER A 588 -9.73 31.04 0.07
C SER A 588 -10.22 31.92 -1.03
N CYS A 589 -11.53 31.94 -1.27
CA CYS A 589 -12.07 32.69 -2.42
C CYS A 589 -11.04 33.71 -2.87
N THR A 590 -10.24 33.35 -3.86
CA THR A 590 -9.14 34.22 -4.28
C THR A 590 -9.42 35.27 -5.31
N ARG A 591 -8.42 35.54 -6.13
CA ARG A 591 -8.53 36.59 -7.13
C ARG A 591 -8.94 36.03 -8.47
N GLU A 592 -8.60 34.78 -8.75
CA GLU A 592 -9.10 34.25 -10.02
C GLU A 592 -10.61 34.35 -10.10
N ASP A 593 -11.24 34.03 -8.98
CA ASP A 593 -12.68 34.02 -8.92
C ASP A 593 -13.21 35.35 -9.27
N TYR A 594 -12.67 36.38 -8.62
CA TYR A 594 -13.24 37.69 -8.81
C TYR A 594 -12.70 38.40 -10.04
N GLU A 595 -13.26 39.56 -10.30
CA GLU A 595 -12.85 40.38 -11.44
C GLU A 595 -13.72 41.62 -11.44
N CYS A 596 -13.29 42.62 -12.21
CA CYS A 596 -14.06 43.86 -12.34
C CYS A 596 -15.34 43.61 -13.12
N ASP A 597 -16.43 44.23 -12.68
CA ASP A 597 -17.71 44.12 -13.35
C ASP A 597 -17.92 45.32 -14.27
N PHE A 598 -19.10 45.39 -14.89
CA PHE A 598 -19.43 46.50 -15.77
C PHE A 598 -19.44 47.80 -14.99
N GLY A 599 -18.81 48.83 -15.56
CA GLY A 599 -18.68 50.11 -14.89
C GLY A 599 -17.50 50.23 -13.95
N PHE A 600 -16.69 49.19 -13.82
CA PHE A 600 -15.52 49.20 -12.95
C PHE A 600 -14.25 49.04 -13.77
N LYS A 601 -13.15 49.58 -13.25
CA LYS A 601 -11.89 49.58 -13.97
C LYS A 601 -10.74 49.69 -12.98
N MET A 602 -9.53 49.62 -13.51
CA MET A 602 -8.33 49.75 -12.70
C MET A 602 -8.21 51.15 -12.11
N SER A 603 -7.62 51.23 -10.92
CA SER A 603 -7.37 52.51 -10.28
C SER A 603 -6.12 53.17 -10.87
N GLU A 604 -5.82 54.36 -10.37
CA GLU A 604 -4.60 55.06 -10.81
C GLU A 604 -3.36 54.26 -10.46
N ASP A 605 -3.31 53.70 -9.25
CA ASP A 605 -2.25 52.78 -8.84
C ASP A 605 -2.82 51.37 -8.90
N LEU A 606 -2.21 50.54 -9.74
CA LEU A 606 -2.63 49.16 -9.92
C LEU A 606 -2.68 48.43 -8.58
N SER A 607 -1.52 48.28 -7.95
CA SER A 607 -1.35 47.70 -6.62
C SER A 607 -2.37 46.64 -6.26
N LEU A 608 -3.43 47.04 -5.54
CA LEU A 608 -4.44 46.13 -5.04
C LEU A 608 -5.39 45.67 -6.14
N GLU A 609 -5.28 46.28 -7.33
CA GLU A 609 -6.19 46.02 -8.44
C GLU A 609 -7.63 46.26 -8.03
N VAL A 610 -7.87 47.35 -7.29
CA VAL A 610 -9.21 47.66 -6.81
C VAL A 610 -10.08 48.09 -8.00
N CYS A 611 -11.29 47.52 -8.07
CA CYS A 611 -12.22 47.85 -9.15
C CYS A 611 -12.95 49.15 -8.85
N VAL A 612 -12.36 50.27 -9.25
CA VAL A 612 -12.95 51.58 -8.97
C VAL A 612 -14.00 51.88 -10.04
N PRO A 613 -15.11 52.54 -9.68
CA PRO A 613 -16.09 52.92 -10.70
C PRO A 613 -15.49 53.86 -11.73
N ASP A 614 -15.89 53.70 -12.98
CA ASP A 614 -15.34 54.49 -14.07
C ASP A 614 -15.87 55.93 -13.98
N PRO A 615 -15.00 56.93 -13.88
CA PRO A 615 -15.49 58.32 -13.87
C PRO A 615 -16.19 58.74 -15.16
N GLU A 616 -15.96 58.03 -16.26
CA GLU A 616 -16.58 58.37 -17.54
C GLU A 616 -18.09 58.15 -17.54
N PHE A 617 -18.64 57.47 -16.53
CA PHE A 617 -20.07 57.23 -16.47
C PHE A 617 -20.88 58.49 -16.14
N SER A 618 -20.20 59.58 -15.77
CA SER A 618 -20.86 60.86 -15.49
C SER A 618 -21.84 60.76 -14.32
N GLY A 619 -21.56 59.86 -13.38
CA GLY A 619 -22.36 59.78 -12.17
C GLY A 619 -23.75 59.23 -12.34
N LYS A 620 -24.01 58.47 -13.39
CA LYS A 620 -25.32 57.86 -13.59
C LYS A 620 -25.39 56.43 -13.06
N SER A 621 -24.34 55.95 -12.40
CA SER A 621 -24.35 54.61 -11.81
C SER A 621 -25.32 54.51 -10.64
N TYR A 622 -25.67 55.64 -10.01
CA TYR A 622 -26.61 55.68 -8.91
C TYR A 622 -28.06 55.85 -9.38
N SER A 623 -28.32 55.66 -10.67
CA SER A 623 -29.64 55.91 -11.23
C SER A 623 -30.65 54.87 -10.72
N PRO A 624 -31.91 55.28 -10.56
CA PRO A 624 -32.96 54.33 -10.14
C PRO A 624 -33.13 53.17 -11.10
N PRO A 625 -32.82 53.31 -12.41
CA PRO A 625 -32.88 52.13 -13.28
C PRO A 625 -31.86 51.06 -12.94
N VAL A 626 -31.97 50.51 -11.73
CA VAL A 626 -31.18 49.35 -11.31
C VAL A 626 -32.12 48.33 -10.70
N PRO A 627 -31.80 47.03 -10.78
CA PRO A 627 -32.71 46.02 -10.22
C PRO A 627 -32.66 45.94 -8.70
N CYS A 628 -31.90 46.82 -8.07
CA CYS A 628 -31.74 46.79 -6.62
C CYS A 628 -32.26 48.08 -5.99
N PRO A 629 -33.52 48.11 -5.55
CA PRO A 629 -34.03 49.28 -4.85
C PRO A 629 -33.35 49.46 -3.50
N VAL A 630 -33.28 50.72 -3.05
CA VAL A 630 -32.67 51.04 -1.76
C VAL A 630 -33.65 50.73 -0.64
N GLY A 631 -33.17 50.68 0.59
CA GLY A 631 -33.99 50.39 1.74
C GLY A 631 -33.82 48.96 2.24
N SER A 632 -34.22 48.75 3.49
CA SER A 632 -34.14 47.45 4.17
C SER A 632 -32.67 47.04 4.22
N THR A 633 -32.36 45.75 4.09
CA THR A 633 -30.97 45.28 4.09
C THR A 633 -30.43 45.43 2.68
N TYR A 634 -29.64 46.49 2.46
CA TYR A 634 -29.13 46.80 1.13
C TYR A 634 -27.77 46.14 0.92
N ARG A 635 -27.45 45.89 -0.36
CA ARG A 635 -26.19 45.29 -0.74
C ARG A 635 -25.14 46.38 -0.84
N ARG A 636 -24.16 46.35 0.08
CA ARG A 636 -23.07 47.33 0.10
C ARG A 636 -21.81 46.66 -0.43
N THR A 637 -21.18 47.28 -1.42
CA THR A 637 -19.97 46.76 -2.03
C THR A 637 -18.97 47.89 -2.23
N ARG A 638 -17.68 47.54 -2.21
CA ARG A 638 -16.60 48.47 -2.46
C ARG A 638 -16.07 48.35 -3.89
N GLY A 639 -16.77 47.62 -4.76
CA GLY A 639 -16.32 47.37 -6.12
C GLY A 639 -16.17 45.90 -6.47
N TYR A 640 -16.48 44.98 -5.55
CA TYR A 640 -16.37 43.55 -5.80
C TYR A 640 -17.64 42.85 -5.37
N ARG A 641 -18.00 41.78 -6.07
CA ARG A 641 -19.12 40.94 -5.68
C ARG A 641 -18.89 39.53 -6.20
N LYS A 642 -19.49 38.56 -5.51
CA LYS A 642 -19.33 37.18 -5.91
C LYS A 642 -20.18 36.78 -7.12
N ILE A 643 -19.57 36.14 -8.11
CA ILE A 643 -20.26 35.74 -9.32
C ILE A 643 -21.32 34.70 -8.99
N SER A 644 -22.51 34.85 -9.59
CA SER A 644 -23.60 33.93 -9.33
C SER A 644 -23.22 32.51 -9.71
N GLY A 645 -23.67 31.56 -8.89
CA GLY A 645 -23.33 30.16 -9.08
C GLY A 645 -22.07 29.70 -8.38
N ASP A 646 -21.35 30.61 -7.73
CA ASP A 646 -20.15 30.27 -6.96
C ASP A 646 -20.41 30.57 -5.49
N THR A 647 -19.85 29.74 -4.60
CA THR A 647 -20.06 29.86 -3.16
C THR A 647 -18.71 29.69 -2.45
N CYS A 648 -18.19 30.85 -2.01
CA CYS A 648 -16.95 30.86 -1.26
C CYS A 648 -17.20 30.88 0.25
N SER A 649 -16.81 29.82 0.96
CA SER A 649 -17.05 29.74 2.41
C SER A 649 -15.69 29.52 3.07
N GLY A 650 -14.88 30.56 3.28
CA GLY A 650 -13.54 30.34 3.84
C GLY A 650 -12.48 31.29 3.27
N GLY A 651 -11.77 32.03 4.14
CA GLY A 651 -10.80 32.99 3.63
C GLY A 651 -11.01 34.39 4.17
N ASP A 652 -9.96 34.96 4.77
CA ASP A 652 -10.08 36.28 5.37
C ASP A 652 -10.12 37.40 4.33
N VAL A 653 -9.48 37.19 3.17
CA VAL A 653 -9.52 38.19 2.12
C VAL A 653 -10.93 38.34 1.58
N GLU A 654 -11.68 37.25 1.56
CA GLU A 654 -13.03 37.32 1.04
C GLU A 654 -13.85 38.30 1.86
N ALA A 655 -13.70 38.30 3.17
CA ALA A 655 -14.54 39.11 4.05
C ALA A 655 -14.33 40.60 3.79
N ARG A 656 -15.43 41.35 3.85
CA ARG A 656 -15.43 42.81 3.79
C ARG A 656 -14.84 43.35 2.48
N LEU A 657 -15.02 42.61 1.38
CA LEU A 657 -14.65 43.12 0.07
C LEU A 657 -15.77 42.91 -0.94
N GLU A 658 -16.62 41.91 -0.71
CA GLU A 658 -17.72 41.60 -1.59
C GLU A 658 -19.01 42.24 -1.07
N GLY A 659 -20.08 42.07 -1.83
CA GLY A 659 -21.37 42.61 -1.45
C GLY A 659 -21.90 42.03 -0.15
N GLU A 660 -22.25 42.91 0.79
CA GLU A 660 -22.71 42.51 2.11
C GLU A 660 -24.12 43.05 2.34
N LEU A 661 -24.98 42.22 2.93
CA LEU A 661 -26.34 42.61 3.25
C LEU A 661 -26.33 43.45 4.53
N VAL A 662 -26.10 44.75 4.37
CA VAL A 662 -26.06 45.67 5.50
C VAL A 662 -27.49 46.06 5.86
N PRO A 663 -27.94 45.83 7.09
CA PRO A 663 -29.30 46.19 7.52
C PRO A 663 -29.47 47.69 7.71
N PRO B 1 2.33 -17.18 -9.43
CA PRO B 1 2.96 -15.97 -8.91
C PRO B 1 4.46 -16.15 -8.66
N ILE B 2 4.86 -17.39 -8.36
CA ILE B 2 6.25 -17.73 -8.09
C ILE B 2 6.63 -18.93 -8.96
N LYS B 3 7.75 -18.82 -9.67
CA LYS B 3 8.18 -19.85 -10.59
C LYS B 3 9.58 -20.34 -10.24
N VAL B 4 9.81 -21.63 -10.51
CA VAL B 4 11.13 -22.24 -10.32
C VAL B 4 11.78 -22.38 -11.69
N TYR B 5 13.05 -21.94 -11.78
CA TYR B 5 13.76 -21.94 -13.05
C TYR B 5 15.09 -22.68 -12.99
N GLY B 6 15.38 -23.39 -11.92
CA GLY B 6 16.57 -24.20 -11.86
C GLY B 6 16.48 -25.38 -10.92
N GLN B 7 16.75 -26.58 -11.43
CA GLN B 7 16.75 -27.80 -10.62
C GLN B 7 18.02 -28.57 -10.98
N VAL B 8 19.04 -28.46 -10.13
CA VAL B 8 20.32 -29.10 -10.39
C VAL B 8 20.43 -30.36 -9.55
N SER B 9 21.11 -31.37 -10.05
CA SER B 9 21.33 -32.60 -9.30
C SER B 9 22.82 -32.88 -9.24
N LEU B 10 23.32 -33.09 -8.03
CA LEU B 10 24.74 -33.32 -7.80
C LEU B 10 24.92 -34.72 -7.26
N ASN B 11 25.72 -35.54 -7.95
CA ASN B 11 25.91 -36.92 -7.57
C ASN B 11 27.06 -37.08 -6.56
N ASP B 12 26.99 -36.34 -5.47
CA ASP B 12 27.98 -36.43 -4.39
C ASP B 12 27.29 -36.87 -3.11
N SER B 13 28.10 -37.27 -2.13
CA SER B 13 27.55 -37.75 -0.86
C SER B 13 28.26 -37.09 0.32
N HIS B 14 28.81 -35.90 0.11
CA HIS B 14 29.49 -35.19 1.17
C HIS B 14 28.47 -34.55 2.12
N ASN B 15 28.89 -34.37 3.38
CA ASN B 15 28.01 -33.93 4.45
C ASN B 15 28.19 -32.46 4.79
N GLN B 16 28.75 -31.68 3.87
CA GLN B 16 28.93 -30.24 4.12
C GLN B 16 29.17 -29.50 2.82
N MET B 17 28.56 -28.33 2.67
CA MET B 17 28.71 -27.53 1.47
C MET B 17 28.91 -26.07 1.85
N VAL B 18 29.96 -25.45 1.31
CA VAL B 18 30.24 -24.04 1.52
C VAL B 18 30.05 -23.34 0.18
N VAL B 19 29.18 -22.34 0.15
CA VAL B 19 28.78 -21.68 -1.08
C VAL B 19 29.23 -20.23 -1.05
N HIS B 20 29.73 -19.74 -2.18
CA HIS B 20 30.17 -18.37 -2.31
C HIS B 20 29.50 -17.73 -3.51
N TRP B 21 28.91 -16.56 -3.30
CA TRP B 21 28.29 -15.77 -4.35
C TRP B 21 29.26 -14.69 -4.80
N ALA B 22 29.65 -14.73 -6.06
CA ALA B 22 30.78 -13.95 -6.57
C ALA B 22 30.26 -12.67 -7.22
N GLY B 23 30.51 -11.55 -6.57
CA GLY B 23 30.35 -10.24 -7.18
C GLY B 23 28.91 -9.76 -7.15
N GLU B 24 28.73 -8.54 -7.65
CA GLU B 24 27.41 -7.91 -7.69
C GLU B 24 26.74 -8.08 -9.06
N LYS B 25 27.39 -7.57 -10.10
CA LYS B 25 26.82 -7.63 -11.45
C LYS B 25 27.14 -8.93 -12.17
N SER B 26 28.03 -9.74 -11.64
CA SER B 26 28.34 -11.05 -12.19
C SER B 26 27.41 -12.10 -11.60
N ASN B 27 27.17 -13.16 -12.38
CA ASN B 27 26.34 -14.27 -11.95
C ASN B 27 27.24 -15.50 -11.88
N VAL B 28 27.94 -15.65 -10.76
CA VAL B 28 28.85 -16.76 -10.55
C VAL B 28 28.66 -17.28 -9.14
N ILE B 29 28.49 -18.59 -9.01
CA ILE B 29 28.37 -19.24 -7.72
C ILE B 29 29.40 -20.35 -7.65
N VAL B 30 30.20 -20.37 -6.59
CA VAL B 30 31.24 -21.38 -6.41
C VAL B 30 30.92 -22.18 -5.16
N ALA B 31 30.74 -23.49 -5.32
CA ALA B 31 30.42 -24.37 -4.22
C ALA B 31 31.55 -25.38 -4.02
N LEU B 32 31.78 -25.76 -2.78
CA LEU B 32 32.84 -26.73 -2.44
C LEU B 32 32.27 -27.69 -1.40
N ALA B 33 31.80 -28.85 -1.86
CA ALA B 33 31.24 -29.84 -0.97
C ALA B 33 32.36 -30.63 -0.31
N ARG B 34 32.88 -30.12 0.81
CA ARG B 34 33.96 -30.80 1.50
C ARG B 34 33.41 -31.90 2.40
N ASP B 35 34.26 -32.51 3.21
CA ASP B 35 33.88 -33.70 3.95
C ASP B 35 33.99 -33.43 5.44
N SER B 36 33.17 -34.14 6.21
CA SER B 36 33.18 -34.10 7.67
C SER B 36 33.01 -32.69 8.21
N LEU B 37 33.93 -32.26 9.06
CA LEU B 37 33.85 -30.96 9.71
C LEU B 37 35.25 -30.41 9.96
N ALA B 38 35.35 -29.40 10.82
CA ALA B 38 36.65 -28.86 11.24
C ALA B 38 37.20 -29.64 12.43
N LEU B 39 37.27 -30.96 12.29
CA LEU B 39 37.72 -31.84 13.35
C LEU B 39 38.94 -32.66 12.99
N ALA B 40 39.01 -33.18 11.76
CA ALA B 40 40.14 -33.99 11.33
C ALA B 40 40.43 -33.66 9.86
N ARG B 41 41.29 -34.46 9.24
CA ARG B 41 41.66 -34.26 7.86
C ARG B 41 40.62 -34.87 6.92
N PRO B 42 40.11 -34.09 5.96
CA PRO B 42 39.14 -34.61 4.99
C PRO B 42 39.65 -35.81 4.20
N LYS B 43 38.78 -36.43 3.41
CA LYS B 43 39.15 -37.57 2.59
C LYS B 43 38.86 -37.29 1.13
N SER B 44 37.89 -36.43 0.86
CA SER B 44 37.51 -36.09 -0.51
C SER B 44 36.92 -34.69 -0.51
N SER B 45 36.93 -34.06 -1.68
CA SER B 45 36.37 -32.74 -1.86
C SER B 45 36.09 -32.51 -3.34
N ASP B 46 35.07 -31.71 -3.61
CA ASP B 46 34.66 -31.40 -4.97
C ASP B 46 34.40 -29.91 -5.07
N VAL B 47 34.54 -29.38 -6.29
CA VAL B 47 34.31 -27.96 -6.54
C VAL B 47 33.39 -27.83 -7.74
N TYR B 48 32.29 -27.09 -7.56
CA TYR B 48 31.34 -26.83 -8.64
C TYR B 48 31.27 -25.32 -8.88
N VAL B 49 31.07 -24.94 -10.14
CA VAL B 49 31.02 -23.54 -10.53
C VAL B 49 29.80 -23.33 -11.42
N SER B 50 29.21 -22.15 -11.29
CA SER B 50 28.06 -21.79 -12.13
C SER B 50 28.17 -20.34 -12.62
N TYR B 51 28.06 -20.14 -13.93
CA TYR B 51 28.17 -18.82 -14.53
C TYR B 51 26.82 -18.24 -14.95
N ASP B 52 25.72 -18.91 -14.64
CA ASP B 52 24.39 -18.32 -14.80
C ASP B 52 23.61 -18.52 -13.51
N TYR B 53 23.89 -17.66 -12.52
CA TYR B 53 23.17 -17.54 -11.26
C TYR B 53 22.62 -18.86 -10.73
N GLY B 54 23.44 -19.91 -10.73
CA GLY B 54 23.03 -21.19 -10.18
C GLY B 54 22.02 -21.96 -10.98
N LYS B 55 21.77 -21.60 -12.24
CA LYS B 55 20.83 -22.34 -13.08
C LYS B 55 21.33 -23.76 -13.30
N SER B 56 22.60 -23.91 -13.66
CA SER B 56 23.24 -25.21 -13.85
C SER B 56 24.62 -25.21 -13.21
N PHE B 57 25.06 -26.40 -12.80
CA PHE B 57 26.33 -26.54 -12.10
C PHE B 57 27.18 -27.56 -12.82
N LYS B 58 28.45 -27.23 -13.04
CA LYS B 58 29.40 -28.12 -13.70
C LYS B 58 30.58 -28.39 -12.78
N LYS B 59 30.89 -29.66 -12.57
CA LYS B 59 32.05 -30.02 -11.76
C LYS B 59 33.32 -29.54 -12.43
N ILE B 60 34.25 -29.00 -11.64
CA ILE B 60 35.45 -28.41 -12.19
C ILE B 60 36.68 -28.95 -11.47
N SER B 61 36.49 -29.99 -10.65
CA SER B 61 37.60 -30.56 -9.91
C SER B 61 38.64 -31.22 -10.81
N ASP B 62 38.29 -31.51 -12.06
CA ASP B 62 39.25 -32.14 -12.97
C ASP B 62 40.42 -31.22 -13.28
N LYS B 63 40.18 -29.91 -13.37
CA LYS B 63 41.27 -28.98 -13.63
C LYS B 63 42.27 -28.94 -12.48
N LEU B 64 41.82 -29.20 -11.25
CA LEU B 64 42.71 -29.16 -10.09
C LEU B 64 43.51 -30.47 -10.05
N ASN B 65 44.61 -30.47 -10.81
CA ASN B 65 45.51 -31.60 -10.89
C ASN B 65 46.92 -31.17 -10.53
N PHE B 66 47.70 -32.12 -10.02
CA PHE B 66 49.07 -31.86 -9.60
C PHE B 66 50.04 -31.72 -10.77
N GLY B 67 49.54 -31.65 -12.00
CA GLY B 67 50.38 -31.52 -13.17
C GLY B 67 50.88 -32.87 -13.66
N LEU B 68 51.72 -32.80 -14.69
CA LEU B 68 52.30 -34.01 -15.26
C LEU B 68 53.29 -34.65 -14.29
N GLY B 69 53.35 -35.98 -14.29
CA GLY B 69 54.23 -36.71 -13.42
C GLY B 69 53.63 -37.13 -12.10
N ASN B 70 52.37 -36.79 -11.83
CA ASN B 70 51.73 -37.17 -10.58
C ASN B 70 50.25 -37.43 -10.86
N ARG B 71 49.82 -38.66 -10.61
CA ARG B 71 48.43 -39.06 -10.80
C ARG B 71 47.59 -38.92 -9.53
N SER B 72 48.16 -38.39 -8.45
CA SER B 72 47.42 -38.25 -7.20
C SER B 72 46.25 -37.29 -7.37
N GLU B 73 45.14 -37.61 -6.73
CA GLU B 73 43.94 -36.78 -6.79
C GLU B 73 43.88 -35.92 -5.53
N ALA B 74 43.90 -34.60 -5.73
CA ALA B 74 43.99 -33.67 -4.62
C ALA B 74 42.65 -33.49 -3.92
N VAL B 75 42.72 -33.09 -2.66
CA VAL B 75 41.55 -32.77 -1.86
C VAL B 75 41.70 -31.34 -1.35
N ILE B 76 40.67 -30.53 -1.55
CA ILE B 76 40.70 -29.11 -1.22
C ILE B 76 40.00 -28.89 0.11
N ALA B 77 40.71 -28.23 1.03
CA ALA B 77 40.18 -27.96 2.36
C ALA B 77 39.32 -26.69 2.37
N GLN B 78 39.88 -25.57 1.95
CA GLN B 78 39.17 -24.30 1.91
C GLN B 78 39.50 -23.58 0.61
N PHE B 79 38.68 -22.61 0.26
CA PHE B 79 38.98 -21.73 -0.86
C PHE B 79 38.73 -20.29 -0.43
N TYR B 80 39.67 -19.42 -0.79
CA TYR B 80 39.68 -18.03 -0.38
C TYR B 80 39.30 -17.13 -1.54
N HIS B 81 38.59 -16.05 -1.23
CA HIS B 81 38.11 -15.09 -2.23
C HIS B 81 38.65 -13.72 -1.87
N SER B 82 39.28 -13.07 -2.83
CA SER B 82 39.94 -11.79 -2.57
C SER B 82 38.91 -10.71 -2.28
N PRO B 83 38.99 -10.03 -1.13
CA PRO B 83 37.99 -9.00 -0.82
C PRO B 83 37.94 -7.85 -1.82
N ALA B 84 39.07 -7.45 -2.37
CA ALA B 84 39.15 -6.24 -3.19
C ALA B 84 39.06 -6.57 -4.68
N ASP B 85 38.83 -7.85 -4.97
CA ASP B 85 38.72 -8.30 -6.34
C ASP B 85 37.95 -9.62 -6.41
N ASN B 86 36.75 -9.60 -6.99
CA ASN B 86 35.91 -10.79 -7.02
C ASN B 86 36.33 -11.79 -8.09
N LYS B 87 37.27 -11.45 -8.97
CA LYS B 87 37.69 -12.34 -10.04
C LYS B 87 38.79 -13.30 -9.63
N ARG B 88 39.44 -13.08 -8.49
CA ARG B 88 40.58 -13.88 -8.07
C ARG B 88 40.18 -14.81 -6.92
N TYR B 89 40.61 -16.07 -7.04
CA TYR B 89 40.30 -17.09 -6.05
C TYR B 89 41.58 -17.84 -5.71
N ILE B 90 41.57 -18.55 -4.60
CA ILE B 90 42.69 -19.43 -4.23
C ILE B 90 42.15 -20.72 -3.64
N PHE B 91 42.69 -21.85 -4.09
CA PHE B 91 42.35 -23.15 -3.53
C PHE B 91 43.59 -23.74 -2.86
N ALA B 92 43.42 -24.26 -1.65
CA ALA B 92 44.53 -24.82 -0.89
C ALA B 92 44.47 -26.34 -0.94
N ASP B 93 45.42 -26.98 -0.27
CA ASP B 93 45.46 -28.43 -0.15
C ASP B 93 45.82 -28.79 1.29
N ALA B 94 45.30 -29.94 1.73
CA ALA B 94 45.41 -30.37 3.13
C ALA B 94 46.40 -31.51 3.29
N TYR B 95 47.09 -31.90 2.21
CA TYR B 95 48.04 -33.00 2.29
C TYR B 95 49.41 -32.61 1.74
N ALA B 96 49.43 -31.80 0.69
CA ALA B 96 50.66 -31.45 0.00
C ALA B 96 50.80 -29.93 -0.09
N GLN B 97 52.03 -29.45 -0.03
CA GLN B 97 52.32 -28.02 -0.06
C GLN B 97 52.09 -27.49 -1.47
N TYR B 98 50.88 -27.01 -1.77
CA TYR B 98 50.57 -26.71 -3.16
C TYR B 98 49.27 -25.91 -3.25
N LEU B 99 49.25 -24.84 -4.05
CA LEU B 99 48.13 -23.92 -4.12
C LEU B 99 47.66 -23.76 -5.56
N TRP B 100 46.36 -23.89 -5.79
CA TRP B 100 45.81 -23.52 -7.09
C TRP B 100 45.45 -22.04 -7.08
N ILE B 101 45.12 -21.52 -8.25
CA ILE B 101 44.92 -20.09 -8.42
C ILE B 101 44.17 -19.80 -9.71
N THR B 102 43.37 -18.73 -9.71
CA THR B 102 42.71 -18.27 -10.93
C THR B 102 42.69 -16.75 -10.96
N PHE B 103 42.28 -16.18 -12.10
CA PHE B 103 42.25 -14.72 -12.23
C PHE B 103 40.97 -14.25 -12.90
N ASP B 104 40.12 -15.19 -13.33
CA ASP B 104 38.85 -14.81 -13.97
C ASP B 104 37.81 -15.88 -13.65
N PHE B 105 37.06 -15.65 -12.56
CA PHE B 105 35.92 -16.45 -12.15
C PHE B 105 36.15 -17.95 -12.28
N CYS B 106 37.34 -18.42 -11.90
CA CYS B 106 37.65 -19.85 -11.83
C CYS B 106 37.61 -20.49 -13.22
N ASN B 107 37.71 -19.67 -14.27
CA ASN B 107 37.72 -20.22 -15.63
C ASN B 107 39.02 -20.93 -15.94
N THR B 108 40.16 -20.32 -15.59
CA THR B 108 41.48 -20.88 -15.87
C THR B 108 42.23 -21.03 -14.54
N LEU B 109 42.63 -22.26 -14.22
CA LEU B 109 43.32 -22.56 -12.98
C LEU B 109 44.77 -22.92 -13.27
N GLN B 110 45.70 -22.27 -12.57
CA GLN B 110 47.11 -22.57 -12.70
C GLN B 110 47.53 -23.58 -11.63
N GLY B 111 48.83 -23.89 -11.60
CA GLY B 111 49.32 -24.97 -10.76
C GLY B 111 50.52 -24.61 -9.90
N PHE B 112 50.51 -23.40 -9.33
CA PHE B 112 51.66 -22.90 -8.60
C PHE B 112 51.93 -23.74 -7.36
N SER B 113 53.18 -23.72 -6.90
CA SER B 113 53.58 -24.49 -5.72
C SER B 113 54.17 -23.57 -4.66
N ILE B 114 54.09 -23.97 -3.40
CA ILE B 114 54.47 -23.10 -2.29
C ILE B 114 55.28 -23.87 -1.25
N PRO B 115 56.07 -23.19 -0.42
CA PRO B 115 56.53 -23.79 0.82
C PRO B 115 55.39 -23.84 1.83
N PHE B 116 55.64 -24.53 2.94
CA PHE B 116 54.76 -24.64 4.11
C PHE B 116 53.39 -25.22 3.76
N ARG B 117 52.60 -25.55 4.79
CA ARG B 117 51.25 -26.03 4.57
C ARG B 117 50.25 -24.88 4.72
N ALA B 118 49.33 -24.79 3.76
CA ALA B 118 48.39 -23.69 3.68
C ALA B 118 47.32 -23.88 4.75
N ALA B 119 47.54 -23.28 5.92
CA ALA B 119 46.57 -23.33 7.00
C ALA B 119 45.66 -22.11 6.99
N ASP B 120 46.24 -20.91 7.14
CA ASP B 120 45.48 -19.67 7.18
C ASP B 120 46.14 -18.66 6.27
N LEU B 121 45.35 -18.05 5.38
CA LEU B 121 45.82 -16.98 4.52
C LEU B 121 44.97 -15.74 4.76
N LEU B 122 45.62 -14.64 5.13
CA LEU B 122 44.92 -13.38 5.37
C LEU B 122 45.08 -12.47 4.14
N LEU B 123 44.20 -12.68 3.18
CA LEU B 123 44.18 -11.88 1.97
C LEU B 123 43.95 -10.41 2.32
N HIS B 124 44.74 -9.52 1.73
CA HIS B 124 44.64 -8.09 2.01
C HIS B 124 43.32 -7.55 1.47
N SER B 125 42.73 -6.63 2.23
CA SER B 125 41.38 -6.14 1.97
C SER B 125 41.35 -4.93 1.03
N LYS B 126 42.52 -4.46 0.60
CA LYS B 126 42.55 -3.31 -0.30
C LYS B 126 43.51 -3.52 -1.46
N ALA B 127 44.40 -4.50 -1.33
CA ALA B 127 45.39 -4.82 -2.35
C ALA B 127 45.36 -6.32 -2.60
N SER B 128 44.98 -6.70 -3.82
CA SER B 128 44.85 -8.13 -4.14
C SER B 128 46.20 -8.84 -4.14
N ASN B 129 47.28 -8.13 -4.45
CA ASN B 129 48.57 -8.79 -4.64
C ASN B 129 49.15 -9.31 -3.33
N LEU B 130 48.82 -8.70 -2.20
CA LEU B 130 49.54 -8.90 -0.96
C LEU B 130 48.80 -9.89 -0.06
N LEU B 131 49.51 -10.94 0.37
CA LEU B 131 48.93 -12.00 1.19
C LEU B 131 49.88 -12.36 2.32
N LEU B 132 49.33 -12.89 3.39
CA LEU B 132 50.12 -13.52 4.45
C LEU B 132 49.83 -15.03 4.46
N GLY B 133 50.61 -15.76 5.24
CA GLY B 133 50.46 -17.19 5.34
C GLY B 133 51.05 -17.74 6.62
N PHE B 134 50.36 -18.72 7.22
CA PHE B 134 50.71 -19.23 8.54
C PHE B 134 50.67 -20.75 8.52
N ASP B 135 51.46 -21.36 9.40
CA ASP B 135 51.53 -22.82 9.53
C ASP B 135 51.57 -23.15 11.01
N ARG B 136 50.40 -23.41 11.59
CA ARG B 136 50.30 -23.65 13.03
C ARG B 136 50.92 -24.97 13.43
N SER B 137 50.87 -25.98 12.56
CA SER B 137 51.39 -27.30 12.89
C SER B 137 52.91 -27.31 13.02
N HIS B 138 53.59 -26.29 12.52
CA HIS B 138 55.04 -26.26 12.58
C HIS B 138 55.50 -26.06 14.03
N PRO B 139 56.46 -26.87 14.49
CA PRO B 139 56.97 -26.68 15.87
C PRO B 139 57.72 -25.39 16.08
N ASN B 140 58.08 -24.69 15.01
CA ASN B 140 58.89 -23.48 15.07
C ASN B 140 58.18 -22.32 14.36
N LYS B 141 56.94 -22.04 14.79
CA LYS B 141 55.93 -21.27 14.07
C LYS B 141 56.50 -20.13 13.23
N GLN B 142 56.09 -20.07 11.96
CA GLN B 142 56.66 -19.15 10.98
C GLN B 142 55.53 -18.36 10.32
N LEU B 143 55.92 -17.25 9.67
CA LEU B 143 54.99 -16.40 8.95
C LEU B 143 55.57 -16.03 7.61
N TRP B 144 54.75 -16.10 6.56
CA TRP B 144 55.23 -15.88 5.19
C TRP B 144 54.41 -14.76 4.57
N LYS B 145 55.04 -13.96 3.71
CA LYS B 145 54.39 -12.82 3.07
C LYS B 145 54.56 -12.90 1.56
N SER B 146 53.47 -13.13 0.84
CA SER B 146 53.50 -13.18 -0.61
C SER B 146 53.07 -11.85 -1.19
N ASP B 147 53.66 -11.50 -2.33
CA ASP B 147 53.31 -10.28 -3.04
C ASP B 147 52.84 -10.56 -4.47
N ASP B 148 53.17 -11.72 -5.02
CA ASP B 148 52.71 -12.12 -6.34
C ASP B 148 51.43 -12.95 -6.29
N PHE B 149 50.81 -13.07 -5.11
CA PHE B 149 49.55 -13.78 -4.90
C PHE B 149 49.75 -15.29 -5.00
N GLY B 150 50.95 -15.77 -4.63
CA GLY B 150 51.16 -17.20 -4.53
C GLY B 150 52.52 -17.74 -4.95
N GLN B 151 53.32 -16.94 -5.65
CA GLN B 151 54.59 -17.44 -6.16
C GLN B 151 55.68 -17.42 -5.10
N THR B 152 56.04 -16.23 -4.62
CA THR B 152 57.10 -16.09 -3.62
C THR B 152 56.46 -15.93 -2.24
N TRP B 153 57.15 -16.39 -1.19
CA TRP B 153 56.53 -16.35 0.13
C TRP B 153 57.38 -15.63 1.17
N ILE B 154 58.70 -15.83 1.14
CA ILE B 154 59.64 -15.10 1.99
C ILE B 154 59.38 -15.40 3.47
N MET B 155 60.36 -15.15 4.32
CA MET B 155 60.20 -15.24 5.77
C MET B 155 60.26 -13.85 6.37
N ILE B 156 59.34 -13.57 7.29
CA ILE B 156 59.25 -12.23 7.86
C ILE B 156 59.34 -12.27 9.38
N GLN B 157 59.01 -13.40 9.99
CA GLN B 157 59.05 -13.52 11.43
C GLN B 157 58.95 -15.01 11.78
N GLU B 158 59.30 -15.33 13.02
CA GLU B 158 59.26 -16.70 13.51
C GLU B 158 58.77 -16.70 14.94
N HIS B 159 58.23 -17.84 15.38
CA HIS B 159 57.61 -17.99 16.70
C HIS B 159 56.45 -17.00 16.89
N VAL B 160 55.43 -17.14 16.05
CA VAL B 160 54.29 -16.22 16.04
C VAL B 160 53.05 -17.00 16.40
N LYS B 161 52.26 -16.47 17.33
CA LYS B 161 51.02 -17.12 17.73
C LYS B 161 49.78 -16.46 17.13
N SER B 162 49.84 -15.16 16.82
CA SER B 162 48.70 -14.49 16.22
C SER B 162 49.19 -13.27 15.45
N PHE B 163 48.38 -12.83 14.50
CA PHE B 163 48.74 -11.72 13.63
C PHE B 163 47.47 -11.13 13.03
N SER B 164 47.61 -9.92 12.49
CA SER B 164 46.48 -9.22 11.89
C SER B 164 46.95 -8.06 11.02
N TRP B 165 46.11 -7.63 10.09
CA TRP B 165 46.41 -6.47 9.25
C TRP B 165 46.07 -5.19 10.00
N GLY B 166 46.06 -4.06 9.28
CA GLY B 166 45.70 -2.80 9.88
C GLY B 166 44.51 -2.16 9.21
N ILE B 167 43.51 -1.77 10.00
CA ILE B 167 42.30 -1.18 9.43
C ILE B 167 42.59 0.25 8.97
N ASP B 168 42.14 0.56 7.75
CA ASP B 168 42.52 1.72 6.94
C ASP B 168 42.74 3.03 7.70
N PRO B 169 41.77 3.55 8.47
CA PRO B 169 41.85 4.96 8.90
C PRO B 169 43.02 5.30 9.82
N TYR B 170 43.21 4.55 10.90
CA TYR B 170 44.10 4.97 11.97
C TYR B 170 45.49 4.35 11.94
N ASP B 171 45.88 3.72 10.83
CA ASP B 171 47.27 3.31 10.66
C ASP B 171 47.60 3.25 9.18
N LYS B 172 48.89 3.39 8.87
CA LYS B 172 49.38 3.44 7.50
C LYS B 172 49.19 2.09 6.81
N PRO B 173 49.16 2.05 5.48
CA PRO B 173 49.07 0.76 4.79
C PRO B 173 50.29 -0.10 5.05
N ASN B 174 50.15 -1.39 4.76
CA ASN B 174 51.22 -2.38 4.93
C ASN B 174 51.59 -2.57 6.40
N THR B 175 50.74 -2.12 7.31
CA THR B 175 51.00 -2.28 8.74
C THR B 175 50.53 -3.64 9.21
N ILE B 176 51.39 -4.32 9.96
CA ILE B 176 51.07 -5.66 10.44
C ILE B 176 51.33 -5.76 11.93
N TYR B 177 50.26 -5.94 12.71
CA TYR B 177 50.41 -6.22 14.12
C TYR B 177 50.74 -7.70 14.30
N ILE B 178 51.59 -7.99 15.29
CA ILE B 178 52.01 -9.38 15.48
C ILE B 178 52.20 -9.65 16.97
N GLU B 179 51.97 -10.90 17.35
CA GLU B 179 52.17 -11.40 18.70
C GLU B 179 53.30 -12.43 18.65
N ARG B 180 54.06 -12.53 19.74
CA ARG B 180 55.28 -13.33 19.70
C ARG B 180 55.42 -14.23 20.92
N HIS B 181 55.82 -15.48 20.70
CA HIS B 181 55.98 -16.44 21.78
C HIS B 181 57.24 -16.10 22.59
N GLU B 182 57.20 -16.43 23.87
CA GLU B 182 58.30 -16.18 24.79
C GLU B 182 58.60 -17.45 25.56
N PRO B 183 59.82 -17.58 26.13
CA PRO B 183 60.18 -18.82 26.83
C PRO B 183 59.19 -19.20 27.93
N SER B 184 58.99 -18.30 28.90
CA SER B 184 57.85 -18.45 29.81
C SER B 184 56.60 -18.05 29.05
N GLY B 185 55.58 -18.92 29.04
CA GLY B 185 54.48 -18.69 28.12
C GLY B 185 53.77 -17.38 28.31
N TYR B 186 54.13 -16.41 27.46
CA TYR B 186 53.68 -15.03 27.52
C TYR B 186 53.54 -14.53 26.08
N SER B 187 53.52 -13.22 25.90
CA SER B 187 53.51 -12.67 24.55
C SER B 187 54.08 -11.25 24.52
N THR B 188 54.16 -10.67 23.33
CA THR B 188 54.62 -9.31 23.13
C THR B 188 54.13 -8.88 21.75
N VAL B 189 53.63 -7.65 21.68
CA VAL B 189 52.98 -7.16 20.47
C VAL B 189 53.89 -6.18 19.75
N PHE B 190 54.07 -6.39 18.45
CA PHE B 190 54.91 -5.55 17.62
C PHE B 190 54.11 -5.00 16.44
N ARG B 191 54.38 -3.74 16.10
CA ARG B 191 53.77 -3.09 14.94
C ARG B 191 54.86 -2.61 14.00
N SER B 192 54.65 -2.84 12.70
CA SER B 192 55.60 -2.38 11.69
C SER B 192 54.86 -2.11 10.40
N THR B 193 55.48 -1.28 9.56
CA THR B 193 54.94 -0.92 8.25
C THR B 193 55.89 -1.29 7.12
N ASP B 194 56.87 -2.15 7.38
CA ASP B 194 57.85 -2.52 6.37
C ASP B 194 58.13 -4.02 6.36
N PHE B 195 57.13 -4.83 6.76
CA PHE B 195 57.19 -6.29 6.65
C PHE B 195 58.35 -6.89 7.44
N PHE B 196 58.73 -6.25 8.54
CA PHE B 196 59.74 -6.80 9.46
C PHE B 196 61.09 -7.01 8.76
N GLN B 197 61.63 -5.93 8.19
CA GLN B 197 62.92 -5.97 7.54
C GLN B 197 63.96 -5.05 8.19
N SER B 198 63.53 -3.95 8.81
CA SER B 198 64.43 -3.02 9.45
C SER B 198 63.91 -2.68 10.84
N ARG B 199 64.84 -2.43 11.77
CA ARG B 199 64.46 -2.08 13.13
C ARG B 199 64.06 -0.61 13.25
N GLU B 200 64.37 0.21 12.25
CA GLU B 200 63.96 1.61 12.27
C GLU B 200 62.47 1.79 11.98
N ASN B 201 61.83 0.79 11.38
CA ASN B 201 60.41 0.83 11.06
C ASN B 201 59.65 -0.24 11.82
N GLN B 202 60.06 -0.51 13.05
CA GLN B 202 59.41 -1.49 13.91
C GLN B 202 59.22 -0.88 15.29
N GLU B 203 58.01 -1.04 15.84
CA GLU B 203 57.68 -0.48 17.14
C GLU B 203 57.07 -1.57 18.01
N VAL B 204 57.31 -1.47 19.32
CA VAL B 204 56.74 -2.38 20.31
C VAL B 204 55.68 -1.63 21.09
N ILE B 205 54.53 -2.28 21.31
CA ILE B 205 53.40 -1.62 21.96
C ILE B 205 53.32 -2.05 23.42
N LEU B 206 53.35 -3.36 23.66
CA LEU B 206 53.11 -3.87 25.01
C LEU B 206 53.69 -5.27 25.13
N GLU B 207 54.14 -5.60 26.34
CA GLU B 207 54.87 -6.82 26.63
C GLU B 207 54.10 -7.66 27.64
N GLU B 208 54.48 -8.94 27.73
CA GLU B 208 53.93 -9.98 28.60
C GLU B 208 52.41 -10.08 28.53
N VAL B 209 51.79 -9.61 27.45
CA VAL B 209 50.34 -9.71 27.30
C VAL B 209 49.94 -11.18 27.24
N ARG B 210 48.82 -11.51 27.87
CA ARG B 210 48.28 -12.85 27.77
C ARG B 210 47.39 -13.04 26.56
N ASP B 211 46.59 -12.03 26.19
CA ASP B 211 45.77 -12.12 24.99
C ASP B 211 45.57 -10.72 24.43
N PHE B 212 45.63 -10.62 23.11
CA PHE B 212 45.60 -9.36 22.38
C PHE B 212 44.47 -9.36 21.37
N GLN B 213 43.86 -8.19 21.14
CA GLN B 213 42.76 -8.09 20.20
C GLN B 213 42.68 -6.69 19.62
N LEU B 214 42.30 -6.61 18.34
CA LEU B 214 42.17 -5.35 17.61
C LEU B 214 40.78 -5.30 17.01
N ARG B 215 40.04 -4.23 17.30
CA ARG B 215 38.67 -4.07 16.80
C ARG B 215 38.47 -2.62 16.35
N ASP B 216 38.58 -2.38 15.05
CA ASP B 216 38.26 -1.10 14.43
C ASP B 216 39.06 0.04 15.06
N LYS B 217 38.45 0.76 16.00
CA LYS B 217 39.09 1.90 16.64
C LYS B 217 39.72 1.57 17.98
N TYR B 218 39.27 0.53 18.66
CA TYR B 218 39.79 0.20 19.98
C TYR B 218 40.91 -0.83 19.86
N MET B 219 41.65 -0.98 20.96
CA MET B 219 42.81 -1.86 21.01
C MET B 219 42.86 -2.45 22.41
N PHE B 220 42.70 -3.78 22.51
CA PHE B 220 42.52 -4.45 23.79
C PHE B 220 43.67 -5.42 24.07
N ALA B 221 44.13 -5.41 25.31
CA ALA B 221 45.13 -6.36 25.77
C ALA B 221 44.77 -6.79 27.19
N THR B 222 45.06 -8.04 27.53
CA THR B 222 44.86 -8.54 28.88
C THR B 222 46.20 -9.06 29.40
N LYS B 223 46.55 -8.66 30.63
CA LYS B 223 47.85 -9.02 31.19
C LYS B 223 47.73 -9.36 32.67
N VAL B 224 48.65 -10.19 33.16
CA VAL B 224 48.61 -10.61 34.56
C VAL B 224 49.44 -9.65 35.42
N VAL B 225 49.05 -9.55 36.68
CA VAL B 225 49.63 -8.57 37.62
C VAL B 225 50.04 -9.29 38.90
N HIS B 226 50.34 -8.49 39.93
CA HIS B 226 50.93 -8.92 41.20
C HIS B 226 50.31 -10.19 41.78
N LEU B 227 51.09 -10.90 42.60
CA LEU B 227 51.01 -12.32 42.92
C LEU B 227 51.59 -13.10 41.76
N LEU B 228 51.87 -12.39 40.67
CA LEU B 228 52.83 -12.83 39.67
C LEU B 228 54.02 -11.88 39.58
N GLY B 229 53.79 -10.59 39.81
CA GLY B 229 54.89 -9.64 39.92
C GLY B 229 55.37 -9.39 41.32
N SER B 230 54.48 -8.94 42.23
CA SER B 230 54.93 -8.64 43.58
C SER B 230 54.23 -9.46 44.67
N GLU B 231 52.91 -9.34 44.80
CA GLU B 231 52.20 -9.97 45.90
C GLU B 231 50.68 -9.95 45.74
N GLN B 232 49.97 -10.29 46.82
CA GLN B 232 48.52 -10.19 46.95
C GLN B 232 47.77 -11.21 46.10
N GLN B 233 47.06 -10.75 45.08
CA GLN B 233 46.23 -11.64 44.27
C GLN B 233 46.37 -11.36 42.78
N SER B 234 46.62 -12.40 42.00
CA SER B 234 46.70 -12.26 40.55
C SER B 234 45.31 -12.01 39.96
N SER B 235 45.04 -10.77 39.58
CA SER B 235 43.76 -10.38 39.01
C SER B 235 44.04 -9.73 37.66
N VAL B 236 43.81 -10.48 36.59
CA VAL B 236 44.14 -10.05 35.23
C VAL B 236 43.56 -8.66 34.96
N GLN B 237 44.36 -7.79 34.38
CA GLN B 237 43.96 -6.42 34.08
C GLN B 237 43.81 -6.25 32.57
N LEU B 238 42.86 -5.40 32.21
CA LEU B 238 42.53 -5.12 30.82
C LEU B 238 42.99 -3.71 30.47
N TRP B 239 43.85 -3.61 29.46
CA TRP B 239 44.34 -2.33 28.97
C TRP B 239 43.72 -2.05 27.62
N VAL B 240 43.05 -0.90 27.53
CA VAL B 240 42.34 -0.47 26.35
C VAL B 240 42.93 0.85 25.88
N SER B 241 43.06 1.00 24.56
CA SER B 241 43.44 2.30 24.02
C SER B 241 42.47 2.72 22.93
N PHE B 242 42.66 3.94 22.41
CA PHE B 242 41.77 4.49 21.38
C PHE B 242 42.54 5.46 20.50
N GLY B 243 42.31 5.41 19.20
CA GLY B 243 43.12 6.16 18.27
C GLY B 243 44.55 5.68 18.14
N ARG B 244 44.84 4.45 18.58
CA ARG B 244 46.18 3.87 18.55
C ARG B 244 47.16 4.73 19.36
N LYS B 245 46.68 5.25 20.48
CA LYS B 245 47.49 5.95 21.48
C LYS B 245 48.12 4.91 22.39
N PRO B 246 49.09 5.28 23.25
CA PRO B 246 49.69 4.27 24.14
C PRO B 246 48.67 3.65 25.09
N MET B 247 48.90 2.38 25.46
CA MET B 247 47.91 1.59 26.19
C MET B 247 47.79 2.03 27.64
N ARG B 248 46.68 2.67 27.98
CA ARG B 248 46.37 3.03 29.36
C ARG B 248 45.79 1.83 30.08
N ALA B 249 45.22 2.04 31.26
CA ALA B 249 44.66 0.96 32.06
C ALA B 249 43.15 1.17 32.17
N ALA B 250 42.50 0.36 33.00
CA ALA B 250 41.07 0.48 33.24
C ALA B 250 40.77 0.13 34.68
N GLN B 251 39.79 0.81 35.28
CA GLN B 251 39.42 0.60 36.68
C GLN B 251 38.05 -0.04 36.74
N PHE B 252 37.95 -1.17 37.43
CA PHE B 252 36.73 -1.97 37.51
C PHE B 252 36.35 -2.23 38.96
N VAL B 253 36.32 -1.16 39.78
CA VAL B 253 36.31 -1.34 41.23
C VAL B 253 35.14 -2.21 41.66
N THR B 254 35.46 -3.37 42.23
CA THR B 254 34.49 -4.32 42.76
C THR B 254 35.13 -5.06 43.93
N ARG B 255 34.27 -5.70 44.74
CA ARG B 255 34.79 -6.49 45.86
C ARG B 255 35.51 -7.75 45.36
N HIS B 256 34.87 -8.48 44.45
CA HIS B 256 35.41 -9.76 43.98
C HIS B 256 36.47 -9.53 42.92
N PRO B 257 37.67 -10.08 43.07
CA PRO B 257 38.69 -9.92 42.03
C PRO B 257 38.26 -10.55 40.72
N ILE B 258 38.60 -9.88 39.62
CA ILE B 258 38.23 -10.33 38.29
C ILE B 258 39.23 -11.37 37.81
N ASN B 259 38.79 -12.29 36.95
CA ASN B 259 39.70 -13.27 36.39
C ASN B 259 39.50 -13.46 34.89
N GLU B 260 38.50 -12.80 34.32
CA GLU B 260 38.22 -12.95 32.88
C GLU B 260 37.70 -11.65 32.26
N TYR B 261 37.78 -11.57 30.93
CA TYR B 261 37.31 -10.42 30.18
C TYR B 261 36.89 -10.89 28.79
N TYR B 262 35.69 -10.54 28.36
CA TYR B 262 35.25 -10.87 27.01
C TYR B 262 34.64 -9.63 26.38
N ILE B 263 35.25 -9.13 25.31
CA ILE B 263 34.66 -8.04 24.56
C ILE B 263 33.48 -8.56 23.74
N ALA B 264 32.29 -8.00 23.97
CA ALA B 264 31.11 -8.42 23.23
C ALA B 264 30.90 -7.61 21.95
N ASP B 265 30.74 -6.30 22.08
CA ASP B 265 30.66 -5.42 20.93
C ASP B 265 31.30 -4.09 21.29
N ALA B 266 32.19 -3.62 20.42
CA ALA B 266 32.98 -2.44 20.77
C ALA B 266 33.18 -1.47 19.62
N SER B 267 32.17 -1.25 18.77
CA SER B 267 32.36 -0.19 17.78
C SER B 267 31.07 0.62 17.64
N GLU B 268 30.89 1.57 18.55
CA GLU B 268 30.00 2.71 18.38
C GLU B 268 30.64 3.92 19.04
N ASP B 269 31.96 3.87 19.22
CA ASP B 269 32.66 4.65 20.24
C ASP B 269 32.09 4.29 21.60
N GLN B 270 31.79 3.01 21.76
CA GLN B 270 31.21 2.44 22.98
C GLN B 270 31.80 1.03 23.13
N VAL B 271 31.45 0.36 24.23
CA VAL B 271 31.92 -1.02 24.43
C VAL B 271 31.10 -1.71 25.51
N PHE B 272 30.85 -3.01 25.32
CA PHE B 272 30.06 -3.83 26.25
C PHE B 272 30.92 -5.05 26.62
N VAL B 273 31.55 -4.99 27.79
CA VAL B 273 32.43 -6.07 28.19
C VAL B 273 31.75 -7.00 29.19
N CYS B 274 31.77 -8.30 28.88
CA CYS B 274 31.32 -9.35 29.80
C CYS B 274 32.52 -9.65 30.68
N VAL B 275 32.54 -9.07 31.87
CA VAL B 275 33.70 -9.18 32.75
C VAL B 275 33.36 -9.94 34.02
N SER B 276 33.54 -11.27 33.99
CA SER B 276 33.80 -12.08 35.17
C SER B 276 33.91 -13.56 34.86
N HIS B 277 34.54 -14.29 35.78
CA HIS B 277 34.24 -15.70 36.02
C HIS B 277 34.39 -15.89 37.52
N SER B 278 34.42 -14.77 38.24
CA SER B 278 34.63 -14.76 39.68
C SER B 278 33.40 -15.21 40.44
N ASN B 279 33.48 -16.38 41.09
CA ASN B 279 32.37 -16.95 41.85
C ASN B 279 31.14 -17.13 40.98
N ASN B 280 31.35 -17.36 39.68
CA ASN B 280 30.29 -17.62 38.71
C ASN B 280 29.24 -16.52 38.71
N ARG B 281 29.66 -15.27 38.56
CA ARG B 281 28.74 -14.15 38.43
C ARG B 281 29.26 -13.16 37.39
N THR B 282 28.87 -13.35 36.13
CA THR B 282 29.37 -12.55 35.02
C THR B 282 28.47 -11.33 34.82
N ASN B 283 29.01 -10.15 35.09
CA ASN B 283 28.22 -8.92 35.08
C ASN B 283 28.62 -8.10 33.87
N LEU B 284 27.65 -7.67 33.08
CA LEU B 284 27.95 -6.87 31.92
C LEU B 284 28.36 -5.46 32.34
N TYR B 285 29.30 -4.87 31.60
CA TYR B 285 29.87 -3.59 31.97
C TYR B 285 29.94 -2.70 30.74
N ILE B 286 29.50 -1.45 30.88
CA ILE B 286 29.56 -0.50 29.78
C ILE B 286 30.43 0.69 30.18
N SER B 287 31.07 1.32 29.20
CA SER B 287 31.79 2.56 29.42
C SER B 287 31.31 3.58 28.39
N GLU B 288 31.98 4.73 28.33
CA GLU B 288 31.64 5.77 27.38
C GLU B 288 32.90 6.17 26.61
N ALA B 289 32.81 7.28 25.87
CA ALA B 289 33.79 7.63 24.85
C ALA B 289 35.21 7.80 25.40
N GLU B 290 35.36 8.02 26.70
CA GLU B 290 36.69 8.14 27.29
C GLU B 290 37.48 6.86 27.08
N GLY B 291 36.83 5.72 27.29
CA GLY B 291 37.49 4.44 27.13
C GLY B 291 37.65 3.71 28.44
N LEU B 292 37.85 4.46 29.53
CA LEU B 292 37.94 3.89 30.88
C LEU B 292 37.01 4.66 31.81
N LYS B 293 35.72 4.36 31.75
CA LYS B 293 34.77 4.80 32.77
C LYS B 293 33.75 3.69 32.96
N PHE B 294 34.24 2.45 33.06
CA PHE B 294 33.38 1.27 33.02
C PHE B 294 32.49 1.23 34.26
N SER B 295 31.19 1.06 34.02
CA SER B 295 30.18 1.01 35.09
C SER B 295 29.26 -0.17 34.86
N LEU B 296 28.68 -0.66 35.95
CA LEU B 296 27.80 -1.83 35.88
C LEU B 296 26.54 -1.51 35.08
N SER B 297 26.13 -2.48 34.27
CA SER B 297 24.93 -2.30 33.45
C SER B 297 23.92 -3.43 33.57
N LEU B 298 24.33 -4.65 33.88
CA LEU B 298 23.38 -5.75 34.02
C LEU B 298 24.00 -6.90 34.81
N GLU B 299 23.34 -7.27 35.91
CA GLU B 299 23.79 -8.37 36.76
C GLU B 299 23.49 -9.69 36.07
N ASN B 300 24.35 -10.70 36.28
CA ASN B 300 24.38 -11.92 35.49
C ASN B 300 24.45 -11.61 33.99
N VAL B 301 24.09 -12.60 33.16
CA VAL B 301 24.37 -12.77 31.73
C VAL B 301 25.00 -14.14 31.58
N LEU B 302 24.47 -14.94 30.66
CA LEU B 302 24.91 -16.32 30.46
C LEU B 302 26.19 -16.28 29.62
N TYR B 303 27.33 -16.44 30.29
CA TYR B 303 28.64 -16.38 29.67
C TYR B 303 29.28 -17.76 29.74
N TYR B 304 29.79 -18.23 28.60
CA TYR B 304 30.37 -19.56 28.46
C TYR B 304 31.85 -19.45 28.16
N SER B 305 32.67 -20.14 28.96
CA SER B 305 34.12 -20.06 28.81
C SER B 305 34.79 -21.36 29.20
N PRO B 306 35.04 -22.27 28.24
CA PRO B 306 35.80 -23.48 28.54
C PRO B 306 37.19 -23.19 29.08
N GLY B 307 37.77 -22.08 28.63
CA GLY B 307 39.14 -21.74 28.93
C GLY B 307 39.95 -21.61 27.65
N GLY B 308 41.27 -21.70 27.81
CA GLY B 308 42.17 -21.60 26.69
C GLY B 308 43.21 -22.70 26.65
N ALA B 309 44.48 -22.32 26.47
CA ALA B 309 45.59 -23.24 26.46
C ALA B 309 46.12 -23.54 27.86
N GLY B 310 45.32 -23.32 28.90
CA GLY B 310 45.73 -23.49 30.27
C GLY B 310 45.87 -22.19 31.04
N SER B 311 46.11 -21.08 30.35
CA SER B 311 46.18 -19.78 31.00
C SER B 311 45.52 -18.67 30.20
N ASP B 312 44.91 -18.97 29.05
CA ASP B 312 44.33 -17.92 28.22
C ASP B 312 43.05 -17.39 28.86
N THR B 313 43.00 -16.08 29.09
CA THR B 313 41.82 -15.46 29.69
C THR B 313 40.88 -14.91 28.63
N LEU B 314 41.34 -13.95 27.83
CA LEU B 314 40.51 -13.38 26.78
C LEU B 314 40.34 -14.40 25.65
N VAL B 315 39.13 -14.49 25.13
CA VAL B 315 38.73 -15.56 24.23
C VAL B 315 38.43 -14.97 22.85
N ARG B 316 39.01 -15.57 21.82
CA ARG B 316 38.70 -15.23 20.43
C ARG B 316 37.75 -16.28 19.88
N TYR B 317 36.70 -15.82 19.19
CA TYR B 317 35.66 -16.71 18.71
C TYR B 317 35.49 -16.57 17.20
N PHE B 318 35.15 -17.68 16.56
CA PHE B 318 34.87 -17.72 15.14
C PHE B 318 33.37 -17.58 14.90
N ALA B 319 32.94 -17.80 13.67
CA ALA B 319 31.52 -17.70 13.32
C ALA B 319 30.76 -18.99 13.59
N ASN B 320 31.44 -20.07 13.95
CA ASN B 320 30.76 -21.35 14.16
C ASN B 320 29.96 -21.34 15.45
N GLU B 321 30.56 -20.86 16.54
CA GLU B 321 29.92 -20.92 17.85
C GLU B 321 30.35 -19.75 18.74
N PRO B 322 29.40 -18.97 19.27
CA PRO B 322 29.75 -17.85 20.15
C PRO B 322 29.91 -18.26 21.61
N PHE B 323 30.73 -17.49 22.31
CA PHE B 323 30.95 -17.67 23.74
C PHE B 323 30.06 -16.79 24.60
N ALA B 324 29.16 -16.01 24.00
CA ALA B 324 28.26 -15.16 24.78
C ALA B 324 26.97 -14.94 24.01
N ASP B 325 25.85 -15.09 24.71
CA ASP B 325 24.53 -14.85 24.16
C ASP B 325 24.23 -13.36 24.24
N PHE B 326 24.55 -12.62 23.18
CA PHE B 326 24.41 -11.18 23.16
C PHE B 326 24.34 -10.71 21.72
N HIS B 327 23.21 -10.12 21.32
CA HIS B 327 22.95 -9.85 19.91
C HIS B 327 22.64 -8.38 19.73
N ARG B 328 23.40 -7.71 18.86
CA ARG B 328 23.09 -6.35 18.47
C ARG B 328 22.18 -6.35 17.25
N VAL B 329 21.09 -5.60 17.32
CA VAL B 329 20.21 -5.45 16.17
C VAL B 329 20.96 -4.66 15.11
N GLU B 330 21.34 -5.33 14.03
CA GLU B 330 22.21 -4.73 13.03
C GLU B 330 21.51 -3.61 12.29
N GLY B 331 22.26 -2.56 11.98
CA GLY B 331 21.73 -1.40 11.30
C GLY B 331 21.17 -0.32 12.21
N LEU B 332 21.09 -0.59 13.51
CA LEU B 332 20.54 0.35 14.48
C LEU B 332 21.52 0.51 15.63
N GLN B 333 21.60 1.71 16.18
CA GLN B 333 22.54 2.03 17.26
C GLN B 333 21.77 2.10 18.57
N GLY B 334 21.86 1.04 19.37
CA GLY B 334 21.29 1.07 20.69
C GLY B 334 20.56 -0.19 21.13
N VAL B 335 19.98 -0.93 20.20
CA VAL B 335 19.18 -2.09 20.60
C VAL B 335 20.09 -3.30 20.81
N TYR B 336 19.87 -3.99 21.92
CA TYR B 336 20.72 -5.11 22.32
C TYR B 336 19.90 -6.15 23.06
N ILE B 337 19.97 -7.42 22.64
CA ILE B 337 19.16 -8.47 23.23
C ILE B 337 20.04 -9.43 24.03
N ALA B 338 20.06 -9.26 25.35
CA ALA B 338 20.83 -10.14 26.22
C ALA B 338 19.93 -11.25 26.77
N THR B 339 20.55 -12.17 27.51
CA THR B 339 19.82 -13.25 28.17
C THR B 339 20.40 -13.46 29.55
N LEU B 340 19.55 -13.39 30.57
CA LEU B 340 20.00 -13.58 31.95
C LEU B 340 20.07 -15.07 32.29
N ILE B 341 20.73 -15.36 33.41
CA ILE B 341 20.90 -16.73 33.88
C ILE B 341 21.01 -16.73 35.40
N ASN B 342 20.50 -17.79 36.03
CA ASN B 342 20.68 -18.01 37.45
C ASN B 342 21.25 -19.38 37.80
N GLY B 343 21.33 -20.29 36.85
CA GLY B 343 21.94 -21.60 37.05
C GLY B 343 23.44 -21.57 36.80
N SER B 344 24.02 -22.74 36.56
CA SER B 344 25.45 -22.86 36.30
C SER B 344 25.74 -23.32 34.89
N MET B 345 25.22 -24.47 34.47
CA MET B 345 25.42 -24.95 33.10
C MET B 345 24.12 -25.49 32.49
N ASN B 346 22.97 -25.09 33.04
CA ASN B 346 21.70 -25.65 32.63
C ASN B 346 21.17 -24.90 31.40
N GLU B 347 19.93 -25.21 31.00
CA GLU B 347 19.38 -24.63 29.78
C GLU B 347 17.95 -24.12 29.95
N GLU B 348 17.28 -24.42 31.07
CA GLU B 348 15.86 -24.10 31.18
C GLU B 348 15.63 -22.61 31.40
N ASN B 349 16.38 -21.98 32.31
CA ASN B 349 16.16 -20.57 32.60
C ASN B 349 16.86 -19.67 31.60
N MET B 350 16.08 -19.05 30.71
CA MET B 350 16.63 -18.24 29.62
C MET B 350 15.91 -16.91 29.51
N ARG B 351 15.66 -16.25 30.64
CA ARG B 351 14.90 -15.01 30.65
C ARG B 351 15.64 -13.94 29.85
N SER B 352 15.05 -13.53 28.73
CA SER B 352 15.66 -12.54 27.85
C SER B 352 15.34 -11.13 28.29
N VAL B 353 16.08 -10.15 27.77
CA VAL B 353 15.88 -8.74 28.05
C VAL B 353 16.15 -7.95 26.77
N ILE B 354 16.01 -6.63 26.83
CA ILE B 354 16.25 -5.78 25.67
C ILE B 354 16.46 -4.35 26.14
N THR B 355 17.19 -3.56 25.35
CA THR B 355 17.30 -2.13 25.57
C THR B 355 16.97 -1.41 24.28
N PHE B 356 16.92 -0.08 24.37
CA PHE B 356 16.77 0.78 23.21
C PHE B 356 17.70 1.98 23.24
N ASP B 357 18.43 2.19 24.35
CA ASP B 357 19.36 3.30 24.44
C ASP B 357 20.66 2.80 25.08
N LYS B 358 21.55 2.28 24.23
CA LYS B 358 22.91 1.86 24.58
C LYS B 358 23.01 1.19 25.95
N GLY B 359 22.18 0.18 26.19
CA GLY B 359 22.26 -0.58 27.43
C GLY B 359 22.08 0.24 28.68
N GLY B 360 21.06 1.10 28.69
CA GLY B 360 20.78 1.90 29.88
C GLY B 360 19.62 1.36 30.68
N THR B 361 18.56 0.92 29.99
CA THR B 361 17.37 0.39 30.64
C THR B 361 17.07 -0.97 30.05
N TRP B 362 17.22 -2.02 30.86
CA TRP B 362 17.03 -3.39 30.42
C TRP B 362 15.60 -3.81 30.76
N GLU B 363 14.74 -3.86 29.74
CA GLU B 363 13.35 -4.23 29.91
C GLU B 363 13.17 -5.73 29.81
N PHE B 364 11.91 -6.18 29.73
CA PHE B 364 11.61 -7.55 29.35
C PHE B 364 10.86 -7.54 28.03
N LEU B 365 11.07 -8.56 27.20
CA LEU B 365 10.45 -8.60 25.88
C LEU B 365 8.92 -8.60 26.00
N GLN B 366 8.24 -7.92 25.09
CA GLN B 366 6.78 -7.85 25.14
C GLN B 366 6.20 -9.16 24.61
N ALA B 367 4.91 -9.36 24.54
CA ALA B 367 4.40 -10.60 23.98
C ALA B 367 3.48 -10.14 22.91
N PRO B 368 2.87 -10.97 22.11
CA PRO B 368 1.95 -10.60 21.03
C PRO B 368 0.58 -10.12 21.51
N ALA B 369 0.14 -10.57 22.68
CA ALA B 369 -1.18 -10.27 23.23
C ALA B 369 -2.28 -10.78 22.28
N PHE B 370 -1.88 -11.79 21.50
CA PHE B 370 -2.73 -12.40 20.48
C PHE B 370 -2.09 -13.71 20.02
N THR B 371 -2.64 -14.32 18.98
CA THR B 371 -2.07 -15.54 18.44
C THR B 371 -2.50 -15.69 16.98
N GLY B 372 -1.69 -16.35 16.17
CA GLY B 372 -2.07 -16.60 14.79
C GLY B 372 -3.30 -17.49 14.71
N TYR B 373 -3.97 -17.41 13.55
CA TYR B 373 -5.17 -18.19 13.26
C TYR B 373 -6.36 -17.72 14.10
N GLY B 374 -6.11 -16.83 15.04
CA GLY B 374 -7.15 -16.23 15.85
C GLY B 374 -7.31 -16.88 17.22
N GLU B 375 -6.77 -16.22 18.24
CA GLU B 375 -6.92 -16.64 19.63
C GLU B 375 -6.80 -15.44 20.56
N LYS B 376 -6.85 -15.68 21.86
CA LYS B 376 -6.68 -14.61 22.84
C LYS B 376 -5.79 -15.04 23.99
N ILE B 377 -4.70 -15.68 23.64
CA ILE B 377 -3.83 -16.20 24.67
C ILE B 377 -2.68 -15.31 24.97
N ASN B 378 -2.37 -15.20 26.23
CA ASN B 378 -1.38 -14.28 26.59
C ASN B 378 -1.12 -14.35 28.01
N CYS B 379 -0.39 -13.37 28.52
CA CYS B 379 -0.19 -13.26 29.96
C CYS B 379 0.78 -12.17 30.21
N GLU B 380 0.96 -11.85 31.46
CA GLU B 380 1.92 -10.82 31.80
C GLU B 380 2.36 -10.99 33.22
N LEU B 381 1.44 -10.82 34.14
CA LEU B 381 1.74 -11.00 35.55
C LEU B 381 2.99 -10.28 35.91
N SER B 382 3.45 -9.41 35.00
CA SER B 382 4.66 -8.63 35.30
C SER B 382 5.86 -9.53 35.61
N GLN B 383 5.61 -10.83 35.62
CA GLN B 383 6.67 -11.83 35.82
C GLN B 383 6.41 -13.10 35.03
N GLY B 384 5.32 -13.13 34.26
CA GLY B 384 4.78 -14.41 33.85
C GLY B 384 5.28 -15.04 32.57
N CYS B 385 5.17 -14.42 31.42
CA CYS B 385 5.60 -15.17 30.24
C CYS B 385 6.23 -14.41 29.12
N SER B 386 6.73 -13.24 29.40
CA SER B 386 7.41 -12.44 28.40
C SER B 386 8.12 -13.31 27.37
N LEU B 387 8.24 -12.82 26.13
CA LEU B 387 8.91 -13.58 25.09
C LEU B 387 10.34 -13.91 25.49
N HIS B 388 10.75 -15.14 25.21
CA HIS B 388 12.09 -15.63 25.52
C HIS B 388 12.70 -16.15 24.22
N LEU B 389 13.56 -15.35 23.61
CA LEU B 389 14.12 -15.67 22.31
C LEU B 389 15.26 -16.67 22.44
N ALA B 390 15.57 -17.34 21.33
CA ALA B 390 16.55 -18.41 21.30
C ALA B 390 17.86 -17.88 20.75
N GLN B 391 18.89 -17.84 21.60
CA GLN B 391 20.24 -17.45 21.21
C GLN B 391 20.96 -18.71 20.72
N ARG B 392 22.28 -18.68 20.54
CA ARG B 392 23.03 -19.84 20.00
C ARG B 392 24.02 -20.33 21.06
N LEU B 393 23.55 -21.20 21.94
CA LEU B 393 24.43 -21.92 22.85
C LEU B 393 23.66 -23.08 23.47
N SER B 394 24.39 -24.07 23.97
CA SER B 394 23.94 -25.33 24.58
C SER B 394 23.45 -26.32 23.53
N GLN B 395 23.37 -25.92 22.26
CA GLN B 395 23.03 -26.82 21.15
C GLN B 395 21.68 -27.51 21.32
N LEU B 396 20.92 -27.09 22.33
CA LEU B 396 19.68 -27.77 22.70
C LEU B 396 19.95 -29.26 22.86
N LEU B 397 19.67 -30.04 21.82
CA LEU B 397 20.03 -31.46 21.80
C LEU B 397 20.67 -31.76 20.46
N ASN B 398 21.09 -33.02 20.29
CA ASN B 398 21.78 -33.42 19.07
C ASN B 398 20.80 -33.56 17.90
N LEU B 399 20.14 -32.46 17.54
CA LEU B 399 19.17 -32.48 16.47
C LEU B 399 19.84 -32.10 15.15
N GLN B 400 19.07 -31.98 14.07
CA GLN B 400 19.63 -31.75 12.73
C GLN B 400 19.19 -30.37 12.24
N LEU B 401 20.14 -29.46 12.16
CA LEU B 401 19.93 -28.14 11.57
C LEU B 401 18.79 -27.39 12.23
N ARG B 402 18.92 -27.09 13.52
CA ARG B 402 17.80 -26.53 14.28
C ARG B 402 18.30 -25.28 15.01
N ARG B 403 17.37 -24.58 15.64
CA ARG B 403 17.63 -23.33 16.35
C ARG B 403 18.20 -22.27 15.42
N MET B 404 17.42 -21.82 14.43
CA MET B 404 17.81 -20.69 13.63
C MET B 404 17.97 -19.48 14.54
N PRO B 405 19.01 -18.68 14.39
CA PRO B 405 19.26 -17.59 15.34
C PRO B 405 18.45 -16.34 15.01
N ILE B 406 18.48 -15.37 15.92
CA ILE B 406 17.81 -14.09 15.70
C ILE B 406 18.33 -13.48 14.42
N LEU B 407 17.45 -13.28 13.45
CA LEU B 407 17.83 -12.79 12.14
C LEU B 407 17.63 -11.29 12.06
N SER B 408 18.66 -10.57 11.64
CA SER B 408 18.59 -9.14 11.45
C SER B 408 19.74 -8.68 10.54
N LYS B 409 19.42 -7.92 9.51
CA LYS B 409 20.40 -7.45 8.55
C LYS B 409 20.30 -5.94 8.39
N GLU B 410 21.42 -5.34 7.98
CA GLU B 410 21.45 -3.89 7.78
C GLU B 410 20.56 -3.43 6.65
N SER B 411 20.23 -4.33 5.70
CA SER B 411 19.47 -3.94 4.52
C SER B 411 18.08 -3.47 4.87
N ALA B 412 17.35 -4.26 5.65
CA ALA B 412 15.99 -3.90 6.07
C ALA B 412 16.01 -3.61 7.57
N PRO B 413 16.02 -2.34 7.97
CA PRO B 413 16.13 -2.02 9.41
C PRO B 413 14.83 -2.24 10.15
N GLY B 414 14.97 -2.61 11.42
CA GLY B 414 13.82 -2.77 12.29
C GLY B 414 13.03 -4.03 12.09
N LEU B 415 13.54 -5.01 11.35
CA LEU B 415 12.86 -6.27 11.11
C LEU B 415 13.65 -7.40 11.76
N ILE B 416 13.04 -8.08 12.71
CA ILE B 416 13.73 -9.08 13.52
C ILE B 416 12.94 -10.38 13.53
N ILE B 417 13.31 -11.34 12.68
CA ILE B 417 12.67 -12.65 12.68
C ILE B 417 13.41 -13.58 13.63
N ALA B 418 12.83 -13.81 14.80
CA ALA B 418 13.44 -14.67 15.80
C ALA B 418 12.55 -15.88 16.06
N THR B 419 13.13 -16.88 16.72
CA THR B 419 12.42 -18.09 17.13
C THR B 419 12.42 -18.14 18.65
N GLY B 420 11.24 -18.31 19.23
CA GLY B 420 11.13 -18.29 20.67
C GLY B 420 9.88 -18.98 21.16
N SER B 421 9.56 -18.72 22.42
CA SER B 421 8.39 -19.33 23.06
C SER B 421 7.88 -18.42 24.15
N VAL B 422 6.59 -18.37 24.35
CA VAL B 422 6.02 -17.54 25.43
C VAL B 422 5.84 -18.35 26.73
N GLY B 423 6.35 -17.86 27.83
CA GLY B 423 6.29 -18.49 29.12
C GLY B 423 7.32 -17.97 30.10
N LYS B 424 7.65 -18.75 31.13
CA LYS B 424 8.68 -18.37 32.09
C LYS B 424 10.07 -18.84 31.65
N ASN B 425 10.14 -19.61 30.57
CA ASN B 425 11.41 -20.10 30.05
C ASN B 425 11.31 -20.33 28.55
N LEU B 426 12.30 -21.01 27.97
CA LEU B 426 12.31 -21.28 26.55
C LEU B 426 11.73 -22.65 26.17
N ALA B 427 12.08 -23.71 26.89
CA ALA B 427 11.54 -25.06 26.68
C ALA B 427 11.55 -25.48 25.22
N SER B 428 10.40 -25.99 24.75
CA SER B 428 10.24 -26.47 23.39
C SER B 428 8.89 -25.99 22.87
N LYS B 429 8.45 -26.58 21.76
CA LYS B 429 7.25 -26.13 21.06
C LYS B 429 7.37 -24.64 20.73
N THR B 430 8.36 -24.36 19.89
CA THR B 430 8.76 -22.99 19.59
C THR B 430 7.85 -22.39 18.53
N ASN B 431 8.12 -21.13 18.17
CA ASN B 431 7.34 -20.39 17.20
C ASN B 431 8.25 -19.31 16.63
N VAL B 432 7.79 -18.68 15.54
CA VAL B 432 8.52 -17.62 14.86
C VAL B 432 7.81 -16.29 15.15
N TYR B 433 8.54 -15.35 15.74
CA TYR B 433 7.97 -14.10 16.25
C TYR B 433 8.57 -12.93 15.47
N ILE B 434 7.98 -12.60 14.34
CA ILE B 434 8.45 -11.49 13.50
C ILE B 434 8.19 -10.18 14.21
N SER B 435 9.05 -9.19 13.97
CA SER B 435 8.81 -7.81 14.43
C SER B 435 9.27 -6.83 13.37
N SER B 436 8.46 -5.81 13.11
CA SER B 436 8.78 -4.82 12.08
C SER B 436 8.98 -3.43 12.68
N SER B 437 9.23 -3.34 13.98
CA SER B 437 9.40 -2.07 14.67
C SER B 437 10.59 -2.12 15.61
N ALA B 438 11.68 -2.74 15.16
CA ALA B 438 12.93 -2.83 15.92
C ALA B 438 12.71 -3.49 17.28
N GLY B 439 11.88 -4.54 17.31
CA GLY B 439 11.68 -5.33 18.50
C GLY B 439 10.76 -4.74 19.54
N ALA B 440 10.13 -3.60 19.26
CA ALA B 440 9.21 -3.02 20.24
C ALA B 440 7.87 -3.75 20.28
N ARG B 441 7.35 -4.19 19.14
CA ARG B 441 6.07 -4.87 19.06
C ARG B 441 6.26 -6.16 18.27
N TRP B 442 5.85 -7.27 18.87
CA TRP B 442 6.11 -8.59 18.31
C TRP B 442 4.89 -9.10 17.54
N ARG B 443 4.94 -10.35 17.11
CA ARG B 443 3.88 -10.98 16.33
C ARG B 443 3.99 -12.49 16.54
N GLU B 444 3.12 -13.26 15.90
CA GLU B 444 3.10 -14.71 16.06
C GLU B 444 3.01 -15.39 14.68
N ALA B 445 3.89 -15.02 13.76
CA ALA B 445 3.77 -15.33 12.34
C ALA B 445 3.44 -16.77 12.01
N LEU B 446 4.30 -17.72 12.39
CA LEU B 446 4.18 -19.10 11.92
C LEU B 446 4.24 -20.07 13.09
N PRO B 447 3.34 -21.05 13.17
CA PRO B 447 3.42 -22.06 14.23
C PRO B 447 4.41 -23.16 13.87
N GLY B 448 5.41 -23.37 14.73
CA GLY B 448 6.38 -24.41 14.53
C GLY B 448 7.70 -23.89 13.98
N PRO B 449 8.78 -24.59 14.30
CA PRO B 449 10.11 -24.18 13.80
C PRO B 449 10.15 -24.19 12.28
N HIS B 450 10.84 -23.22 11.71
CA HIS B 450 10.83 -23.01 10.26
C HIS B 450 12.24 -22.65 9.78
N TYR B 451 12.37 -22.42 8.46
CA TYR B 451 13.62 -22.03 7.81
C TYR B 451 13.36 -20.67 7.17
N TYR B 452 13.52 -19.60 7.94
CA TYR B 452 13.08 -18.29 7.47
C TYR B 452 14.24 -17.52 6.85
N THR B 453 13.93 -16.60 5.95
CA THR B 453 14.86 -15.62 5.40
C THR B 453 14.04 -14.59 4.62
N TRP B 454 14.69 -13.55 4.09
CA TRP B 454 13.95 -12.56 3.33
C TRP B 454 14.76 -12.09 2.13
N GLY B 455 14.05 -11.60 1.12
CA GLY B 455 14.69 -11.04 -0.05
C GLY B 455 14.04 -9.73 -0.43
N ASP B 456 14.76 -8.98 -1.27
CA ASP B 456 14.34 -7.65 -1.73
C ASP B 456 14.18 -6.68 -0.55
N HIS B 457 15.22 -6.46 0.14
CA HIS B 457 15.20 -5.62 1.22
C HIS B 457 14.11 -5.91 2.12
N GLY B 458 14.07 -7.10 2.63
CA GLY B 458 12.99 -7.46 3.52
C GLY B 458 11.62 -7.36 2.90
N GLY B 459 11.54 -7.15 1.58
CA GLY B 459 10.26 -7.03 0.93
C GLY B 459 9.44 -8.32 0.98
N ILE B 460 10.07 -9.45 0.68
CA ILE B 460 9.37 -10.73 0.67
C ILE B 460 10.06 -11.68 1.64
N ILE B 461 9.34 -12.07 2.69
CA ILE B 461 9.83 -13.07 3.63
C ILE B 461 9.49 -14.43 3.06
N THR B 462 10.16 -15.48 3.53
CA THR B 462 9.85 -16.83 3.10
C THR B 462 10.25 -17.79 4.21
N ALA B 463 9.66 -18.98 4.19
CA ALA B 463 9.89 -19.94 5.27
C ALA B 463 9.50 -21.35 4.90
N ILE B 464 10.35 -22.32 5.22
CA ILE B 464 10.06 -23.73 5.01
C ILE B 464 10.14 -24.43 6.36
N ALA B 465 9.24 -25.39 6.57
CA ALA B 465 9.14 -26.14 7.81
C ALA B 465 10.24 -27.20 7.89
N GLN B 466 10.81 -27.37 9.07
CA GLN B 466 11.91 -28.30 9.30
C GLN B 466 11.44 -29.43 10.21
N GLY B 467 11.96 -30.62 9.98
CA GLY B 467 11.63 -31.77 10.79
C GLY B 467 11.10 -32.94 10.00
N MET B 468 10.36 -32.66 8.92
CA MET B 468 9.72 -33.70 8.12
C MET B 468 9.84 -33.32 6.65
N GLU B 469 9.60 -34.30 5.79
CA GLU B 469 9.61 -34.05 4.35
C GLU B 469 8.51 -33.06 3.99
N THR B 470 8.87 -32.05 3.20
CA THR B 470 7.92 -30.99 2.89
C THR B 470 8.24 -30.41 1.51
N ASN B 471 7.22 -29.83 0.90
CA ASN B 471 7.35 -29.15 -0.39
C ASN B 471 6.53 -27.87 -0.42
N GLU B 472 6.35 -27.22 0.74
CA GLU B 472 5.53 -26.03 0.87
C GLU B 472 6.42 -24.83 1.16
N LEU B 473 6.32 -23.80 0.32
CA LEU B 473 7.09 -22.57 0.47
C LEU B 473 6.13 -21.46 0.87
N LYS B 474 6.25 -20.97 2.10
CA LYS B 474 5.30 -19.99 2.65
C LYS B 474 5.86 -18.59 2.51
N TYR B 475 5.68 -17.99 1.34
CA TYR B 475 6.16 -16.65 1.08
C TYR B 475 5.14 -15.63 1.56
N SER B 476 5.62 -14.48 2.03
CA SER B 476 4.78 -13.41 2.55
C SER B 476 5.33 -12.06 2.11
N THR B 477 4.44 -11.08 1.99
CA THR B 477 4.82 -9.69 1.74
C THR B 477 4.27 -8.72 2.76
N ASN B 478 3.39 -9.17 3.65
CA ASN B 478 2.78 -8.35 4.68
C ASN B 478 3.67 -8.17 5.91
N GLU B 479 4.85 -8.77 5.91
CA GLU B 479 5.74 -8.86 7.08
C GLU B 479 5.12 -9.72 8.16
N GLY B 480 4.51 -10.84 7.77
CA GLY B 480 4.06 -11.86 8.69
C GLY B 480 2.56 -11.85 8.98
N GLU B 481 1.82 -10.90 8.43
CA GLU B 481 0.38 -10.85 8.71
C GLU B 481 -0.36 -11.96 7.98
N THR B 482 -0.04 -12.20 6.71
CA THR B 482 -0.73 -13.21 5.91
C THR B 482 0.31 -13.99 5.13
N TRP B 483 0.24 -15.32 5.19
CA TRP B 483 1.21 -16.20 4.56
C TRP B 483 0.54 -16.95 3.42
N LYS B 484 1.12 -16.87 2.23
CA LYS B 484 0.69 -17.68 1.09
C LYS B 484 1.41 -19.02 1.16
N THR B 485 1.33 -19.79 0.07
CA THR B 485 2.00 -21.09 0.02
C THR B 485 2.25 -21.47 -1.43
N PHE B 486 3.45 -21.96 -1.72
CA PHE B 486 3.83 -22.40 -3.05
C PHE B 486 4.47 -23.77 -2.96
N ILE B 487 4.23 -24.60 -3.98
CA ILE B 487 4.76 -25.95 -4.06
C ILE B 487 5.90 -25.95 -5.07
N PHE B 488 7.11 -26.23 -4.60
CA PHE B 488 8.31 -26.13 -5.42
C PHE B 488 8.76 -27.47 -5.99
N SER B 489 8.00 -28.54 -5.77
CA SER B 489 8.37 -29.86 -6.28
C SER B 489 7.10 -30.68 -6.43
N GLU B 490 7.27 -31.97 -6.72
CA GLU B 490 6.17 -32.92 -6.81
C GLU B 490 6.19 -33.97 -5.73
N LYS B 491 7.37 -34.35 -5.24
CA LYS B 491 7.55 -35.28 -4.14
C LYS B 491 8.26 -34.59 -2.99
N PRO B 492 7.78 -34.76 -1.77
CA PRO B 492 8.41 -34.09 -0.62
C PRO B 492 9.88 -34.49 -0.45
N VAL B 493 10.76 -33.50 -0.15
CA VAL B 493 12.20 -33.66 -0.08
C VAL B 493 12.92 -32.98 1.04
N PHE B 494 13.62 -33.65 1.95
CA PHE B 494 14.21 -33.01 3.12
C PHE B 494 14.98 -31.77 2.69
N VAL B 495 14.91 -30.72 3.51
CA VAL B 495 15.62 -29.48 3.26
C VAL B 495 16.57 -29.23 4.43
N TYR B 496 17.82 -28.93 4.03
CA TYR B 496 18.83 -28.70 5.01
C TYR B 496 19.26 -27.27 5.05
N GLY B 497 18.63 -26.36 4.33
CA GLY B 497 18.90 -24.95 4.41
C GLY B 497 18.24 -24.14 3.32
N LEU B 498 17.63 -23.02 3.71
CA LEU B 498 17.07 -22.05 2.78
C LEU B 498 17.99 -20.84 2.74
N LEU B 499 18.55 -20.54 1.57
CA LEU B 499 19.60 -19.55 1.47
C LEU B 499 19.30 -18.59 0.33
N THR B 500 19.87 -17.40 0.44
CA THR B 500 19.82 -16.40 -0.62
C THR B 500 21.15 -15.67 -0.64
N GLU B 501 21.37 -14.89 -1.69
CA GLU B 501 22.63 -14.19 -1.85
C GLU B 501 22.90 -13.27 -0.67
N PRO B 502 24.10 -13.25 -0.10
CA PRO B 502 24.37 -12.37 1.05
C PRO B 502 24.10 -10.91 0.72
N GLY B 503 23.56 -10.18 1.68
CA GLY B 503 22.99 -8.88 1.38
C GLY B 503 21.59 -9.05 0.84
N GLU B 504 21.18 -8.20 -0.08
CA GLU B 504 19.83 -8.24 -0.64
C GLU B 504 19.90 -7.82 -2.10
N LYS B 505 18.62 -7.67 -2.48
CA LYS B 505 18.31 -7.19 -3.77
C LYS B 505 17.85 -8.37 -4.57
N SER B 506 18.30 -9.50 -4.25
CA SER B 506 18.11 -10.77 -4.94
C SER B 506 16.79 -11.38 -4.52
N THR B 507 15.82 -11.39 -5.44
CA THR B 507 14.56 -12.09 -5.21
C THR B 507 14.70 -13.60 -5.38
N VAL B 508 15.75 -14.06 -6.05
CA VAL B 508 15.93 -15.49 -6.31
C VAL B 508 16.36 -16.19 -5.04
N PHE B 509 15.61 -17.21 -4.65
CA PHE B 509 15.92 -17.99 -3.46
C PHE B 509 16.53 -19.32 -3.86
N THR B 510 17.34 -19.87 -2.98
CA THR B 510 18.03 -21.13 -3.23
C THR B 510 17.72 -22.10 -2.10
N ILE B 511 17.45 -23.35 -2.49
CA ILE B 511 17.09 -24.39 -1.54
C ILE B 511 18.09 -25.54 -1.69
N PHE B 512 18.56 -26.03 -0.54
CA PHE B 512 19.55 -27.12 -0.53
C PHE B 512 18.89 -28.32 0.13
N GLY B 513 18.53 -29.24 -0.70
CA GLY B 513 17.83 -30.35 -0.18
C GLY B 513 18.17 -31.63 -0.81
N SER B 514 18.05 -32.72 -0.06
CA SER B 514 18.37 -34.01 -0.54
C SER B 514 17.17 -34.85 -0.78
N ASN B 515 16.94 -35.19 -2.01
CA ASN B 515 15.80 -35.99 -2.37
C ASN B 515 15.77 -37.27 -1.64
N LYS B 516 14.70 -38.01 -1.84
CA LYS B 516 14.51 -39.22 -1.05
C LYS B 516 15.33 -40.42 -1.40
N GLU B 517 16.52 -40.49 -0.86
CA GLU B 517 17.41 -41.61 -1.15
C GLU B 517 18.70 -41.38 -0.38
N ASN B 518 19.52 -42.42 -0.19
CA ASN B 518 20.82 -42.24 0.43
C ASN B 518 21.25 -40.81 0.48
N VAL B 519 21.35 -40.26 1.66
CA VAL B 519 21.86 -38.93 1.77
C VAL B 519 23.32 -39.00 1.46
N HIS B 520 23.77 -38.03 0.69
CA HIS B 520 22.80 -37.22 0.04
C HIS B 520 22.89 -37.28 -1.43
N SER B 521 22.26 -36.31 -2.01
CA SER B 521 22.28 -36.24 -3.40
C SER B 521 21.97 -34.79 -3.45
N TRP B 522 22.67 -34.02 -2.66
CA TRP B 522 22.54 -32.61 -2.72
C TRP B 522 21.82 -32.12 -3.91
N LEU B 523 20.64 -31.65 -3.71
CA LEU B 523 19.93 -31.08 -4.78
C LEU B 523 20.02 -29.59 -4.60
N ILE B 524 19.77 -28.85 -5.62
CA ILE B 524 19.75 -27.39 -5.57
C ILE B 524 18.58 -26.87 -6.40
N LEU B 525 17.70 -26.12 -5.76
CA LEU B 525 16.54 -25.53 -6.41
C LEU B 525 16.65 -24.01 -6.37
N GLN B 526 16.34 -23.38 -7.50
CA GLN B 526 16.37 -21.92 -7.62
C GLN B 526 14.95 -21.43 -7.85
N VAL B 527 14.36 -20.83 -6.83
CA VAL B 527 12.97 -20.39 -6.85
C VAL B 527 12.98 -18.88 -7.04
N ASN B 528 12.69 -18.44 -8.26
CA ASN B 528 12.49 -17.03 -8.52
C ASN B 528 11.15 -16.58 -7.94
N ALA B 529 11.11 -15.33 -7.45
CA ALA B 529 9.89 -14.81 -6.85
C ALA B 529 9.64 -13.37 -7.27
N THR B 530 10.09 -12.99 -8.46
CA THR B 530 9.95 -11.61 -8.91
C THR B 530 8.49 -11.26 -9.19
N ASP B 531 7.72 -12.20 -9.73
CA ASP B 531 6.35 -11.92 -10.16
C ASP B 531 5.38 -11.79 -9.01
N ALA B 532 5.77 -12.18 -7.80
CA ALA B 532 4.88 -12.11 -6.64
C ALA B 532 4.86 -10.74 -5.98
N LEU B 533 5.65 -9.79 -6.47
CA LEU B 533 5.71 -8.45 -5.89
C LEU B 533 4.99 -7.40 -6.72
N GLY B 534 4.70 -7.68 -7.98
CA GLY B 534 3.83 -6.81 -8.76
C GLY B 534 4.63 -5.82 -9.60
N VAL B 535 4.61 -4.57 -9.16
CA VAL B 535 5.17 -3.53 -9.99
C VAL B 535 5.99 -2.47 -9.33
N PRO B 536 6.73 -1.69 -10.11
CA PRO B 536 7.65 -0.72 -9.54
C PRO B 536 7.04 0.06 -8.43
N CYS B 537 7.73 0.49 -7.41
CA CYS B 537 7.07 1.17 -6.33
C CYS B 537 6.95 2.57 -6.67
N THR B 538 6.41 3.36 -5.76
CA THR B 538 6.14 4.74 -6.10
C THR B 538 6.15 5.59 -4.89
N GLU B 539 6.31 6.87 -5.05
CA GLU B 539 6.52 7.73 -3.91
C GLU B 539 5.57 7.75 -2.77
N ASN B 540 4.44 7.11 -2.92
CA ASN B 540 3.46 7.04 -1.87
C ASN B 540 3.35 5.64 -1.38
N ASP B 541 4.45 4.96 -1.29
CA ASP B 541 4.40 3.66 -0.82
C ASP B 541 5.42 3.73 0.21
N TYR B 542 6.29 4.70 0.20
CA TYR B 542 7.28 4.84 1.22
C TYR B 542 6.80 5.65 2.33
N LYS B 543 7.66 6.12 3.18
CA LYS B 543 7.24 6.81 4.36
C LYS B 543 8.47 7.15 5.18
N LEU B 544 8.40 7.31 6.52
CA LEU B 544 9.61 7.56 7.32
C LEU B 544 9.69 7.02 8.77
N TRP B 545 10.47 5.98 9.09
CA TRP B 545 10.56 5.43 10.41
C TRP B 545 11.70 5.95 11.10
N SER B 546 11.77 5.80 12.41
CA SER B 546 12.88 6.25 13.23
C SER B 546 12.87 5.48 14.47
N PRO B 547 13.71 4.49 14.63
CA PRO B 547 13.64 3.55 15.76
C PRO B 547 12.55 3.76 16.80
N SER B 548 11.34 3.14 16.72
CA SER B 548 10.14 3.28 17.68
C SER B 548 10.31 2.63 19.07
N ASP B 549 10.21 3.41 20.16
CA ASP B 549 10.64 2.89 21.49
C ASP B 549 9.79 1.91 22.18
N GLU B 550 10.22 1.54 23.38
CA GLU B 550 9.46 0.58 24.14
C GLU B 550 8.76 1.36 25.15
N ARG B 551 9.48 1.82 26.16
CA ARG B 551 8.86 2.71 27.11
C ARG B 551 7.90 3.57 26.35
N GLY B 552 8.29 4.01 25.16
CA GLY B 552 7.46 4.86 24.36
C GLY B 552 8.02 5.39 23.06
N ASN B 553 8.28 6.70 23.00
CA ASN B 553 8.68 7.31 21.73
C ASN B 553 10.06 7.02 21.24
N GLU B 554 10.23 6.88 19.92
CA GLU B 554 11.54 6.73 19.32
C GLU B 554 12.46 7.86 19.74
N CYS B 555 12.16 8.62 20.84
CA CYS B 555 12.89 9.84 21.32
C CYS B 555 14.03 9.74 22.28
N LEU B 556 15.28 9.78 21.79
CA LEU B 556 16.44 9.59 22.67
C LEU B 556 17.84 9.58 22.09
N LEU B 557 18.79 9.09 22.87
CA LEU B 557 20.19 8.94 22.43
C LEU B 557 21.10 10.14 22.03
N GLY B 558 20.59 11.29 21.58
CA GLY B 558 21.51 12.40 21.24
C GLY B 558 21.16 13.04 19.94
N HIS B 559 20.62 12.25 19.01
CA HIS B 559 20.22 12.78 17.72
C HIS B 559 18.99 12.03 17.27
N LYS B 560 19.05 11.39 16.11
CA LYS B 560 17.91 10.73 15.59
C LYS B 560 18.31 10.25 14.26
N THR B 561 17.43 9.53 13.59
CA THR B 561 17.72 9.03 12.26
C THR B 561 16.41 8.74 11.60
N VAL B 562 16.35 8.71 10.30
CA VAL B 562 15.09 8.51 9.68
C VAL B 562 15.18 7.81 8.38
N PHE B 563 14.75 6.58 8.34
CA PHE B 563 14.85 5.80 7.19
C PHE B 563 13.60 5.85 6.37
N LYS B 564 13.67 5.60 5.09
CA LYS B 564 12.52 5.53 4.24
C LYS B 564 12.15 4.16 3.98
N ARG B 565 11.19 3.57 4.68
CA ARG B 565 10.79 2.22 4.52
C ARG B 565 9.41 1.93 3.89
N ARG B 566 9.25 1.11 2.85
CA ARG B 566 7.96 0.84 2.26
C ARG B 566 6.98 0.51 3.29
N THR B 567 5.67 0.73 3.07
CA THR B 567 4.63 0.58 4.07
C THR B 567 4.18 -0.78 4.15
N PRO B 568 3.88 -1.24 5.30
CA PRO B 568 3.62 -2.62 5.47
C PRO B 568 2.92 -3.37 4.38
N HIS B 569 1.70 -3.02 3.97
CA HIS B 569 0.83 -3.75 3.01
C HIS B 569 1.05 -3.54 1.59
N ALA B 570 1.58 -2.41 1.20
CA ALA B 570 1.93 -2.21 -0.16
C ALA B 570 2.39 -3.46 -0.76
N THR B 571 2.32 -3.57 -2.04
CA THR B 571 2.83 -4.70 -2.71
C THR B 571 3.52 -4.18 -3.93
N CYS B 572 4.73 -3.64 -3.78
CA CYS B 572 5.51 -3.18 -4.89
C CYS B 572 7.09 -3.36 -4.75
N PHE B 573 7.85 -3.75 -5.79
CA PHE B 573 9.29 -3.98 -5.74
C PHE B 573 9.99 -2.83 -5.11
N ASN B 574 10.70 -3.00 -3.99
CA ASN B 574 11.32 -1.90 -3.26
C ASN B 574 12.29 -1.45 -4.15
N GLY B 575 12.46 -2.18 -5.20
CA GLY B 575 13.37 -1.73 -6.20
C GLY B 575 14.54 -2.53 -6.73
N GLU B 576 15.31 -3.21 -5.90
CA GLU B 576 16.59 -3.87 -6.28
C GLU B 576 17.73 -2.85 -6.14
N ASP B 577 17.53 -1.55 -5.84
CA ASP B 577 18.67 -0.59 -5.60
C ASP B 577 18.39 0.73 -4.85
N PHE B 578 18.97 1.01 -3.65
CA PHE B 578 18.80 2.32 -2.91
C PHE B 578 18.85 2.61 -1.37
N ASP B 579 18.15 3.64 -0.88
CA ASP B 579 17.87 3.92 0.56
C ASP B 579 18.70 4.79 1.27
N ARG B 580 18.10 5.63 2.11
CA ARG B 580 18.98 6.37 2.98
C ARG B 580 18.51 7.27 3.99
N PRO B 581 19.29 7.27 5.10
CA PRO B 581 18.81 8.40 5.92
C PRO B 581 19.36 9.72 5.40
N VAL B 582 18.68 10.31 4.41
CA VAL B 582 19.14 11.51 3.73
C VAL B 582 19.44 12.62 4.72
N VAL B 583 18.81 12.56 5.90
CA VAL B 583 19.16 13.42 7.01
C VAL B 583 19.53 12.54 8.19
N VAL B 584 20.45 13.04 9.02
CA VAL B 584 20.89 12.31 10.20
C VAL B 584 20.19 12.94 11.39
N SER B 585 19.33 13.92 11.11
CA SER B 585 18.59 14.65 12.14
C SER B 585 19.54 15.13 13.23
N ASN B 586 20.47 16.02 12.85
CA ASN B 586 21.60 16.45 13.66
C ASN B 586 21.25 16.64 15.14
N CYS B 587 19.99 16.81 15.41
CA CYS B 587 19.57 16.79 16.79
C CYS B 587 18.16 17.21 16.82
N SER B 588 17.49 16.85 17.87
CA SER B 588 16.17 17.35 18.04
C SER B 588 16.26 17.94 19.45
N CYS B 589 16.61 19.24 19.60
CA CYS B 589 16.77 19.80 20.93
C CYS B 589 17.82 18.97 21.64
N THR B 590 19.11 19.16 21.32
CA THR B 590 20.16 18.29 21.91
C THR B 590 21.61 18.65 21.59
N ARG B 591 22.56 17.77 21.91
CA ARG B 591 23.96 18.09 21.70
C ARG B 591 24.20 19.21 20.69
N GLU B 592 23.81 18.99 19.43
CA GLU B 592 24.15 19.96 18.39
C GLU B 592 23.09 21.04 18.21
N ASP B 593 22.81 21.76 19.28
CA ASP B 593 21.90 22.87 19.23
C ASP B 593 22.19 23.58 20.51
N TYR B 594 23.01 22.97 21.36
CA TYR B 594 23.27 23.54 22.70
C TYR B 594 24.08 24.85 22.73
N GLU B 595 24.79 25.10 23.85
CA GLU B 595 25.64 26.29 23.97
C GLU B 595 26.23 26.48 25.37
N CYS B 596 26.46 27.73 25.78
CA CYS B 596 26.91 28.04 27.13
C CYS B 596 25.94 29.07 27.65
N ASP B 597 26.32 30.33 27.61
CA ASP B 597 25.48 31.40 28.16
C ASP B 597 25.89 32.75 27.64
N PHE B 598 26.55 32.79 26.50
CA PHE B 598 27.07 34.04 25.97
C PHE B 598 28.17 34.65 26.85
N GLY B 599 29.16 35.28 26.23
CA GLY B 599 30.26 35.95 26.90
C GLY B 599 31.16 34.83 27.37
N PHE B 600 30.56 33.80 27.96
CA PHE B 600 31.34 32.65 28.35
C PHE B 600 31.92 32.06 27.10
N LYS B 601 33.25 32.02 27.03
CA LYS B 601 33.91 31.54 25.82
C LYS B 601 33.83 30.04 25.60
N MET B 602 33.94 29.63 24.35
CA MET B 602 33.88 28.21 24.02
C MET B 602 35.29 27.68 23.94
N SER B 603 35.44 26.38 23.90
CA SER B 603 36.76 25.78 23.94
C SER B 603 37.33 25.62 22.52
N GLU B 604 38.66 25.69 22.43
CA GLU B 604 39.32 25.59 21.13
C GLU B 604 39.12 24.24 20.49
N ASP B 605 39.18 23.15 21.28
CA ASP B 605 39.06 21.81 20.73
C ASP B 605 37.65 21.59 20.18
N LEU B 606 37.57 21.02 18.98
CA LEU B 606 36.28 20.77 18.34
C LEU B 606 35.63 19.48 18.79
N SER B 607 36.34 18.62 19.51
CA SER B 607 35.77 17.34 19.94
C SER B 607 35.09 17.45 21.30
N LEU B 608 35.21 18.59 21.98
CA LEU B 608 34.67 18.72 23.33
C LEU B 608 33.20 19.16 23.28
N GLU B 609 32.90 20.22 22.53
CA GLU B 609 31.58 20.84 22.50
C GLU B 609 31.14 21.24 23.92
N VAL B 610 32.01 22.01 24.57
CA VAL B 610 31.78 22.42 25.96
C VAL B 610 32.10 23.90 26.09
N CYS B 611 31.49 24.56 27.06
CA CYS B 611 31.68 26.01 27.17
C CYS B 611 32.30 26.44 28.47
N VAL B 612 33.15 27.45 28.42
CA VAL B 612 33.92 27.88 29.56
C VAL B 612 33.63 29.33 29.86
N PRO B 613 34.02 29.79 31.05
CA PRO B 613 33.86 31.21 31.30
C PRO B 613 35.02 31.92 30.65
N ASP B 614 36.11 32.09 31.40
CA ASP B 614 37.26 32.83 30.86
C ASP B 614 38.39 32.84 31.88
N PRO B 615 39.59 32.36 31.54
CA PRO B 615 40.70 32.42 32.49
C PRO B 615 41.12 33.84 32.85
N GLU B 616 40.78 34.83 32.03
CA GLU B 616 41.14 36.22 32.33
C GLU B 616 40.40 36.77 33.53
N PHE B 617 39.36 36.08 34.01
CA PHE B 617 38.60 36.52 35.18
C PHE B 617 39.33 36.27 36.49
N SER B 618 40.48 35.58 36.45
CA SER B 618 41.30 35.32 37.64
C SER B 618 40.55 34.49 38.67
N GLY B 619 39.60 33.66 38.22
CA GLY B 619 38.89 32.78 39.11
C GLY B 619 37.92 33.46 40.07
N LYS B 620 37.46 34.67 39.75
CA LYS B 620 36.51 35.35 40.61
C LYS B 620 35.07 34.97 40.32
N SER B 621 34.82 34.07 39.38
CA SER B 621 33.48 33.59 39.05
C SER B 621 32.97 32.54 40.03
N TYR B 622 33.75 32.21 41.06
CA TYR B 622 33.38 31.25 42.08
C TYR B 622 33.04 32.05 43.34
N SER B 623 31.75 32.20 43.60
CA SER B 623 31.27 33.08 44.67
C SER B 623 30.30 32.33 45.59
N PRO B 624 30.11 32.78 46.82
CA PRO B 624 29.12 32.16 47.69
C PRO B 624 27.72 32.43 47.19
N PRO B 625 26.71 31.70 47.68
CA PRO B 625 25.36 31.82 47.11
C PRO B 625 24.69 33.16 47.36
N VAL B 626 25.37 34.26 47.03
CA VAL B 626 24.76 35.58 47.03
C VAL B 626 23.96 35.86 45.75
N PRO B 627 24.43 35.48 44.52
CA PRO B 627 23.69 35.92 43.33
C PRO B 627 22.58 34.95 42.93
N CYS B 628 21.91 35.26 41.83
CA CYS B 628 20.82 34.45 41.30
C CYS B 628 21.26 33.07 40.81
N PRO B 629 22.33 32.93 40.02
CA PRO B 629 22.63 31.63 39.41
C PRO B 629 22.91 30.51 40.39
N VAL B 630 23.30 30.81 41.64
CA VAL B 630 23.58 29.79 42.63
C VAL B 630 22.81 30.10 43.91
N GLY B 631 22.60 29.06 44.71
CA GLY B 631 21.89 29.20 45.97
C GLY B 631 21.01 28.03 46.31
N SER B 632 21.02 27.62 47.58
CA SER B 632 20.23 26.51 48.09
C SER B 632 20.54 25.26 47.27
N THR B 633 19.56 24.38 47.07
CA THR B 633 19.72 23.20 46.24
C THR B 633 19.69 23.66 44.78
N TYR B 634 20.85 24.14 44.31
CA TYR B 634 20.90 24.75 42.99
C TYR B 634 21.09 23.71 41.90
N ARG B 635 20.68 24.07 40.69
CA ARG B 635 20.72 23.17 39.55
C ARG B 635 21.97 23.42 38.72
N ARG B 636 22.68 22.33 38.39
CA ARG B 636 24.02 22.39 37.81
C ARG B 636 24.00 21.84 36.39
N THR B 637 24.70 22.51 35.49
CA THR B 637 24.96 22.02 34.14
C THR B 637 26.43 22.21 33.78
N ARG B 638 26.79 22.00 32.52
CA ARG B 638 28.14 22.25 32.04
C ARG B 638 28.18 23.46 31.11
N GLY B 639 27.26 24.40 31.34
CA GLY B 639 27.17 25.61 30.54
C GLY B 639 25.93 25.53 29.70
N TYR B 640 25.43 24.33 29.51
CA TYR B 640 24.32 24.14 28.59
C TYR B 640 23.06 24.90 28.93
N ARG B 641 22.27 25.23 27.92
CA ARG B 641 20.99 25.88 28.17
C ARG B 641 19.99 25.54 27.07
N LYS B 642 18.79 25.17 27.47
CA LYS B 642 17.75 24.79 26.51
C LYS B 642 17.08 25.99 25.88
N ILE B 643 17.34 26.26 24.60
CA ILE B 643 16.79 27.38 23.84
C ILE B 643 15.28 27.25 23.67
N SER B 644 14.55 28.35 23.86
CA SER B 644 13.09 28.29 23.83
C SER B 644 12.61 27.73 22.48
N GLY B 645 11.49 27.00 22.54
CA GLY B 645 10.98 26.31 21.38
C GLY B 645 11.54 24.93 21.17
N ASP B 646 12.46 24.48 22.03
CA ASP B 646 13.12 23.16 21.88
C ASP B 646 12.42 22.12 22.65
N THR B 647 11.23 21.75 22.21
CA THR B 647 10.43 20.79 22.94
C THR B 647 10.80 19.37 22.62
N CYS B 648 11.77 18.82 23.35
CA CYS B 648 12.14 17.43 23.17
C CYS B 648 11.62 16.72 24.43
N SER B 649 11.91 15.44 24.66
CA SER B 649 11.31 14.70 25.75
C SER B 649 11.75 13.24 25.72
N GLY B 650 12.62 12.85 26.64
CA GLY B 650 13.13 11.50 26.68
C GLY B 650 14.44 11.34 25.95
N GLY B 651 15.40 10.66 26.56
CA GLY B 651 16.70 10.46 25.95
C GLY B 651 17.81 10.23 26.95
N ASP B 652 18.71 9.30 26.64
CA ASP B 652 19.80 8.97 27.56
C ASP B 652 20.79 10.11 27.70
N VAL B 653 20.94 10.93 26.66
CA VAL B 653 21.92 12.02 26.71
C VAL B 653 21.51 13.07 27.74
N GLU B 654 20.25 13.51 27.70
CA GLU B 654 19.80 14.53 28.63
C GLU B 654 19.55 13.96 30.03
N ALA B 655 19.22 12.68 30.12
CA ALA B 655 18.99 12.06 31.42
C ALA B 655 20.31 11.72 32.09
N ARG B 656 20.34 11.91 33.41
CA ARG B 656 21.47 11.58 34.28
C ARG B 656 22.73 12.39 33.94
N LEU B 657 22.62 13.40 33.08
CA LEU B 657 23.79 14.19 32.69
C LEU B 657 23.63 15.69 32.82
N GLU B 658 22.42 16.24 32.65
CA GLU B 658 22.22 17.68 32.65
C GLU B 658 21.30 18.08 33.80
N GLY B 659 21.54 19.29 34.32
CA GLY B 659 20.71 19.88 35.34
C GLY B 659 20.51 19.03 36.58
N GLU B 660 21.59 18.80 37.34
CA GLU B 660 21.51 18.02 38.57
C GLU B 660 21.22 18.95 39.75
N LEU B 661 20.29 18.54 40.60
CA LEU B 661 19.90 19.36 41.75
C LEU B 661 20.82 19.02 42.92
N VAL B 662 21.77 19.90 43.20
CA VAL B 662 22.75 19.67 44.27
C VAL B 662 22.78 20.89 45.18
N PRO B 663 22.74 20.70 46.50
CA PRO B 663 22.85 21.81 47.47
C PRO B 663 24.24 22.43 47.49
#